data_9PGR
# 
_entry.id   9PGR 
# 
_audit_conform.dict_name       mmcif_pdbx.dic 
_audit_conform.dict_version    5.406 
_audit_conform.dict_location   http://mmcif.pdb.org/dictionaries/ascii/mmcif_pdbx.dic 
# 
loop_
_database_2.database_id 
_database_2.database_code 
_database_2.pdbx_database_accession 
_database_2.pdbx_DOI 
PDB   9PGR         pdb_00009pgr 10.2210/pdb9pgr/pdb 
WWPDB D_1000297835 ?            ?                   
# 
loop_
_pdbx_audit_revision_history.ordinal 
_pdbx_audit_revision_history.data_content_type 
_pdbx_audit_revision_history.major_revision 
_pdbx_audit_revision_history.minor_revision 
_pdbx_audit_revision_history.revision_date 
_pdbx_audit_revision_history.part_number 
1 'Structure model' 1 0 2025-08-20 ? 
2 'Structure model' 1 1 2025-11-05 ? 
# 
_pdbx_audit_revision_details.ordinal             1 
_pdbx_audit_revision_details.revision_ordinal    1 
_pdbx_audit_revision_details.data_content_type   'Structure model' 
_pdbx_audit_revision_details.provider            repository 
_pdbx_audit_revision_details.type                'Initial release' 
_pdbx_audit_revision_details.description         ? 
_pdbx_audit_revision_details.details             ? 
# 
_pdbx_audit_revision_group.ordinal             1 
_pdbx_audit_revision_group.revision_ordinal    2 
_pdbx_audit_revision_group.data_content_type   'Structure model' 
_pdbx_audit_revision_group.group               'Structure summary' 
# 
_pdbx_audit_revision_category.ordinal             1 
_pdbx_audit_revision_category.revision_ordinal    2 
_pdbx_audit_revision_category.data_content_type   'Structure model' 
_pdbx_audit_revision_category.category            struct 
# 
_pdbx_audit_revision_item.ordinal             1 
_pdbx_audit_revision_item.revision_ordinal    2 
_pdbx_audit_revision_item.data_content_type   'Structure model' 
_pdbx_audit_revision_item.item                '_struct.title' 
# 
_pdbx_database_status.status_code                     REL 
_pdbx_database_status.status_code_sf                  REL 
_pdbx_database_status.status_code_mr                  ? 
_pdbx_database_status.entry_id                        9PGR 
_pdbx_database_status.recvd_initial_deposition_date   2025-07-08 
_pdbx_database_status.SG_entry                        N 
_pdbx_database_status.deposit_site                    RCSB 
_pdbx_database_status.process_site                    RCSB 
_pdbx_database_status.status_code_cs                  ? 
_pdbx_database_status.status_code_nmr_data            ? 
_pdbx_database_status.methods_development_category    ? 
_pdbx_database_status.pdb_format_compatible           Y 
# 
_pdbx_contact_author.id                 4 
_pdbx_contact_author.email              rs17@nyu.edu 
_pdbx_contact_author.name_first         Ruojie 
_pdbx_contact_author.name_last          Sha 
_pdbx_contact_author.name_mi            ? 
_pdbx_contact_author.role               'principal investigator/group leader' 
_pdbx_contact_author.identifier_ORCID   0000-0002-0807-734X 
# 
loop_
_audit_author.name 
_audit_author.pdbx_ordinal 
_audit_author.identifier_ORCID 
'Horvath, A.'   1 0009-0008-5770-8014 
'Vecchioni, S.' 2 0000-0001-8243-650X 
'Woloszyn, K.'  3 0000-0003-1200-583X 
'Ohayon, Y.P.'  4 0000-0001-7500-4282 
'Sha, R.'       5 0000-0002-0807-734X 
# 
_citation.abstract                  ? 
_citation.abstract_id_CAS           ? 
_citation.book_id_ISBN              ? 
_citation.book_publisher            ? 
_citation.book_publisher_city       ? 
_citation.book_title                ? 
_citation.coordinate_linkage        ? 
_citation.country                   ? 
_citation.database_id_Medline       ? 
_citation.details                   ? 
_citation.id                        primary 
_citation.journal_abbrev            'To Be Published' 
_citation.journal_id_ASTM           ? 
_citation.journal_id_CSD            0353 
_citation.journal_id_ISSN           ? 
_citation.journal_full              ? 
_citation.journal_issue             ? 
_citation.journal_volume            ? 
_citation.language                  ? 
_citation.page_first                ? 
_citation.page_last                 ? 
_citation.title                     'Shifted tensegrity triangles' 
_citation.year                      ? 
_citation.database_id_CSD           ? 
_citation.pdbx_database_id_DOI      ? 
_citation.pdbx_database_id_PubMed   ? 
_citation.pdbx_database_id_patent   ? 
_citation.unpublished_flag          ? 
# 
loop_
_citation_author.citation_id 
_citation_author.name 
_citation_author.ordinal 
_citation_author.identifier_ORCID 
primary 'Horvath, A.'   1 0009-0008-5770-8014 
primary 'Vecchioni, S.' 2 0000-0001-8243-650X 
primary 'Woloszyn, K.'  3 0000-0003-1200-583X 
primary 'Ohayon, Y.P.'  4 0000-0001-7500-4282 
primary 'Sha, R.'       5 0000-0002-0807-734X 
# 
loop_
_entity.id 
_entity.type 
_entity.src_method 
_entity.pdbx_description 
_entity.formula_weight 
_entity.pdbx_number_of_molecules 
_entity.pdbx_ec 
_entity.pdbx_mutation 
_entity.pdbx_fragment 
_entity.details 
1 polymer syn 
;DNA (5'-D(P*CP*GP*GP*AP*CP*AP*TP*CP*A)-3')
;
2724.813 1 ? ? ? ? 
2 polymer syn 
;DNA (5'-D(P*TP*AP*CP*AP*CP*CP*G)-3')
;
2082.400 1 ? ? ? ? 
3 polymer syn 
;DNA (5'-D(*TP*GP*AP*TP*GP*TP*GP*GP*TP*GP*C)-3')
;
3420.231 1 ? ? ? ? 
4 polymer syn 
;DNA (5'-D(*GP*CP*AP*CP*CP*TP*GP*TP*A)-3')
;
2715.799 1 ? ? ? ? 
# 
loop_
_entity_poly.entity_id 
_entity_poly.type 
_entity_poly.nstd_linkage 
_entity_poly.nstd_monomer 
_entity_poly.pdbx_seq_one_letter_code 
_entity_poly.pdbx_seq_one_letter_code_can 
_entity_poly.pdbx_strand_id 
_entity_poly.pdbx_target_identifier 
1 polydeoxyribonucleotide no no '(DC)(DG)(DG)(DA)(DC)(DA)(DT)(DC)(DA)'         CGGACATCA   E ? 
2 polydeoxyribonucleotide no no '(DT)(DA)(DC)(DA)(DC)(DC)(DG)'                 TACACCG     B ? 
3 polydeoxyribonucleotide no no '(DT)(DG)(DA)(DT)(DG)(DT)(DG)(DG)(DT)(DG)(DC)' TGATGTGGTGC C ? 
4 polydeoxyribonucleotide no no '(DG)(DC)(DA)(DC)(DC)(DT)(DG)(DT)(DA)'         GCACCTGTA   A ? 
# 
loop_
_entity_poly_seq.entity_id 
_entity_poly_seq.num 
_entity_poly_seq.mon_id 
_entity_poly_seq.hetero 
1 1  DC n 
1 2  DG n 
1 3  DG n 
1 4  DA n 
1 5  DC n 
1 6  DA n 
1 7  DT n 
1 8  DC n 
1 9  DA n 
2 1  DT n 
2 2  DA n 
2 3  DC n 
2 4  DA n 
2 5  DC n 
2 6  DC n 
2 7  DG n 
3 1  DT n 
3 2  DG n 
3 3  DA n 
3 4  DT n 
3 5  DG n 
3 6  DT n 
3 7  DG n 
3 8  DG n 
3 9  DT n 
3 10 DG n 
3 11 DC n 
4 1  DG n 
4 2  DC n 
4 3  DA n 
4 4  DC n 
4 5  DC n 
4 6  DT n 
4 7  DG n 
4 8  DT n 
4 9  DA n 
# 
loop_
_pdbx_entity_src_syn.entity_id 
_pdbx_entity_src_syn.pdbx_src_id 
_pdbx_entity_src_syn.pdbx_alt_source_flag 
_pdbx_entity_src_syn.pdbx_beg_seq_num 
_pdbx_entity_src_syn.pdbx_end_seq_num 
_pdbx_entity_src_syn.organism_scientific 
_pdbx_entity_src_syn.organism_common_name 
_pdbx_entity_src_syn.ncbi_taxonomy_id 
_pdbx_entity_src_syn.details 
1 1 sample 1 9  'synthetic construct' ? 32630 ? 
2 1 sample 1 7  'synthetic construct' ? 32630 ? 
3 1 sample 1 11 'synthetic construct' ? 32630 ? 
4 1 sample 1 9  'synthetic construct' ? 32630 ? 
# 
loop_
_chem_comp.id 
_chem_comp.type 
_chem_comp.mon_nstd_flag 
_chem_comp.name 
_chem_comp.pdbx_synonyms 
_chem_comp.formula 
_chem_comp.formula_weight 
DA 'DNA linking' y "2'-DEOXYADENOSINE-5'-MONOPHOSPHATE" ? 'C10 H14 N5 O6 P' 331.222 
DC 'DNA linking' y "2'-DEOXYCYTIDINE-5'-MONOPHOSPHATE"  ? 'C9 H14 N3 O7 P'  307.197 
DG 'DNA linking' y "2'-DEOXYGUANOSINE-5'-MONOPHOSPHATE" ? 'C10 H14 N5 O7 P' 347.221 
DT 'DNA linking' y "THYMIDINE-5'-MONOPHOSPHATE"         ? 'C10 H15 N2 O8 P' 322.208 
# 
loop_
_pdbx_poly_seq_scheme.asym_id 
_pdbx_poly_seq_scheme.entity_id 
_pdbx_poly_seq_scheme.seq_id 
_pdbx_poly_seq_scheme.mon_id 
_pdbx_poly_seq_scheme.ndb_seq_num 
_pdbx_poly_seq_scheme.pdb_seq_num 
_pdbx_poly_seq_scheme.auth_seq_num 
_pdbx_poly_seq_scheme.pdb_mon_id 
_pdbx_poly_seq_scheme.auth_mon_id 
_pdbx_poly_seq_scheme.pdb_strand_id 
_pdbx_poly_seq_scheme.pdb_ins_code 
_pdbx_poly_seq_scheme.hetero 
A 1 1  DC 1  115 115 DC DC E . n 
A 1 2  DG 2  116 116 DG DG E . n 
A 1 3  DG 3  117 117 DG DG E . n 
A 1 4  DA 4  118 118 DA DA E . n 
A 1 5  DC 5  119 119 DC DC E . n 
A 1 6  DA 6  120 120 DA DA E . n 
A 1 7  DT 7  121 121 DT DT E . n 
A 1 8  DC 8  122 122 DC DC E . n 
A 1 9  DA 9  123 123 DA DA E . n 
B 2 1  DT 1  122 122 DT DT B . n 
B 2 2  DA 2  123 123 DA DA B . n 
B 2 3  DC 3  124 124 DC DC B . n 
B 2 4  DA 4  125 125 DA DA B . n 
B 2 5  DC 5  126 126 DC DC B . n 
B 2 6  DC 6  127 127 DC DC B . n 
B 2 7  DG 7  128 128 DG DG B . n 
C 3 1  DT 1  104 104 DT DT C . n 
C 3 2  DG 2  105 105 DG DG C . n 
C 3 3  DA 3  106 106 DA DA C . n 
C 3 4  DT 4  107 107 DT DT C . n 
C 3 5  DG 5  108 108 DG DG C . n 
C 3 6  DT 6  109 109 DT DT C . n 
C 3 7  DG 7  110 110 DG DG C . n 
C 3 8  DG 8  111 111 DG DG C . n 
C 3 9  DT 9  112 112 DT DT C . n 
C 3 10 DG 10 113 113 DG DG C . n 
C 3 11 DC 11 114 114 DC DC C . n 
D 4 1  DG 1  106 106 DG DG A . n 
D 4 2  DC 2  107 107 DC DC A . n 
D 4 3  DA 3  108 108 DA DA A . n 
D 4 4  DC 4  109 109 DC DC A . n 
D 4 5  DC 5  110 110 DC DC A . n 
D 4 6  DT 6  111 111 DT DT A . n 
D 4 7  DG 7  112 112 DG DG A . n 
D 4 8  DT 8  113 113 DT DT A . n 
D 4 9  DA 9  114 114 DA DA A . n 
# 
loop_
_software.citation_id 
_software.classification 
_software.compiler_name 
_software.compiler_version 
_software.contact_author 
_software.contact_author_email 
_software.date 
_software.description 
_software.dependencies 
_software.hardware 
_software.language 
_software.location 
_software.mods 
_software.name 
_software.os 
_software.os_version 
_software.type 
_software.version 
_software.pdbx_reference_DOI 
_software.pdbx_ordinal 
? refinement       ? ? ? ? ? ? ? ? ? ? ? PHENIX    ? ? ? 1.21.2_5419 ? 1 
? 'data reduction' ? ? ? ? ? ? ? ? ? ? ? autoPROC  ? ? ? .           ? 2 
? 'data scaling'   ? ? ? ? ? ? ? ? ? ? ? STARANISO ? ? ? .           ? 3 
? phasing          ? ? ? ? ? ? ? ? ? ? ? PHASER    ? ? ? .           ? 4 
# 
_cell.angle_alpha                  90.000 
_cell.angle_alpha_esd              ? 
_cell.angle_beta                   90.000 
_cell.angle_beta_esd               ? 
_cell.angle_gamma                  120.000 
_cell.angle_gamma_esd              ? 
_cell.entry_id                     9PGR 
_cell.details                      ? 
_cell.formula_units_Z              ? 
_cell.length_a                     109.404 
_cell.length_a_esd                 ? 
_cell.length_b                     109.404 
_cell.length_b_esd                 ? 
_cell.length_c                     50.056 
_cell.length_c_esd                 ? 
_cell.volume                       518863.565 
_cell.volume_esd                   ? 
_cell.Z_PDB                        6 
_cell.reciprocal_angle_alpha       ? 
_cell.reciprocal_angle_beta        ? 
_cell.reciprocal_angle_gamma       ? 
_cell.reciprocal_angle_alpha_esd   ? 
_cell.reciprocal_angle_beta_esd    ? 
_cell.reciprocal_angle_gamma_esd   ? 
_cell.reciprocal_length_a          ? 
_cell.reciprocal_length_b          ? 
_cell.reciprocal_length_c          ? 
_cell.reciprocal_length_a_esd      ? 
_cell.reciprocal_length_b_esd      ? 
_cell.reciprocal_length_c_esd      ? 
_cell.pdbx_unique_axis             ? 
_cell.pdbx_esd_method              ? 
# 
_symmetry.entry_id                         9PGR 
_symmetry.cell_setting                     ? 
_symmetry.Int_Tables_number                150 
_symmetry.space_group_name_Hall            
;P 3 2"
;
_symmetry.space_group_name_H-M             'P 3 2 1' 
_symmetry.pdbx_full_space_group_name_H-M   ? 
# 
_exptl.absorpt_coefficient_mu     ? 
_exptl.absorpt_correction_T_max   ? 
_exptl.absorpt_correction_T_min   ? 
_exptl.absorpt_correction_type    ? 
_exptl.absorpt_process_details    ? 
_exptl.entry_id                   9PGR 
_exptl.crystals_number            1 
_exptl.details                    ? 
_exptl.method                     'X-RAY DIFFRACTION' 
_exptl.method_details             ? 
# 
_exptl_crystal.colour                       ? 
_exptl_crystal.density_diffrn               ? 
_exptl_crystal.density_Matthews             ? 
_exptl_crystal.density_method               ? 
_exptl_crystal.density_percent_sol          ? 
_exptl_crystal.description                  ? 
_exptl_crystal.F_000                        ? 
_exptl_crystal.id                           1 
_exptl_crystal.preparation                  ? 
_exptl_crystal.size_max                     ? 
_exptl_crystal.size_mid                     ? 
_exptl_crystal.size_min                     ? 
_exptl_crystal.size_rad                     ? 
_exptl_crystal.colour_lustre                ? 
_exptl_crystal.colour_modifier              ? 
_exptl_crystal.colour_primary               ? 
_exptl_crystal.density_meas                 ? 
_exptl_crystal.density_meas_esd             ? 
_exptl_crystal.density_meas_gt              ? 
_exptl_crystal.density_meas_lt              ? 
_exptl_crystal.density_meas_temp            ? 
_exptl_crystal.density_meas_temp_esd        ? 
_exptl_crystal.density_meas_temp_gt         ? 
_exptl_crystal.density_meas_temp_lt         ? 
_exptl_crystal.pdbx_crystal_image_url       ? 
_exptl_crystal.pdbx_crystal_image_format    ? 
_exptl_crystal.pdbx_mosaicity               ? 
_exptl_crystal.pdbx_mosaicity_esd           ? 
_exptl_crystal.pdbx_mosaic_method           ? 
_exptl_crystal.pdbx_mosaic_block_size       ? 
_exptl_crystal.pdbx_mosaic_block_size_esd   ? 
# 
_exptl_crystal_grow.apparatus       ? 
_exptl_crystal_grow.atmosphere      ? 
_exptl_crystal_grow.crystal_id      1 
_exptl_crystal_grow.details         ? 
_exptl_crystal_grow.method          'VAPOR DIFFUSION, HANGING DROP' 
_exptl_crystal_grow.method_ref      ? 
_exptl_crystal_grow.pH              ? 
_exptl_crystal_grow.pressure        ? 
_exptl_crystal_grow.pressure_esd    ? 
_exptl_crystal_grow.seeding         ? 
_exptl_crystal_grow.seeding_ref     ? 
_exptl_crystal_grow.temp_details    '338-293 at 0.4/hr' 
_exptl_crystal_grow.temp_esd        ? 
_exptl_crystal_grow.time            ? 
_exptl_crystal_grow.pdbx_details    '100 mM MOPS, 1.25 M magnesium sulfate' 
_exptl_crystal_grow.pdbx_pH_range   ? 
_exptl_crystal_grow.temp            293 
# 
_diffrn.ambient_environment              ? 
_diffrn.ambient_temp                     100 
_diffrn.ambient_temp_details             ? 
_diffrn.ambient_temp_esd                 ? 
_diffrn.crystal_id                       1 
_diffrn.crystal_support                  ? 
_diffrn.crystal_treatment                ? 
_diffrn.details                          ? 
_diffrn.id                               1 
_diffrn.ambient_pressure                 ? 
_diffrn.ambient_pressure_esd             ? 
_diffrn.ambient_pressure_gt              ? 
_diffrn.ambient_pressure_lt              ? 
_diffrn.ambient_temp_gt                  ? 
_diffrn.ambient_temp_lt                  ? 
_diffrn.pdbx_serial_crystal_experiment   N 
# 
_diffrn_detector.details                      ? 
_diffrn_detector.detector                     PIXEL 
_diffrn_detector.diffrn_id                    1 
_diffrn_detector.type                         'DECTRIS EIGER X 9M' 
_diffrn_detector.area_resol_mean              ? 
_diffrn_detector.dtime                        ? 
_diffrn_detector.pdbx_frames_total            ? 
_diffrn_detector.pdbx_collection_time_total   ? 
_diffrn_detector.pdbx_collection_date         2022-12-11 
_diffrn_detector.pdbx_frequency               ? 
_diffrn_detector.id                           ? 
_diffrn_detector.number_of_axes               ? 
# 
_diffrn_radiation.collimation                      ? 
_diffrn_radiation.diffrn_id                        1 
_diffrn_radiation.filter_edge                      ? 
_diffrn_radiation.inhomogeneity                    ? 
_diffrn_radiation.monochromator                    ? 
_diffrn_radiation.polarisn_norm                    ? 
_diffrn_radiation.polarisn_ratio                   ? 
_diffrn_radiation.probe                            ? 
_diffrn_radiation.type                             ? 
_diffrn_radiation.xray_symbol                      ? 
_diffrn_radiation.wavelength_id                    1 
_diffrn_radiation.pdbx_monochromatic_or_laue_m_l   M 
_diffrn_radiation.pdbx_wavelength_list             ? 
_diffrn_radiation.pdbx_wavelength                  ? 
_diffrn_radiation.pdbx_diffrn_protocol             'SINGLE WAVELENGTH' 
_diffrn_radiation.pdbx_analyzer                    ? 
_diffrn_radiation.pdbx_scattering_type             x-ray 
# 
_diffrn_radiation_wavelength.id           1 
_diffrn_radiation_wavelength.wavelength   1.007430 
_diffrn_radiation_wavelength.wt           1.0 
# 
_diffrn_source.current                     ? 
_diffrn_source.details                     ? 
_diffrn_source.diffrn_id                   1 
_diffrn_source.power                       ? 
_diffrn_source.size                        ? 
_diffrn_source.source                      SYNCHROTRON 
_diffrn_source.target                      ? 
_diffrn_source.type                        'APS BEAMLINE 17-ID' 
_diffrn_source.voltage                     ? 
_diffrn_source.take-off_angle              ? 
_diffrn_source.pdbx_wavelength_list        1.007430 
_diffrn_source.pdbx_wavelength             ? 
_diffrn_source.pdbx_synchrotron_beamline   17-ID 
_diffrn_source.pdbx_synchrotron_site       APS 
# 
_reflns.B_iso_Wilson_estimate                          217.77 
_reflns.entry_id                                       9PGR 
_reflns.data_reduction_details                         ? 
_reflns.data_reduction_method                          ? 
_reflns.d_resolution_high                              3.62 
_reflns.d_resolution_low                               94.747 
_reflns.details                                        ? 
_reflns.limit_h_max                                    ? 
_reflns.limit_h_min                                    ? 
_reflns.limit_k_max                                    ? 
_reflns.limit_k_min                                    ? 
_reflns.limit_l_max                                    ? 
_reflns.limit_l_min                                    ? 
_reflns.number_all                                     ? 
_reflns.number_obs                                     2758 
_reflns.observed_criterion                             ? 
_reflns.observed_criterion_F_max                       ? 
_reflns.observed_criterion_F_min                       ? 
_reflns.observed_criterion_I_max                       ? 
_reflns.observed_criterion_I_min                       ? 
_reflns.observed_criterion_sigma_F                     ? 
_reflns.observed_criterion_sigma_I                     ? 
_reflns.percent_possible_obs                           87.1 
_reflns.R_free_details                                 ? 
_reflns.Rmerge_F_all                                   ? 
_reflns.Rmerge_F_obs                                   ? 
_reflns.Friedel_coverage                               ? 
_reflns.number_gt                                      ? 
_reflns.threshold_expression                           ? 
_reflns.pdbx_redundancy                                19.9 
_reflns.pdbx_netI_over_av_sigmaI                       ? 
_reflns.pdbx_netI_over_sigmaI                          18.5 
_reflns.pdbx_res_netI_over_av_sigmaI_2                 ? 
_reflns.pdbx_res_netI_over_sigmaI_2                    ? 
_reflns.pdbx_chi_squared                               ? 
_reflns.pdbx_scaling_rejects                           ? 
_reflns.pdbx_d_res_high_opt                            ? 
_reflns.pdbx_d_res_low_opt                             ? 
_reflns.pdbx_d_res_opt_method                          ? 
_reflns.phase_calculation_details                      ? 
_reflns.pdbx_Rrim_I_all                                ? 
_reflns.pdbx_Rpim_I_all                                ? 
_reflns.pdbx_d_opt                                     ? 
_reflns.pdbx_number_measured_all                       ? 
_reflns.pdbx_diffrn_id                                 1 
_reflns.pdbx_ordinal                                   1 
_reflns.pdbx_CC_half                                   1.000 
_reflns.pdbx_CC_star                                   ? 
_reflns.pdbx_R_split                                   ? 
_reflns.pdbx_Rmerge_I_obs                              ? 
_reflns.pdbx_Rmerge_I_all                              ? 
_reflns.pdbx_Rsym_value                                ? 
_reflns.pdbx_CC_split_method                           ? 
_reflns.pdbx_aniso_diffraction_limit_axis_1_ortho[1]   ? 
_reflns.pdbx_aniso_diffraction_limit_axis_1_ortho[2]   ? 
_reflns.pdbx_aniso_diffraction_limit_axis_1_ortho[3]   ? 
_reflns.pdbx_aniso_diffraction_limit_axis_2_ortho[1]   ? 
_reflns.pdbx_aniso_diffraction_limit_axis_2_ortho[2]   ? 
_reflns.pdbx_aniso_diffraction_limit_axis_2_ortho[3]   ? 
_reflns.pdbx_aniso_diffraction_limit_axis_3_ortho[1]   ? 
_reflns.pdbx_aniso_diffraction_limit_axis_3_ortho[2]   ? 
_reflns.pdbx_aniso_diffraction_limit_axis_3_ortho[3]   ? 
_reflns.pdbx_aniso_diffraction_limit_1                 ? 
_reflns.pdbx_aniso_diffraction_limit_2                 ? 
_reflns.pdbx_aniso_diffraction_limit_3                 ? 
_reflns.pdbx_aniso_B_tensor_eigenvector_1_ortho[1]     ? 
_reflns.pdbx_aniso_B_tensor_eigenvector_1_ortho[2]     ? 
_reflns.pdbx_aniso_B_tensor_eigenvector_1_ortho[3]     ? 
_reflns.pdbx_aniso_B_tensor_eigenvector_2_ortho[1]     ? 
_reflns.pdbx_aniso_B_tensor_eigenvector_2_ortho[2]     ? 
_reflns.pdbx_aniso_B_tensor_eigenvector_2_ortho[3]     ? 
_reflns.pdbx_aniso_B_tensor_eigenvector_3_ortho[1]     ? 
_reflns.pdbx_aniso_B_tensor_eigenvector_3_ortho[2]     ? 
_reflns.pdbx_aniso_B_tensor_eigenvector_3_ortho[3]     ? 
_reflns.pdbx_aniso_B_tensor_eigenvalue_1               ? 
_reflns.pdbx_aniso_B_tensor_eigenvalue_2               ? 
_reflns.pdbx_aniso_B_tensor_eigenvalue_3               ? 
_reflns.pdbx_orthogonalization_convention              ? 
_reflns.pdbx_percent_possible_ellipsoidal              ? 
_reflns.pdbx_percent_possible_spherical                ? 
_reflns.pdbx_percent_possible_ellipsoidal_anomalous    ? 
_reflns.pdbx_percent_possible_spherical_anomalous      ? 
_reflns.pdbx_redundancy_anomalous                      ? 
_reflns.pdbx_CC_half_anomalous                         ? 
_reflns.pdbx_absDiff_over_sigma_anomalous              ? 
_reflns.pdbx_percent_possible_anomalous                ? 
_reflns.pdbx_observed_signal_threshold                 ? 
_reflns.pdbx_signal_type                               ? 
_reflns.pdbx_signal_details                            ? 
_reflns.pdbx_signal_software_id                        ? 
# 
loop_
_reflns_shell.d_res_high 
_reflns_shell.d_res_low 
_reflns_shell.meanI_over_sigI_all 
_reflns_shell.meanI_over_sigI_obs 
_reflns_shell.number_measured_all 
_reflns_shell.number_measured_obs 
_reflns_shell.number_possible 
_reflns_shell.number_unique_all 
_reflns_shell.number_unique_obs 
_reflns_shell.percent_possible_obs 
_reflns_shell.Rmerge_F_all 
_reflns_shell.Rmerge_F_obs 
_reflns_shell.meanI_over_sigI_gt 
_reflns_shell.meanI_over_uI_all 
_reflns_shell.meanI_over_uI_gt 
_reflns_shell.number_measured_gt 
_reflns_shell.number_unique_gt 
_reflns_shell.percent_possible_gt 
_reflns_shell.Rmerge_F_gt 
_reflns_shell.Rmerge_I_gt 
_reflns_shell.pdbx_redundancy 
_reflns_shell.pdbx_chi_squared 
_reflns_shell.pdbx_netI_over_sigmaI_all 
_reflns_shell.pdbx_netI_over_sigmaI_obs 
_reflns_shell.pdbx_Rrim_I_all 
_reflns_shell.pdbx_Rpim_I_all 
_reflns_shell.pdbx_rejects 
_reflns_shell.pdbx_ordinal 
_reflns_shell.pdbx_diffrn_id 
_reflns_shell.pdbx_CC_half 
_reflns_shell.pdbx_CC_star 
_reflns_shell.pdbx_R_split 
_reflns_shell.percent_possible_all 
_reflns_shell.Rmerge_I_all 
_reflns_shell.Rmerge_I_obs 
_reflns_shell.pdbx_Rsym_value 
_reflns_shell.pdbx_percent_possible_ellipsoidal 
_reflns_shell.pdbx_percent_possible_spherical 
_reflns_shell.pdbx_percent_possible_ellipsoidal_anomalous 
_reflns_shell.pdbx_percent_possible_spherical_anomalous 
_reflns_shell.pdbx_redundancy_anomalous 
_reflns_shell.pdbx_CC_half_anomalous 
_reflns_shell.pdbx_absDiff_over_sigma_anomalous 
_reflns_shell.pdbx_percent_possible_anomalous 
3.625  4.055  ? ? ? ? ? ? 197 ? ? ? ? ? ? ? ? ? ? ? ? ? ? ? ? ? ? 1 1 0.426 ? ? ? ? ? ? ? ? ? ? ? ? ? ? 
10.506 94.747 ? ? ? ? ? ? 197 ? ? ? ? ? ? ? ? ? ? ? ? ? ? ? ? ? ? 2 1 1.000 ? ? ? ? ? ? ? ? ? ? ? ? ? ? 
# 
_refine.aniso_B[1][1]                            ? 
_refine.aniso_B[1][2]                            ? 
_refine.aniso_B[1][3]                            ? 
_refine.aniso_B[2][2]                            ? 
_refine.aniso_B[2][3]                            ? 
_refine.aniso_B[3][3]                            ? 
_refine.B_iso_max                                ? 
_refine.B_iso_mean                               189.73 
_refine.B_iso_min                                ? 
_refine.correlation_coeff_Fo_to_Fc               ? 
_refine.correlation_coeff_Fo_to_Fc_free          ? 
_refine.details                                  ? 
_refine.diff_density_max                         ? 
_refine.diff_density_max_esd                     ? 
_refine.diff_density_min                         ? 
_refine.diff_density_min_esd                     ? 
_refine.diff_density_rms                         ? 
_refine.diff_density_rms_esd                     ? 
_refine.entry_id                                 9PGR 
_refine.pdbx_refine_id                           'X-RAY DIFFRACTION' 
_refine.ls_abs_structure_details                 ? 
_refine.ls_abs_structure_Flack                   ? 
_refine.ls_abs_structure_Flack_esd               ? 
_refine.ls_abs_structure_Rogers                  ? 
_refine.ls_abs_structure_Rogers_esd              ? 
_refine.ls_d_res_high                            3.62 
_refine.ls_d_res_low                             34.41 
_refine.ls_extinction_coef                       ? 
_refine.ls_extinction_coef_esd                   ? 
_refine.ls_extinction_expression                 ? 
_refine.ls_extinction_method                     ? 
_refine.ls_goodness_of_fit_all                   ? 
_refine.ls_goodness_of_fit_all_esd               ? 
_refine.ls_goodness_of_fit_obs                   ? 
_refine.ls_goodness_of_fit_obs_esd               ? 
_refine.ls_hydrogen_treatment                    ? 
_refine.ls_matrix_type                           ? 
_refine.ls_number_constraints                    ? 
_refine.ls_number_parameters                     ? 
_refine.ls_number_reflns_all                     ? 
_refine.ls_number_reflns_obs                     2749 
_refine.ls_number_reflns_R_free                  115 
_refine.ls_number_reflns_R_work                  2634 
_refine.ls_number_restraints                     ? 
_refine.ls_percent_reflns_obs                    67.29 
_refine.ls_percent_reflns_R_free                 4.18 
_refine.ls_R_factor_all                          ? 
_refine.ls_R_factor_obs                          0.2487 
_refine.ls_R_factor_R_free                       0.2694 
_refine.ls_R_factor_R_free_error                 ? 
_refine.ls_R_factor_R_free_error_details         ? 
_refine.ls_R_factor_R_work                       0.2476 
_refine.ls_R_Fsqd_factor_obs                     ? 
_refine.ls_R_I_factor_obs                        ? 
_refine.ls_redundancy_reflns_all                 ? 
_refine.ls_redundancy_reflns_obs                 ? 
_refine.ls_restrained_S_all                      ? 
_refine.ls_restrained_S_obs                      ? 
_refine.ls_shift_over_esd_max                    ? 
_refine.ls_shift_over_esd_mean                   ? 
_refine.ls_structure_factor_coef                 ? 
_refine.ls_weighting_details                     ? 
_refine.ls_weighting_scheme                      ? 
_refine.ls_wR_factor_all                         ? 
_refine.ls_wR_factor_obs                         ? 
_refine.ls_wR_factor_R_free                      ? 
_refine.ls_wR_factor_R_work                      ? 
_refine.occupancy_max                            ? 
_refine.occupancy_min                            ? 
_refine.solvent_model_details                    'FLAT BULK SOLVENT MODEL' 
_refine.solvent_model_param_bsol                 ? 
_refine.solvent_model_param_ksol                 ? 
_refine.correlation_coeff_I_to_Fcsqd_work        ? 
_refine.correlation_coeff_I_to_Fcsqd_free        ? 
_refine.pdbx_R_complete                          ? 
_refine.ls_R_factor_gt                           ? 
_refine.ls_goodness_of_fit_gt                    ? 
_refine.ls_goodness_of_fit_ref                   ? 
_refine.ls_shift_over_su_max                     ? 
_refine.ls_shift_over_su_max_lt                  ? 
_refine.ls_shift_over_su_mean                    ? 
_refine.ls_shift_over_su_mean_lt                 ? 
_refine.pdbx_ls_sigma_I                          ? 
_refine.pdbx_ls_sigma_F                          1.34 
_refine.pdbx_ls_sigma_Fsqd                       ? 
_refine.pdbx_data_cutoff_high_absF               ? 
_refine.pdbx_data_cutoff_high_rms_absF           ? 
_refine.pdbx_data_cutoff_low_absF                ? 
_refine.pdbx_isotropic_thermal_model             ? 
_refine.pdbx_ls_cross_valid_method               'FREE R-VALUE' 
_refine.pdbx_method_to_determine_struct          'MOLECULAR REPLACEMENT' 
_refine.pdbx_starting_model                      ? 
_refine.pdbx_stereochemistry_target_values       'GeoStd + Monomer Library + CDL v1.2' 
_refine.pdbx_R_Free_selection_details            ? 
_refine.pdbx_stereochem_target_val_spec_case     ? 
_refine.pdbx_overall_ESU_R                       ? 
_refine.pdbx_overall_ESU_R_Free                  ? 
_refine.pdbx_solvent_vdw_probe_radii             1.1000 
_refine.pdbx_solvent_ion_probe_radii             ? 
_refine.pdbx_solvent_shrinkage_radii             0.9000 
_refine.pdbx_real_space_R                        ? 
_refine.pdbx_density_correlation                 ? 
_refine.pdbx_pd_number_of_powder_patterns        ? 
_refine.pdbx_pd_number_of_points                 ? 
_refine.pdbx_pd_meas_number_of_points            ? 
_refine.pdbx_pd_proc_ls_prof_R_factor            ? 
_refine.pdbx_pd_proc_ls_prof_wR_factor           ? 
_refine.pdbx_pd_Marquardt_correlation_coeff      ? 
_refine.pdbx_pd_Fsqrd_R_factor                   ? 
_refine.pdbx_pd_ls_matrix_band_width             ? 
_refine.pdbx_overall_phase_error                 41.3489 
_refine.pdbx_overall_SU_R_free_Cruickshank_DPI   ? 
_refine.pdbx_overall_SU_R_free_Blow_DPI          ? 
_refine.pdbx_overall_SU_R_Blow_DPI               ? 
_refine.pdbx_TLS_residual_ADP_flag               ? 
_refine.pdbx_diffrn_id                           1 
_refine.overall_SU_B                             ? 
_refine.overall_SU_ML                            0.0000 
_refine.overall_SU_R_Cruickshank_DPI             ? 
_refine.overall_SU_R_free                        ? 
_refine.overall_FOM_free_R_set                   ? 
_refine.overall_FOM_work_R_set                   ? 
_refine.pdbx_average_fsc_overall                 ? 
_refine.pdbx_average_fsc_work                    ? 
_refine.pdbx_average_fsc_free                    ? 
# 
_refine_hist.pdbx_refine_id                   'X-RAY DIFFRACTION' 
_refine_hist.cycle_id                         LAST 
_refine_hist.details                          ? 
_refine_hist.d_res_high                       3.62 
_refine_hist.d_res_low                        34.41 
_refine_hist.number_atoms_solvent             0 
_refine_hist.number_atoms_total               732 
_refine_hist.number_reflns_all                ? 
_refine_hist.number_reflns_obs                ? 
_refine_hist.number_reflns_R_free             ? 
_refine_hist.number_reflns_R_work             ? 
_refine_hist.R_factor_all                     ? 
_refine_hist.R_factor_obs                     ? 
_refine_hist.R_factor_R_free                  ? 
_refine_hist.R_factor_R_work                  ? 
_refine_hist.pdbx_number_residues_total       ? 
_refine_hist.pdbx_B_iso_mean_ligand           ? 
_refine_hist.pdbx_B_iso_mean_solvent          ? 
_refine_hist.pdbx_number_atoms_protein        0 
_refine_hist.pdbx_number_atoms_nucleic_acid   732 
_refine_hist.pdbx_number_atoms_ligand         0 
_refine_hist.pdbx_number_atoms_lipid          ? 
_refine_hist.pdbx_number_atoms_carb           ? 
_refine_hist.pdbx_pseudo_atom_details         ? 
# 
loop_
_refine_ls_restr.pdbx_refine_id 
_refine_ls_restr.criterion 
_refine_ls_restr.dev_ideal 
_refine_ls_restr.dev_ideal_target 
_refine_ls_restr.number 
_refine_ls_restr.rejects 
_refine_ls_restr.type 
_refine_ls_restr.weight 
_refine_ls_restr.pdbx_Zscore 
_refine_ls_restr.pdbx_restraint_function 
'X-RAY DIFFRACTION' ? 0.0064  ? 818  ? f_bond_d           ? ? ? 
'X-RAY DIFFRACTION' ? 0.8274  ? 1254 ? f_angle_d          ? ? ? 
'X-RAY DIFFRACTION' ? 0.0429  ? 142  ? f_chiral_restr     ? ? ? 
'X-RAY DIFFRACTION' ? 0.0034  ? 36   ? f_plane_restr      ? ? ? 
'X-RAY DIFFRACTION' ? 38.5830 ? 378  ? f_dihedral_angle_d ? ? ? 
# 
_refine_ls_shell.pdbx_refine_id                      'X-RAY DIFFRACTION' 
_refine_ls_shell.d_res_high                          3.62 
_refine_ls_shell.d_res_low                           34.41 
_refine_ls_shell.number_reflns_all                   ? 
_refine_ls_shell.number_reflns_obs                   ? 
_refine_ls_shell.number_reflns_R_free                115 
_refine_ls_shell.number_reflns_R_work                2634 
_refine_ls_shell.percent_reflns_obs                  67.29 
_refine_ls_shell.percent_reflns_R_free               ? 
_refine_ls_shell.R_factor_all                        ? 
_refine_ls_shell.R_factor_obs                        ? 
_refine_ls_shell.R_factor_R_free_error               ? 
_refine_ls_shell.R_factor_R_work                     0.2476 
_refine_ls_shell.redundancy_reflns_all               ? 
_refine_ls_shell.redundancy_reflns_obs               ? 
_refine_ls_shell.wR_factor_all                       ? 
_refine_ls_shell.wR_factor_obs                       ? 
_refine_ls_shell.wR_factor_R_free                    ? 
_refine_ls_shell.wR_factor_R_work                    ? 
_refine_ls_shell.pdbx_R_complete                     ? 
_refine_ls_shell.correlation_coeff_Fo_to_Fc          ? 
_refine_ls_shell.correlation_coeff_Fo_to_Fc_free     ? 
_refine_ls_shell.correlation_coeff_I_to_Fcsqd_work   ? 
_refine_ls_shell.correlation_coeff_I_to_Fcsqd_free   ? 
_refine_ls_shell.pdbx_total_number_of_bins_used      ? 
_refine_ls_shell.pdbx_phase_error                    ? 
_refine_ls_shell.pdbx_fsc_work                       ? 
_refine_ls_shell.pdbx_fsc_free                       ? 
_refine_ls_shell.R_factor_R_free                     0.2694 
# 
_struct.entry_id                     9PGR 
_struct.title                        
'[18-7B G|A] 18 bp tensegrity triangle that propagates via blunt-end stacking with G stacking on A at the interface' 
_struct.pdbx_model_details           ? 
_struct.pdbx_formula_weight          ? 
_struct.pdbx_formula_weight_method   ? 
_struct.pdbx_model_type_details      ? 
_struct.pdbx_CASP_flag               N 
# 
_struct_keywords.entry_id        9PGR 
_struct_keywords.text            'tensegrity triangle, DNA' 
_struct_keywords.pdbx_keywords   DNA 
# 
loop_
_struct_asym.id 
_struct_asym.pdbx_blank_PDB_chainid_flag 
_struct_asym.pdbx_modified 
_struct_asym.entity_id 
_struct_asym.details 
A N N 1 ? 
B N N 2 ? 
C N N 3 ? 
D N N 4 ? 
# 
loop_
_struct_ref.id 
_struct_ref.db_name 
_struct_ref.db_code 
_struct_ref.pdbx_db_accession 
_struct_ref.pdbx_db_isoform 
_struct_ref.entity_id 
_struct_ref.pdbx_seq_one_letter_code 
_struct_ref.pdbx_align_begin 
1 PDB 9PGR 9PGR ? 1 ? 1 
2 PDB 9PGR 9PGR ? 2 ? 1 
3 PDB 9PGR 9PGR ? 3 ? 1 
4 PDB 9PGR 9PGR ? 4 ? 1 
# 
loop_
_struct_ref_seq.align_id 
_struct_ref_seq.ref_id 
_struct_ref_seq.pdbx_PDB_id_code 
_struct_ref_seq.pdbx_strand_id 
_struct_ref_seq.seq_align_beg 
_struct_ref_seq.pdbx_seq_align_beg_ins_code 
_struct_ref_seq.seq_align_end 
_struct_ref_seq.pdbx_seq_align_end_ins_code 
_struct_ref_seq.pdbx_db_accession 
_struct_ref_seq.db_align_beg 
_struct_ref_seq.pdbx_db_align_beg_ins_code 
_struct_ref_seq.db_align_end 
_struct_ref_seq.pdbx_db_align_end_ins_code 
_struct_ref_seq.pdbx_auth_seq_align_beg 
_struct_ref_seq.pdbx_auth_seq_align_end 
1 1 9PGR E 1 ? 9  ? 9PGR 115 ? 123 ? 115 123 
2 2 9PGR B 1 ? 7  ? 9PGR 122 ? 128 ? 122 128 
3 3 9PGR C 1 ? 11 ? 9PGR 104 ? 114 ? 104 114 
4 4 9PGR A 1 ? 9  ? 9PGR 106 ? 114 ? 106 114 
# 
_pdbx_struct_assembly.id                   1 
_pdbx_struct_assembly.details              author_defined_assembly 
_pdbx_struct_assembly.method_details       ? 
_pdbx_struct_assembly.oligomeric_details   dodecameric 
_pdbx_struct_assembly.oligomeric_count     12 
# 
loop_
_pdbx_struct_assembly_gen.assembly_id 
_pdbx_struct_assembly_gen.oper_expression 
_pdbx_struct_assembly_gen.asym_id_list 
1 1 A,B,C,D 
1 2 A,B,C,D 
1 3 A,B,C,D 
# 
_pdbx_struct_assembly_auth_evidence.id                     1 
_pdbx_struct_assembly_auth_evidence.assembly_id            1 
_pdbx_struct_assembly_auth_evidence.experimental_support   'native gel electrophoresis' 
_pdbx_struct_assembly_auth_evidence.details                ? 
# 
loop_
_pdbx_struct_oper_list.id 
_pdbx_struct_oper_list.type 
_pdbx_struct_oper_list.name 
_pdbx_struct_oper_list.symmetry_operation 
_pdbx_struct_oper_list.matrix[1][1] 
_pdbx_struct_oper_list.matrix[1][2] 
_pdbx_struct_oper_list.matrix[1][3] 
_pdbx_struct_oper_list.vector[1] 
_pdbx_struct_oper_list.matrix[2][1] 
_pdbx_struct_oper_list.matrix[2][2] 
_pdbx_struct_oper_list.matrix[2][3] 
_pdbx_struct_oper_list.vector[2] 
_pdbx_struct_oper_list.matrix[3][1] 
_pdbx_struct_oper_list.matrix[3][2] 
_pdbx_struct_oper_list.matrix[3][3] 
_pdbx_struct_oper_list.vector[3] 
1 'identity operation'         1_555 x,y,z       1.0000000000  0.0000000000  0.0000000000  0.0000000000  0.0000000000  1.0000000000 0.0000000000  0.0000000000  0.0000000000  0.0000000000  1.0000000000  0.0000000000  
2 'crystal symmetry operation' 2_545 -y,x-y-1,z  -0.1549349928 -0.3613638832 0.9194625016  8.7690303253  -0.8376242683 0.5415230156 0.0716826947  14.2975142850 -0.5238136436 -0.7590579474 -0.3865880228 28.0318746596 
3 'crystal symmetry operation' 3_655 -x+y+1,-x,z -0.1549349928 -0.8376242683 -0.5238136436 28.0180529934 -0.3613638832 0.5415230156 -0.7590579474 16.7041950400 0.9194625016  0.0716826947  -0.3865880228 1.7491080896 
# 
loop_
_struct_conn.id 
_struct_conn.conn_type_id 
_struct_conn.pdbx_leaving_atom_flag 
_struct_conn.pdbx_PDB_id 
_struct_conn.ptnr1_label_asym_id 
_struct_conn.ptnr1_label_comp_id 
_struct_conn.ptnr1_label_seq_id 
_struct_conn.ptnr1_label_atom_id 
_struct_conn.pdbx_ptnr1_label_alt_id 
_struct_conn.pdbx_ptnr1_PDB_ins_code 
_struct_conn.pdbx_ptnr1_standard_comp_id 
_struct_conn.ptnr1_symmetry 
_struct_conn.ptnr2_label_asym_id 
_struct_conn.ptnr2_label_comp_id 
_struct_conn.ptnr2_label_seq_id 
_struct_conn.ptnr2_label_atom_id 
_struct_conn.pdbx_ptnr2_label_alt_id 
_struct_conn.pdbx_ptnr2_PDB_ins_code 
_struct_conn.ptnr1_auth_asym_id 
_struct_conn.ptnr1_auth_comp_id 
_struct_conn.ptnr1_auth_seq_id 
_struct_conn.ptnr2_auth_asym_id 
_struct_conn.ptnr2_auth_comp_id 
_struct_conn.ptnr2_auth_seq_id 
_struct_conn.ptnr2_symmetry 
_struct_conn.pdbx_ptnr3_label_atom_id 
_struct_conn.pdbx_ptnr3_label_seq_id 
_struct_conn.pdbx_ptnr3_label_comp_id 
_struct_conn.pdbx_ptnr3_label_asym_id 
_struct_conn.pdbx_ptnr3_label_alt_id 
_struct_conn.pdbx_ptnr3_PDB_ins_code 
_struct_conn.details 
_struct_conn.pdbx_dist_value 
_struct_conn.pdbx_value_order 
_struct_conn.pdbx_role 
hydrog1  hydrog ? ? B DT 1  N3 ? ? ? 1_555 D DA 9 N1 ? ? B DT 122 A DA 114 1_555 ? ? ? ? ? ? WATSON-CRICK ? ? ? 
hydrog2  hydrog ? ? B DT 1  O4 ? ? ? 1_555 D DA 9 N6 ? ? B DT 122 A DA 114 1_555 ? ? ? ? ? ? WATSON-CRICK ? ? ? 
hydrog3  hydrog ? ? B DA 2  N1 ? ? ? 1_555 D DT 8 N3 ? ? B DA 123 A DT 113 1_555 ? ? ? ? ? ? WATSON-CRICK ? ? ? 
hydrog4  hydrog ? ? B DA 2  N6 ? ? ? 1_555 D DT 8 O4 ? ? B DA 123 A DT 113 1_555 ? ? ? ? ? ? WATSON-CRICK ? ? ? 
hydrog5  hydrog ? ? B DC 3  N3 ? ? ? 1_555 D DG 7 N1 ? ? B DC 124 A DG 112 1_555 ? ? ? ? ? ? WATSON-CRICK ? ? ? 
hydrog6  hydrog ? ? B DC 3  N4 ? ? ? 1_555 D DG 7 O6 ? ? B DC 124 A DG 112 1_555 ? ? ? ? ? ? WATSON-CRICK ? ? ? 
hydrog7  hydrog ? ? B DC 3  O2 ? ? ? 1_555 D DG 7 N2 ? ? B DC 124 A DG 112 1_555 ? ? ? ? ? ? WATSON-CRICK ? ? ? 
hydrog8  hydrog ? ? B DA 4  N1 ? ? ? 1_555 D DT 6 N3 ? ? B DA 125 A DT 111 1_555 ? ? ? ? ? ? WATSON-CRICK ? ? ? 
hydrog9  hydrog ? ? B DA 4  N6 ? ? ? 1_555 D DT 6 O4 ? ? B DA 125 A DT 111 1_555 ? ? ? ? ? ? WATSON-CRICK ? ? ? 
hydrog10 hydrog ? ? C DG 7  N1 ? ? ? 1_555 D DC 5 N3 ? ? C DG 110 A DC 110 1_555 ? ? ? ? ? ? WATSON-CRICK ? ? ? 
hydrog11 hydrog ? ? C DG 7  N2 ? ? ? 1_555 D DC 5 O2 ? ? C DG 110 A DC 110 1_555 ? ? ? ? ? ? WATSON-CRICK ? ? ? 
hydrog12 hydrog ? ? C DG 7  O6 ? ? ? 1_555 D DC 5 N4 ? ? C DG 110 A DC 110 1_555 ? ? ? ? ? ? WATSON-CRICK ? ? ? 
hydrog13 hydrog ? ? C DG 8  N1 ? ? ? 1_555 D DC 4 N3 ? ? C DG 111 A DC 109 1_555 ? ? ? ? ? ? WATSON-CRICK ? ? ? 
hydrog14 hydrog ? ? C DG 8  N2 ? ? ? 1_555 D DC 4 O2 ? ? C DG 111 A DC 109 1_555 ? ? ? ? ? ? WATSON-CRICK ? ? ? 
hydrog15 hydrog ? ? C DG 8  O6 ? ? ? 1_555 D DC 4 N4 ? ? C DG 111 A DC 109 1_555 ? ? ? ? ? ? WATSON-CRICK ? ? ? 
hydrog16 hydrog ? ? C DT 9  N3 ? ? ? 1_555 D DA 3 N1 ? ? C DT 112 A DA 108 1_555 ? ? ? ? ? ? WATSON-CRICK ? ? ? 
hydrog17 hydrog ? ? C DT 9  O4 ? ? ? 1_555 D DA 3 N6 ? ? C DT 112 A DA 108 1_555 ? ? ? ? ? ? WATSON-CRICK ? ? ? 
hydrog18 hydrog ? ? C DG 10 N1 ? ? ? 1_555 D DC 2 N3 ? ? C DG 113 A DC 107 1_555 ? ? ? ? ? ? WATSON-CRICK ? ? ? 
hydrog19 hydrog ? ? C DG 10 N2 ? ? ? 1_555 D DC 2 O2 ? ? C DG 113 A DC 107 1_555 ? ? ? ? ? ? WATSON-CRICK ? ? ? 
hydrog20 hydrog ? ? C DG 10 O6 ? ? ? 1_555 D DC 2 N4 ? ? C DG 113 A DC 107 1_555 ? ? ? ? ? ? WATSON-CRICK ? ? ? 
hydrog21 hydrog ? ? C DC 11 N3 ? ? ? 1_555 D DG 1 N1 ? ? C DC 114 A DG 106 1_555 ? ? ? ? ? ? WATSON-CRICK ? ? ? 
hydrog22 hydrog ? ? C DC 11 N4 ? ? ? 1_555 D DG 1 O6 ? ? C DC 114 A DG 106 1_555 ? ? ? ? ? ? WATSON-CRICK ? ? ? 
hydrog23 hydrog ? ? C DC 11 O2 ? ? ? 1_555 D DG 1 N2 ? ? C DC 114 A DG 106 1_555 ? ? ? ? ? ? WATSON-CRICK ? ? ? 
hydrog24 hydrog ? ? A DC 1  N3 ? ? ? 1_555 B DG 7 N1 ? ? E DC 115 B DG 128 1_555 ? ? ? ? ? ? WATSON-CRICK ? ? ? 
hydrog25 hydrog ? ? A DC 1  N4 ? ? ? 1_555 B DG 7 O6 ? ? E DC 115 B DG 128 1_555 ? ? ? ? ? ? WATSON-CRICK ? ? ? 
hydrog26 hydrog ? ? A DC 1  O2 ? ? ? 1_555 B DG 7 N2 ? ? E DC 115 B DG 128 1_555 ? ? ? ? ? ? WATSON-CRICK ? ? ? 
hydrog27 hydrog ? ? A DG 2  N1 ? ? ? 1_555 B DC 6 N3 ? ? E DG 116 B DC 127 1_555 ? ? ? ? ? ? WATSON-CRICK ? ? ? 
hydrog28 hydrog ? ? A DG 2  N2 ? ? ? 1_555 B DC 6 O2 ? ? E DG 116 B DC 127 1_555 ? ? ? ? ? ? WATSON-CRICK ? ? ? 
hydrog29 hydrog ? ? A DG 2  O6 ? ? ? 1_555 B DC 6 N4 ? ? E DG 116 B DC 127 1_555 ? ? ? ? ? ? WATSON-CRICK ? ? ? 
hydrog30 hydrog ? ? A DG 3  N1 ? ? ? 1_555 B DC 5 N3 ? ? E DG 117 B DC 126 1_555 ? ? ? ? ? ? WATSON-CRICK ? ? ? 
hydrog31 hydrog ? ? A DG 3  N2 ? ? ? 1_555 B DC 5 O2 ? ? E DG 117 B DC 126 1_555 ? ? ? ? ? ? WATSON-CRICK ? ? ? 
hydrog32 hydrog ? ? A DG 3  O6 ? ? ? 1_555 B DC 5 N4 ? ? E DG 117 B DC 126 1_555 ? ? ? ? ? ? WATSON-CRICK ? ? ? 
hydrog33 hydrog ? ? A DA 4  N1 ? ? ? 1_555 C DT 6 N3 ? ? E DA 118 C DT 109 1_555 ? ? ? ? ? ? WATSON-CRICK ? ? ? 
hydrog34 hydrog ? ? A DA 4  N6 ? ? ? 1_555 C DT 6 O4 ? ? E DA 118 C DT 109 1_555 ? ? ? ? ? ? WATSON-CRICK ? ? ? 
hydrog35 hydrog ? ? A DC 5  N3 ? ? ? 1_555 C DG 5 N1 ? ? E DC 119 C DG 108 1_555 ? ? ? ? ? ? WATSON-CRICK ? ? ? 
hydrog36 hydrog ? ? A DC 5  N4 ? ? ? 1_555 C DG 5 O6 ? ? E DC 119 C DG 108 1_555 ? ? ? ? ? ? WATSON-CRICK ? ? ? 
hydrog37 hydrog ? ? A DC 5  O2 ? ? ? 1_555 C DG 5 N2 ? ? E DC 119 C DG 108 1_555 ? ? ? ? ? ? WATSON-CRICK ? ? ? 
hydrog38 hydrog ? ? A DA 6  N1 ? ? ? 1_555 C DT 4 N3 ? ? E DA 120 C DT 107 1_555 ? ? ? ? ? ? WATSON-CRICK ? ? ? 
hydrog39 hydrog ? ? A DA 6  N6 ? ? ? 1_555 C DT 4 O4 ? ? E DA 120 C DT 107 1_555 ? ? ? ? ? ? WATSON-CRICK ? ? ? 
hydrog40 hydrog ? ? A DT 7  N3 ? ? ? 1_555 C DA 3 N1 ? ? E DT 121 C DA 106 1_555 ? ? ? ? ? ? WATSON-CRICK ? ? ? 
hydrog41 hydrog ? ? A DT 7  O4 ? ? ? 1_555 C DA 3 N6 ? ? E DT 121 C DA 106 1_555 ? ? ? ? ? ? WATSON-CRICK ? ? ? 
hydrog42 hydrog ? ? A DC 8  N3 ? ? ? 1_555 C DG 2 N1 ? ? E DC 122 C DG 105 1_555 ? ? ? ? ? ? WATSON-CRICK ? ? ? 
hydrog43 hydrog ? ? A DC 8  N4 ? ? ? 1_555 C DG 2 O6 ? ? E DC 122 C DG 105 1_555 ? ? ? ? ? ? WATSON-CRICK ? ? ? 
hydrog44 hydrog ? ? A DC 8  O2 ? ? ? 1_555 C DG 2 N2 ? ? E DC 122 C DG 105 1_555 ? ? ? ? ? ? WATSON-CRICK ? ? ? 
hydrog45 hydrog ? ? A DA 9  N1 ? ? ? 1_555 C DT 1 N3 ? ? E DA 123 C DT 104 1_555 ? ? ? ? ? ? WATSON-CRICK ? ? ? 
hydrog46 hydrog ? ? A DA 9  N6 ? ? ? 1_555 C DT 1 O4 ? ? E DA 123 C DT 104 1_555 ? ? ? ? ? ? WATSON-CRICK ? ? ? 
# 
_struct_conn_type.id          hydrog 
_struct_conn_type.criteria    ? 
_struct_conn_type.reference   ? 
# 
_pdbx_entry_details.entry_id                   9PGR 
_pdbx_entry_details.compound_details           ? 
_pdbx_entry_details.source_details             ? 
_pdbx_entry_details.nonpolymer_details         ? 
_pdbx_entry_details.sequence_details           ? 
_pdbx_entry_details.has_ligand_of_interest     ? 
_pdbx_entry_details.has_protein_modification   N 
# 
_pdbx_validate_rmsd_angle.id                         1 
_pdbx_validate_rmsd_angle.PDB_model_num              1 
_pdbx_validate_rmsd_angle.auth_atom_id_1             "O4'" 
_pdbx_validate_rmsd_angle.auth_asym_id_1             E 
_pdbx_validate_rmsd_angle.auth_comp_id_1             DC 
_pdbx_validate_rmsd_angle.auth_seq_id_1              119 
_pdbx_validate_rmsd_angle.PDB_ins_code_1             ? 
_pdbx_validate_rmsd_angle.label_alt_id_1             ? 
_pdbx_validate_rmsd_angle.auth_atom_id_2             "C1'" 
_pdbx_validate_rmsd_angle.auth_asym_id_2             E 
_pdbx_validate_rmsd_angle.auth_comp_id_2             DC 
_pdbx_validate_rmsd_angle.auth_seq_id_2              119 
_pdbx_validate_rmsd_angle.PDB_ins_code_2             ? 
_pdbx_validate_rmsd_angle.label_alt_id_2             ? 
_pdbx_validate_rmsd_angle.auth_atom_id_3             N1 
_pdbx_validate_rmsd_angle.auth_asym_id_3             E 
_pdbx_validate_rmsd_angle.auth_comp_id_3             DC 
_pdbx_validate_rmsd_angle.auth_seq_id_3              119 
_pdbx_validate_rmsd_angle.PDB_ins_code_3             ? 
_pdbx_validate_rmsd_angle.label_alt_id_3             ? 
_pdbx_validate_rmsd_angle.angle_value                110.40 
_pdbx_validate_rmsd_angle.angle_target_value         108.30 
_pdbx_validate_rmsd_angle.angle_deviation            2.10 
_pdbx_validate_rmsd_angle.angle_standard_deviation   0.30 
_pdbx_validate_rmsd_angle.linker_flag                N 
# 
loop_
_space_group_symop.id 
_space_group_symop.operation_xyz 
1 x,y,z      
2 -y,x-y,z   
3 -x+y,-x,z  
4 x-y,-y,-z  
5 -x,-x+y,-z 
6 y,x,-z     
# 
loop_
_pdbx_refine_tls.id 
_pdbx_refine_tls.pdbx_refine_id 
_pdbx_refine_tls.details 
_pdbx_refine_tls.method 
_pdbx_refine_tls.origin_x 
_pdbx_refine_tls.origin_y 
_pdbx_refine_tls.origin_z 
_pdbx_refine_tls.T[1][1] 
_pdbx_refine_tls.T[1][1]_esd 
_pdbx_refine_tls.T[1][2] 
_pdbx_refine_tls.T[1][2]_esd 
_pdbx_refine_tls.T[1][3] 
_pdbx_refine_tls.T[1][3]_esd 
_pdbx_refine_tls.T[2][2] 
_pdbx_refine_tls.T[2][2]_esd 
_pdbx_refine_tls.T[2][3] 
_pdbx_refine_tls.T[2][3]_esd 
_pdbx_refine_tls.T[3][3] 
_pdbx_refine_tls.T[3][3]_esd 
_pdbx_refine_tls.L[1][1] 
_pdbx_refine_tls.L[1][1]_esd 
_pdbx_refine_tls.L[1][2] 
_pdbx_refine_tls.L[1][2]_esd 
_pdbx_refine_tls.L[1][3] 
_pdbx_refine_tls.L[1][3]_esd 
_pdbx_refine_tls.L[2][2] 
_pdbx_refine_tls.L[2][2]_esd 
_pdbx_refine_tls.L[2][3] 
_pdbx_refine_tls.L[2][3]_esd 
_pdbx_refine_tls.L[3][3] 
_pdbx_refine_tls.L[3][3]_esd 
_pdbx_refine_tls.S[1][1] 
_pdbx_refine_tls.S[1][1]_esd 
_pdbx_refine_tls.S[1][2] 
_pdbx_refine_tls.S[1][2]_esd 
_pdbx_refine_tls.S[1][3] 
_pdbx_refine_tls.S[1][3]_esd 
_pdbx_refine_tls.S[2][1] 
_pdbx_refine_tls.S[2][1]_esd 
_pdbx_refine_tls.S[2][2] 
_pdbx_refine_tls.S[2][2]_esd 
_pdbx_refine_tls.S[2][3] 
_pdbx_refine_tls.S[2][3]_esd 
_pdbx_refine_tls.S[3][1] 
_pdbx_refine_tls.S[3][1]_esd 
_pdbx_refine_tls.S[3][2] 
_pdbx_refine_tls.S[3][2]_esd 
_pdbx_refine_tls.S[3][3] 
_pdbx_refine_tls.S[3][3]_esd 
1 'X-RAY DIFFRACTION' ? refined -0.7056400020 2.5418981841   9.35587671649  1.27922886288 ? -0.207677124368 ? -0.851977484768 ? 1.55494294461  ? 0.854392105096  ? 1.60754476106 ? 4.43672509985  ? 3.59554920722   ? 2.08906357444  ? 9.58575186688 ? -1.53725167339 ? -1.65606779847 ? 3.23852945194   ? -0.01559798874  ? 2.360566161389  ? -1.827813633971 ? 4.6020142913    ? -2.25056549478 ? -0.655070965365 ? -0.46159500754 ? 1.27097378139   ? 
2 'X-RAY DIFFRACTION' ? refined 10.4972506450 2.709878299    -4.66926161133 1.469977704   ? 0.431655477918  ? -0.488040572992 ? 2.68753984090  ? -0.102518802285 ? 1.41215229814 ? 3.156016196127 ? -2.59579398467  ? 2.622046846105 ? 9.36410719513 ? 1.53768727745  ? 4.47776448768  ? 0.71893343838   ? 2.836025398011  ? -0.570642305187 ? -2.34360803510  ? -1.078931009370 ? 0.80492600810  ? -1.55432031941  ? 0.57545593957  ? 0.15227977065   ? 
3 'X-RAY DIFFRACTION' ? refined -3.0349175680 -1.55063002782 -2.5449794148  1.169853199   ? 0.510286671695  ? -1.1090848032   ? 2.632116931810 ? -0.614028718911 ? 1.36667233531 ? 5.69629853236  ? -0.934845358446 ? -0.60579006153 ? 1.83308667797 ? 2.954150586022 ? 2.94435750674  ? -1.460955842716 ? -1.690592635838 ? 1.51645668605   ? -0.07875345456  ? 2.375671721942  ? 1.32415420071  ? -0.80087624854  ? -3.04138210688 ? 2.44139871466   ? 
4 'X-RAY DIFFRACTION' ? refined -1.0556835442 -6.6419257672  8.45984275551  1.73920526575 ? -0.159799173973 ? 0.252770865957  ? 1.50772679253  ? -0.563374639719 ? 1.8569058804  ? 1.13773224333  ? -1.38895782483  ? 0.47928999247  ? 2.48222829529 ? -3.73960773318 ? 12.68094079142 ? -1.427404517798 ? 0.08522794993   ? -2.74427016436  ? -0.242233403141 ? 0.39684696671   ? 0.475390590621 ? 2.454777759035  ? -0.40094392255 ? 1.035453185621  ? 
5 'X-RAY DIFFRACTION' ? refined 1.7448794090  6.3435675892   -7.5288809894  1.66126896691 ? 0.163924652548  ? 0.145001339193  ? 2.72358537250  ? 0.981877901586  ? 1.98231505739 ? 13.14675384078 ? 1.55591637326   ? 0.34722392287  ? 6.07201864117 ? 0.48445956762  ? 1.98202688834  ? 1.112425049855  ? 0.96126833729   ? 3.321323494896  ? 0.05359237709   ? -1.370851070726 ? -0.27247150940 ? -1.248435144358 ? -3.53783986973 ? -0.167405552039 ? 
# 
loop_
_pdbx_refine_tls_group.id 
_pdbx_refine_tls_group.pdbx_refine_id 
_pdbx_refine_tls_group.refine_tls_id 
_pdbx_refine_tls_group.beg_label_asym_id 
_pdbx_refine_tls_group.beg_label_seq_id 
_pdbx_refine_tls_group.beg_auth_asym_id 
_pdbx_refine_tls_group.beg_auth_seq_id 
_pdbx_refine_tls_group.beg_PDB_ins_code 
_pdbx_refine_tls_group.end_label_asym_id 
_pdbx_refine_tls_group.end_label_seq_id 
_pdbx_refine_tls_group.end_auth_asym_id 
_pdbx_refine_tls_group.end_auth_seq_id 
_pdbx_refine_tls_group.end_PDB_ins_code 
_pdbx_refine_tls_group.selection 
_pdbx_refine_tls_group.selection_details 
1 'X-RAY DIFFRACTION' 1 B ? B 122 ? B ? B 125 ? ? 
;chain 'B' and (resid 122 through 125 )
;
2 'X-RAY DIFFRACTION' 2 B ? B 126 ? B ? B 128 ? ? 
;chain 'B' and (resid 126 through 128 )
;
3 'X-RAY DIFFRACTION' 3 C ? C 104 ? C ? C 114 ? ? 
;chain 'C' and (resid 104 through 114 )
;
4 'X-RAY DIFFRACTION' 4 D ? A 106 ? D ? A 114 ? ? 
;chain 'A' and (resid 106 through 114 )
;
5 'X-RAY DIFFRACTION' 5 A ? E 115 ? A ? E 123 ? ? 
;chain 'E' and (resid 115 through 123 )
;
# 
loop_
_chem_comp_atom.comp_id 
_chem_comp_atom.atom_id 
_chem_comp_atom.type_symbol 
_chem_comp_atom.pdbx_aromatic_flag 
_chem_comp_atom.pdbx_stereo_config 
_chem_comp_atom.pdbx_ordinal 
DA OP3    O N N 1   
DA P      P N N 2   
DA OP1    O N N 3   
DA OP2    O N N 4   
DA "O5'"  O N N 5   
DA "C5'"  C N N 6   
DA "C4'"  C N R 7   
DA "O4'"  O N N 8   
DA "C3'"  C N S 9   
DA "O3'"  O N N 10  
DA "C2'"  C N N 11  
DA "C1'"  C N R 12  
DA N9     N Y N 13  
DA C8     C Y N 14  
DA N7     N Y N 15  
DA C5     C Y N 16  
DA C6     C Y N 17  
DA N6     N N N 18  
DA N1     N Y N 19  
DA C2     C Y N 20  
DA N3     N Y N 21  
DA C4     C Y N 22  
DA HOP3   H N N 23  
DA HOP2   H N N 24  
DA "H5'"  H N N 25  
DA "H5''" H N N 26  
DA "H4'"  H N N 27  
DA "H3'"  H N N 28  
DA "HO3'" H N N 29  
DA "H2'"  H N N 30  
DA "H2''" H N N 31  
DA "H1'"  H N N 32  
DA H8     H N N 33  
DA H61    H N N 34  
DA H62    H N N 35  
DA H2     H N N 36  
DC OP3    O N N 37  
DC P      P N N 38  
DC OP1    O N N 39  
DC OP2    O N N 40  
DC "O5'"  O N N 41  
DC "C5'"  C N N 42  
DC "C4'"  C N R 43  
DC "O4'"  O N N 44  
DC "C3'"  C N S 45  
DC "O3'"  O N N 46  
DC "C2'"  C N N 47  
DC "C1'"  C N R 48  
DC N1     N N N 49  
DC C2     C N N 50  
DC O2     O N N 51  
DC N3     N N N 52  
DC C4     C N N 53  
DC N4     N N N 54  
DC C5     C N N 55  
DC C6     C N N 56  
DC HOP3   H N N 57  
DC HOP2   H N N 58  
DC "H5'"  H N N 59  
DC "H5''" H N N 60  
DC "H4'"  H N N 61  
DC "H3'"  H N N 62  
DC "HO3'" H N N 63  
DC "H2'"  H N N 64  
DC "H2''" H N N 65  
DC "H1'"  H N N 66  
DC H41    H N N 67  
DC H42    H N N 68  
DC H5     H N N 69  
DC H6     H N N 70  
DG OP3    O N N 71  
DG P      P N N 72  
DG OP1    O N N 73  
DG OP2    O N N 74  
DG "O5'"  O N N 75  
DG "C5'"  C N N 76  
DG "C4'"  C N R 77  
DG "O4'"  O N N 78  
DG "C3'"  C N S 79  
DG "O3'"  O N N 80  
DG "C2'"  C N N 81  
DG "C1'"  C N R 82  
DG N9     N Y N 83  
DG C8     C Y N 84  
DG N7     N Y N 85  
DG C5     C Y N 86  
DG C6     C N N 87  
DG O6     O N N 88  
DG N1     N N N 89  
DG C2     C N N 90  
DG N2     N N N 91  
DG N3     N N N 92  
DG C4     C Y N 93  
DG HOP3   H N N 94  
DG HOP2   H N N 95  
DG "H5'"  H N N 96  
DG "H5''" H N N 97  
DG "H4'"  H N N 98  
DG "H3'"  H N N 99  
DG "HO3'" H N N 100 
DG "H2'"  H N N 101 
DG "H2''" H N N 102 
DG "H1'"  H N N 103 
DG H8     H N N 104 
DG H1     H N N 105 
DG H21    H N N 106 
DG H22    H N N 107 
DT OP3    O N N 108 
DT P      P N N 109 
DT OP1    O N N 110 
DT OP2    O N N 111 
DT "O5'"  O N N 112 
DT "C5'"  C N N 113 
DT "C4'"  C N R 114 
DT "O4'"  O N N 115 
DT "C3'"  C N S 116 
DT "O3'"  O N N 117 
DT "C2'"  C N N 118 
DT "C1'"  C N R 119 
DT N1     N N N 120 
DT C2     C N N 121 
DT O2     O N N 122 
DT N3     N N N 123 
DT C4     C N N 124 
DT O4     O N N 125 
DT C5     C N N 126 
DT C7     C N N 127 
DT C6     C N N 128 
DT HOP3   H N N 129 
DT HOP2   H N N 130 
DT "H5'"  H N N 131 
DT "H5''" H N N 132 
DT "H4'"  H N N 133 
DT "H3'"  H N N 134 
DT "HO3'" H N N 135 
DT "H2'"  H N N 136 
DT "H2''" H N N 137 
DT "H1'"  H N N 138 
DT H3     H N N 139 
DT H71    H N N 140 
DT H72    H N N 141 
DT H73    H N N 142 
DT H6     H N N 143 
# 
loop_
_chem_comp_bond.comp_id 
_chem_comp_bond.atom_id_1 
_chem_comp_bond.atom_id_2 
_chem_comp_bond.value_order 
_chem_comp_bond.pdbx_aromatic_flag 
_chem_comp_bond.pdbx_stereo_config 
_chem_comp_bond.pdbx_ordinal 
DA OP3   P      sing N N 1   
DA OP3   HOP3   sing N N 2   
DA P     OP1    doub N N 3   
DA P     OP2    sing N N 4   
DA P     "O5'"  sing N N 5   
DA OP2   HOP2   sing N N 6   
DA "O5'" "C5'"  sing N N 7   
DA "C5'" "C4'"  sing N N 8   
DA "C5'" "H5'"  sing N N 9   
DA "C5'" "H5''" sing N N 10  
DA "C4'" "O4'"  sing N N 11  
DA "C4'" "C3'"  sing N N 12  
DA "C4'" "H4'"  sing N N 13  
DA "O4'" "C1'"  sing N N 14  
DA "C3'" "O3'"  sing N N 15  
DA "C3'" "C2'"  sing N N 16  
DA "C3'" "H3'"  sing N N 17  
DA "O3'" "HO3'" sing N N 18  
DA "C2'" "C1'"  sing N N 19  
DA "C2'" "H2'"  sing N N 20  
DA "C2'" "H2''" sing N N 21  
DA "C1'" N9     sing N N 22  
DA "C1'" "H1'"  sing N N 23  
DA N9    C8     sing Y N 24  
DA N9    C4     sing Y N 25  
DA C8    N7     doub Y N 26  
DA C8    H8     sing N N 27  
DA N7    C5     sing Y N 28  
DA C5    C6     sing Y N 29  
DA C5    C4     doub Y N 30  
DA C6    N6     sing N N 31  
DA C6    N1     doub Y N 32  
DA N6    H61    sing N N 33  
DA N6    H62    sing N N 34  
DA N1    C2     sing Y N 35  
DA C2    N3     doub Y N 36  
DA C2    H2     sing N N 37  
DA N3    C4     sing Y N 38  
DC OP3   P      sing N N 39  
DC OP3   HOP3   sing N N 40  
DC P     OP1    doub N N 41  
DC P     OP2    sing N N 42  
DC P     "O5'"  sing N N 43  
DC OP2   HOP2   sing N N 44  
DC "O5'" "C5'"  sing N N 45  
DC "C5'" "C4'"  sing N N 46  
DC "C5'" "H5'"  sing N N 47  
DC "C5'" "H5''" sing N N 48  
DC "C4'" "O4'"  sing N N 49  
DC "C4'" "C3'"  sing N N 50  
DC "C4'" "H4'"  sing N N 51  
DC "O4'" "C1'"  sing N N 52  
DC "C3'" "O3'"  sing N N 53  
DC "C3'" "C2'"  sing N N 54  
DC "C3'" "H3'"  sing N N 55  
DC "O3'" "HO3'" sing N N 56  
DC "C2'" "C1'"  sing N N 57  
DC "C2'" "H2'"  sing N N 58  
DC "C2'" "H2''" sing N N 59  
DC "C1'" N1     sing N N 60  
DC "C1'" "H1'"  sing N N 61  
DC N1    C2     sing N N 62  
DC N1    C6     sing N N 63  
DC C2    O2     doub N N 64  
DC C2    N3     sing N N 65  
DC N3    C4     doub N N 66  
DC C4    N4     sing N N 67  
DC C4    C5     sing N N 68  
DC N4    H41    sing N N 69  
DC N4    H42    sing N N 70  
DC C5    C6     doub N N 71  
DC C5    H5     sing N N 72  
DC C6    H6     sing N N 73  
DG OP3   P      sing N N 74  
DG OP3   HOP3   sing N N 75  
DG P     OP1    doub N N 76  
DG P     OP2    sing N N 77  
DG P     "O5'"  sing N N 78  
DG OP2   HOP2   sing N N 79  
DG "O5'" "C5'"  sing N N 80  
DG "C5'" "C4'"  sing N N 81  
DG "C5'" "H5'"  sing N N 82  
DG "C5'" "H5''" sing N N 83  
DG "C4'" "O4'"  sing N N 84  
DG "C4'" "C3'"  sing N N 85  
DG "C4'" "H4'"  sing N N 86  
DG "O4'" "C1'"  sing N N 87  
DG "C3'" "O3'"  sing N N 88  
DG "C3'" "C2'"  sing N N 89  
DG "C3'" "H3'"  sing N N 90  
DG "O3'" "HO3'" sing N N 91  
DG "C2'" "C1'"  sing N N 92  
DG "C2'" "H2'"  sing N N 93  
DG "C2'" "H2''" sing N N 94  
DG "C1'" N9     sing N N 95  
DG "C1'" "H1'"  sing N N 96  
DG N9    C8     sing Y N 97  
DG N9    C4     sing Y N 98  
DG C8    N7     doub Y N 99  
DG C8    H8     sing N N 100 
DG N7    C5     sing Y N 101 
DG C5    C6     sing N N 102 
DG C5    C4     doub Y N 103 
DG C6    O6     doub N N 104 
DG C6    N1     sing N N 105 
DG N1    C2     sing N N 106 
DG N1    H1     sing N N 107 
DG C2    N2     sing N N 108 
DG C2    N3     doub N N 109 
DG N2    H21    sing N N 110 
DG N2    H22    sing N N 111 
DG N3    C4     sing N N 112 
DT OP3   P      sing N N 113 
DT OP3   HOP3   sing N N 114 
DT P     OP1    doub N N 115 
DT P     OP2    sing N N 116 
DT P     "O5'"  sing N N 117 
DT OP2   HOP2   sing N N 118 
DT "O5'" "C5'"  sing N N 119 
DT "C5'" "C4'"  sing N N 120 
DT "C5'" "H5'"  sing N N 121 
DT "C5'" "H5''" sing N N 122 
DT "C4'" "O4'"  sing N N 123 
DT "C4'" "C3'"  sing N N 124 
DT "C4'" "H4'"  sing N N 125 
DT "O4'" "C1'"  sing N N 126 
DT "C3'" "O3'"  sing N N 127 
DT "C3'" "C2'"  sing N N 128 
DT "C3'" "H3'"  sing N N 129 
DT "O3'" "HO3'" sing N N 130 
DT "C2'" "C1'"  sing N N 131 
DT "C2'" "H2'"  sing N N 132 
DT "C2'" "H2''" sing N N 133 
DT "C1'" N1     sing N N 134 
DT "C1'" "H1'"  sing N N 135 
DT N1    C2     sing N N 136 
DT N1    C6     sing N N 137 
DT C2    O2     doub N N 138 
DT C2    N3     sing N N 139 
DT N3    C4     sing N N 140 
DT N3    H3     sing N N 141 
DT C4    O4     doub N N 142 
DT C4    C5     sing N N 143 
DT C5    C7     sing N N 144 
DT C5    C6     doub N N 145 
DT C7    H71    sing N N 146 
DT C7    H72    sing N N 147 
DT C7    H73    sing N N 148 
DT C6    H6     sing N N 149 
# 
loop_
_ndb_struct_conf_na.entry_id 
_ndb_struct_conf_na.feature 
9PGR 'double helix'        
9PGR 'b-form double helix' 
# 
loop_
_ndb_struct_na_base_pair.model_number 
_ndb_struct_na_base_pair.i_label_asym_id 
_ndb_struct_na_base_pair.i_label_comp_id 
_ndb_struct_na_base_pair.i_label_seq_id 
_ndb_struct_na_base_pair.i_symmetry 
_ndb_struct_na_base_pair.j_label_asym_id 
_ndb_struct_na_base_pair.j_label_comp_id 
_ndb_struct_na_base_pair.j_label_seq_id 
_ndb_struct_na_base_pair.j_symmetry 
_ndb_struct_na_base_pair.shear 
_ndb_struct_na_base_pair.stretch 
_ndb_struct_na_base_pair.stagger 
_ndb_struct_na_base_pair.buckle 
_ndb_struct_na_base_pair.propeller 
_ndb_struct_na_base_pair.opening 
_ndb_struct_na_base_pair.pair_number 
_ndb_struct_na_base_pair.pair_name 
_ndb_struct_na_base_pair.i_auth_asym_id 
_ndb_struct_na_base_pair.i_auth_seq_id 
_ndb_struct_na_base_pair.i_PDB_ins_code 
_ndb_struct_na_base_pair.j_auth_asym_id 
_ndb_struct_na_base_pair.j_auth_seq_id 
_ndb_struct_na_base_pair.j_PDB_ins_code 
_ndb_struct_na_base_pair.hbond_type_28 
_ndb_struct_na_base_pair.hbond_type_12 
1 A DC 1  1_555 B DG 7 1_555 0.164  -0.147 0.349  1.877  -2.364  -0.230 1  E_DC115:DG128_B E 115 ? B 128 ? 19 1 
1 A DG 2  1_555 B DC 6 1_555 0.812  -0.305 0.728  -2.397 -20.235 -4.378 2  E_DG116:DC127_B E 116 ? B 127 ? 19 1 
1 A DG 3  1_555 B DC 5 1_555 -1.147 -0.578 -0.209 -3.880 -18.553 1.789  3  E_DG117:DC126_B E 117 ? B 126 ? 19 1 
1 A DA 4  1_555 C DT 6 1_555 0.215  -0.099 -0.163 -9.260 -10.918 -4.082 4  E_DA118:DT109_C E 118 ? C 109 ? 20 1 
1 A DC 5  1_555 C DG 5 1_555 0.173  -0.436 0.197  0.675  -1.620  -1.022 5  E_DC119:DG108_C E 119 ? C 108 ? 19 1 
1 A DA 6  1_555 C DT 4 1_555 0.088  -0.078 0.025  -2.454 -2.083  -3.491 6  E_DA120:DT107_C E 120 ? C 107 ? 20 1 
1 A DT 7  1_555 C DA 3 1_555 -0.117 -0.080 -0.013 0.236  -0.924  -1.883 7  E_DT121:DA106_C E 121 ? C 106 ? 20 1 
1 A DC 8  1_555 C DG 2 1_555 0.216  -0.156 0.050  0.581  -1.859  2.229  8  E_DC122:DG105_C E 122 ? C 105 ? 19 1 
1 A DA 9  1_555 C DT 1 1_555 0.150  -0.081 0.212  0.125  -1.543  -3.850 9  E_DA123:DT104_C E 123 ? C 104 ? 20 1 
1 B DT 1  1_555 D DA 9 1_555 0.003  -0.101 0.053  -2.079 -3.777  1.393  10 B_DT122:DA114_A B 122 ? A 114 ? 20 1 
1 B DA 2  1_555 D DT 8 1_555 0.707  -0.493 -0.741 6.364  -3.291  2.525  11 B_DA123:DT113_A B 123 ? A 113 ? 20 1 
1 B DC 3  1_555 D DG 7 1_555 0.748  -0.320 -0.721 17.296 -5.135  -1.259 12 B_DC124:DG112_A B 124 ? A 112 ? 19 1 
1 B DA 4  1_555 D DT 6 1_555 0.067  -0.379 -0.176 15.035 -20.753 5.141  13 B_DA125:DT111_A B 125 ? A 111 ? 20 1 
1 C DG 7  1_555 D DC 5 1_555 -1.103 -0.585 0.244  0.691  -10.897 1.912  14 C_DG110:DC110_A C 110 ? A 110 ? 19 1 
1 C DG 8  1_555 D DC 4 1_555 -0.869 -0.361 0.018  -4.092 -17.149 -3.365 15 C_DG111:DC109_A C 111 ? A 109 ? 19 1 
1 C DT 9  1_555 D DA 3 1_555 -0.114 -0.196 -0.418 -2.869 -8.561  0.310  16 C_DT112:DA108_A C 112 ? A 108 ? 20 1 
1 C DG 10 1_555 D DC 2 1_555 -0.197 -0.150 -0.192 -4.101 -4.465  -0.248 17 C_DG113:DC107_A C 113 ? A 107 ? 19 1 
1 C DC 11 1_555 D DG 1 1_555 0.214  -0.105 -0.008 -0.136 -0.069  1.236  18 C_DC114:DG106_A C 114 ? A 106 ? 19 1 
# 
loop_
_ndb_struct_na_base_pair_step.model_number 
_ndb_struct_na_base_pair_step.i_label_asym_id_1 
_ndb_struct_na_base_pair_step.i_label_comp_id_1 
_ndb_struct_na_base_pair_step.i_label_seq_id_1 
_ndb_struct_na_base_pair_step.i_symmetry_1 
_ndb_struct_na_base_pair_step.j_label_asym_id_1 
_ndb_struct_na_base_pair_step.j_label_comp_id_1 
_ndb_struct_na_base_pair_step.j_label_seq_id_1 
_ndb_struct_na_base_pair_step.j_symmetry_1 
_ndb_struct_na_base_pair_step.i_label_asym_id_2 
_ndb_struct_na_base_pair_step.i_label_comp_id_2 
_ndb_struct_na_base_pair_step.i_label_seq_id_2 
_ndb_struct_na_base_pair_step.i_symmetry_2 
_ndb_struct_na_base_pair_step.j_label_asym_id_2 
_ndb_struct_na_base_pair_step.j_label_comp_id_2 
_ndb_struct_na_base_pair_step.j_label_seq_id_2 
_ndb_struct_na_base_pair_step.j_symmetry_2 
_ndb_struct_na_base_pair_step.shift 
_ndb_struct_na_base_pair_step.slide 
_ndb_struct_na_base_pair_step.rise 
_ndb_struct_na_base_pair_step.tilt 
_ndb_struct_na_base_pair_step.roll 
_ndb_struct_na_base_pair_step.twist 
_ndb_struct_na_base_pair_step.x_displacement 
_ndb_struct_na_base_pair_step.y_displacement 
_ndb_struct_na_base_pair_step.helical_rise 
_ndb_struct_na_base_pair_step.inclination 
_ndb_struct_na_base_pair_step.tip 
_ndb_struct_na_base_pair_step.helical_twist 
_ndb_struct_na_base_pair_step.step_number 
_ndb_struct_na_base_pair_step.step_name 
_ndb_struct_na_base_pair_step.i_auth_asym_id_1 
_ndb_struct_na_base_pair_step.i_auth_seq_id_1 
_ndb_struct_na_base_pair_step.i_PDB_ins_code_1 
_ndb_struct_na_base_pair_step.j_auth_asym_id_1 
_ndb_struct_na_base_pair_step.j_auth_seq_id_1 
_ndb_struct_na_base_pair_step.j_PDB_ins_code_1 
_ndb_struct_na_base_pair_step.i_auth_asym_id_2 
_ndb_struct_na_base_pair_step.i_auth_seq_id_2 
_ndb_struct_na_base_pair_step.i_PDB_ins_code_2 
_ndb_struct_na_base_pair_step.j_auth_asym_id_2 
_ndb_struct_na_base_pair_step.j_auth_seq_id_2 
_ndb_struct_na_base_pair_step.j_PDB_ins_code_2 
1 A DC 1  1_555 B DG 7 1_555 A DG 2  1_555 B DC 6 1_555 0.214  3.057  3.504 0.048  -18.138 52.399 4.292  -0.228 2.405 -19.876 
-0.052 55.239 1  EE_DC115DG116:DC127DG128_BB E 115 ? B 128 ? E 116 ? B 127 ? 
1 A DG 2  1_555 B DC 6 1_555 A DG 3  1_555 B DC 5 1_555 0.700  1.579  3.593 -1.644 -1.394  33.854 2.950  -1.486 3.490 -2.390  
2.820  33.920 2  EE_DG116DG117:DC126DC127_BB E 116 ? B 127 ? E 117 ? B 126 ? 
1 A DG 3  1_555 B DC 5 1_555 A DA 4  1_555 C DT 6 1_555 -0.885 0.010  3.208 -3.057 -1.527  39.134 0.196  0.956  3.263 -2.275  
4.553  39.277 3  EE_DG117DA118:DT109DC126_CB E 117 ? B 126 ? E 118 ? C 109 ? 
1 A DA 4  1_555 C DT 6 1_555 A DC 5  1_555 C DG 5 1_555 0.408  -0.318 2.927 -4.302 0.943   31.138 -0.743 -1.466 2.835 1.746   
7.964  31.440 4  EE_DA118DC119:DG108DT109_CC E 118 ? C 109 ? E 119 ? C 108 ? 
1 A DC 5  1_555 C DG 5 1_555 A DA 6  1_555 C DT 4 1_555 -0.620 -0.382 3.212 -0.997 -0.019  35.610 -0.622 0.871  3.228 -0.031  
1.631  35.624 5  EE_DC119DA120:DT107DG108_CC E 119 ? C 108 ? E 120 ? C 107 ? 
1 A DA 6  1_555 C DT 4 1_555 A DT 7  1_555 C DA 3 1_555 -0.152 -0.956 3.206 -0.240 0.280   30.311 -1.884 0.244  3.199 0.535   
0.458  30.313 6  EE_DA120DT121:DA106DT107_CC E 120 ? C 107 ? E 121 ? C 106 ? 
1 A DT 7  1_555 C DA 3 1_555 A DC 8  1_555 C DG 2 1_555 0.285  -0.932 3.158 0.991  3.065   34.831 -1.992 -0.331 3.074 5.106   
-1.651 34.975 7  EE_DT121DC122:DG105DA106_CC E 121 ? C 106 ? E 122 ? C 105 ? 
1 A DC 8  1_555 C DG 2 1_555 A DA 9  1_555 C DT 1 1_555 -0.632 3.709  3.830 -3.894 9.708   43.018 3.748  0.366  4.560 13.009  
5.218  44.213 8  EE_DC122DA123:DT104DG105_CC E 122 ? C 105 ? E 123 ? C 104 ? 
1 B DT 1  1_555 D DA 9 1_555 B DA 2  1_555 D DT 8 1_555 0.315  1.312  3.381 3.347  3.032   39.084 1.570  -0.050 3.484 4.514   
-4.983 39.334 9  BB_DT122DA123:DT113DA114_AA B 122 ? A 114 ? B 123 ? A 113 ? 
1 B DA 2  1_555 D DT 8 1_555 B DC 3  1_555 D DG 7 1_555 0.050  -0.200 3.001 0.550  9.289   32.950 -1.676 -0.006 2.842 15.984  
-0.946 34.204 10 BB_DA123DC124:DG112DT113_AA B 123 ? A 113 ? B 124 ? A 112 ? 
1 B DC 3  1_555 D DG 7 1_555 B DA 4  1_555 D DT 6 1_555 0.866  1.839  3.255 4.342  5.549   34.602 2.167  -0.750 3.577 9.211   
-7.207 35.290 11 BB_DC124DA125:DT111DG112_AA B 124 ? A 112 ? B 125 ? A 111 ? 
1 B DA 4  1_555 D DT 6 1_555 C DG 7  1_555 D DC 5 1_555 1.264  -2.016 3.458 -5.070 10.777  18.455 -8.840 -4.988 1.643 29.901  
14.066 21.936 12 BC_DA125DG110:DC110DT111_AA B 125 ? A 111 ? C 110 ? A 110 ? 
1 C DG 7  1_555 D DC 5 1_555 C DG 8  1_555 D DC 4 1_555 0.098  -0.953 3.285 0.467  7.538   38.520 -2.300 -0.091 3.053 11.294  
-0.699 39.225 13 CC_DG110DG111:DC109DC110_AA C 110 ? A 110 ? C 111 ? A 109 ? 
1 C DG 8  1_555 D DC 4 1_555 C DT 9  1_555 D DA 3 1_555 -0.815 -0.917 3.149 5.615  -0.281  32.325 -1.579 2.354  2.977 -0.501  
-9.991 32.798 14 CC_DG111DT112:DA108DC109_AA C 111 ? A 109 ? C 112 ? A 108 ? 
1 C DT 9  1_555 D DA 3 1_555 C DG 10 1_555 D DC 2 1_555 0.063  0.494  3.759 2.245  -1.466  35.254 1.061  0.277  3.733 -2.416  
-3.700 35.353 15 CC_DT112DG113:DC107DA108_AA C 112 ? A 108 ? C 113 ? A 107 ? 
1 C DG 10 1_555 D DC 2 1_555 C DC 11 1_555 D DG 1 1_555 0.391  -1.122 3.256 -1.800 1.141   34.274 -2.076 -0.941 3.194 1.934   
3.050  34.339 16 CC_DG113DC114:DG106DC107_AA C 113 ? A 107 ? C 114 ? A 106 ? 
# 
loop_
_pdbx_audit_support.funding_organization 
_pdbx_audit_support.country 
_pdbx_audit_support.grant_number 
_pdbx_audit_support.ordinal 
'Office of Naval Research (ONR)'                   'United States' N000141912596 1 
'Department of Energy (DOE, United States)'        'United States' DE-SC0007991  2 
'National Science Foundation (NSF, United States)' 'United States' CCF-2106790   3 
'National Science Foundation (NSF, United States)' 'United States' GCR-2317843   4 
# 
_pdbx_initial_refinement_model.id               1 
_pdbx_initial_refinement_model.entity_id_list   ? 
_pdbx_initial_refinement_model.type             'experimental model' 
_pdbx_initial_refinement_model.source_name      PDB 
_pdbx_initial_refinement_model.accession_code   8D93 
_pdbx_initial_refinement_model.details          ? 
# 
_space_group.name_H-M_alt     'P 3 2 1' 
_space_group.name_Hall        
;P 3 2"
;
_space_group.IT_number        150 
_space_group.crystal_system   trigonal 
_space_group.id               1 
# 
_atom_sites.entry_id                    9PGR 
_atom_sites.Cartn_transf_matrix[1][1]   ? 
_atom_sites.Cartn_transf_matrix[1][2]   ? 
_atom_sites.Cartn_transf_matrix[1][3]   ? 
_atom_sites.Cartn_transf_matrix[2][1]   ? 
_atom_sites.Cartn_transf_matrix[2][2]   ? 
_atom_sites.Cartn_transf_matrix[2][3]   ? 
_atom_sites.Cartn_transf_matrix[3][1]   ? 
_atom_sites.Cartn_transf_matrix[3][2]   ? 
_atom_sites.Cartn_transf_matrix[3][3]   ? 
_atom_sites.Cartn_transf_vector[1]      ? 
_atom_sites.Cartn_transf_vector[2]      ? 
_atom_sites.Cartn_transf_vector[3]      ? 
_atom_sites.Cartn_transform_axes        ? 
_atom_sites.fract_transf_matrix[1][1]   0.00440762 
_atom_sites.fract_transf_matrix[1][2]   -0.00062077 
_atom_sites.fract_transf_matrix[1][3]   -0.00956942 
_atom_sites.fract_transf_matrix[2][1]   -0.00484968 
_atom_sites.fract_transf_matrix[2][2]   -0.00533484 
_atom_sites.fract_transf_matrix[2][3]   -0.00770760 
_atom_sites.fract_transf_matrix[3][1]   -0.00958201 
_atom_sites.fract_transf_matrix[3][2]   0.01664719 
_atom_sites.fract_transf_matrix[3][3]   -0.00549333 
_atom_sites.fract_transf_vector[1]      0.380680 
_atom_sites.fract_transf_vector[2]      -0.142207 
_atom_sites.fract_transf_vector[3]      0.193207 
_atom_sites.solution_primary            ? 
_atom_sites.solution_secondary          ? 
_atom_sites.solution_hydrogens          ? 
_atom_sites.special_details             ? 
# 
loop_
_atom_type.symbol 
_atom_type.scat_dispersion_real 
_atom_type.scat_dispersion_imag 
_atom_type.scat_Cromer_Mann_a1 
_atom_type.scat_Cromer_Mann_a2 
_atom_type.scat_Cromer_Mann_a3 
_atom_type.scat_Cromer_Mann_a4 
_atom_type.scat_Cromer_Mann_b1 
_atom_type.scat_Cromer_Mann_b2 
_atom_type.scat_Cromer_Mann_b3 
_atom_type.scat_Cromer_Mann_b4 
_atom_type.scat_Cromer_Mann_c 
_atom_type.scat_source 
_atom_type.scat_dispersion_source 
C ? ? 5.96793  ? ? ? 14.89577 ? ? ? 0.0 
;1-Gaussian fit: Grosse-Kunstleve RW, Sauter NK, Adams PD: Newsletter of the IUCr Commission on Crystallographic Computing 2004, 3, 22-31.
;
? 
N ? ? 6.96715  ? ? ? 11.43723 ? ? ? 0.0 
;1-Gaussian fit: Grosse-Kunstleve RW, Sauter NK, Adams PD: Newsletter of the IUCr Commission on Crystallographic Computing 2004, 3, 22-31.
;
? 
O ? ? 7.96527  ? ? ? 9.05267  ? ? ? 0.0 
;1-Gaussian fit: Grosse-Kunstleve RW, Sauter NK, Adams PD: Newsletter of the IUCr Commission on Crystallographic Computing 2004, 3, 22-31.
;
? 
P ? ? 14.90797 ? ? ? 11.91318 ? ? ? 0.0 
;1-Gaussian fit: Grosse-Kunstleve RW, Sauter NK, Adams PD: Newsletter of the IUCr Commission on Crystallographic Computing 2004, 3, 22-31.
;
? 
# 
loop_
_atom_site.group_PDB 
_atom_site.id 
_atom_site.type_symbol 
_atom_site.label_atom_id 
_atom_site.label_alt_id 
_atom_site.label_comp_id 
_atom_site.label_asym_id 
_atom_site.label_entity_id 
_atom_site.label_seq_id 
_atom_site.pdbx_PDB_ins_code 
_atom_site.Cartn_x 
_atom_site.Cartn_y 
_atom_site.Cartn_z 
_atom_site.occupancy 
_atom_site.B_iso_or_equiv 
_atom_site.pdbx_formal_charge 
_atom_site.auth_seq_id 
_atom_site.auth_comp_id 
_atom_site.auth_asym_id 
_atom_site.auth_atom_id 
_atom_site.pdbx_PDB_model_num 
ATOM 1   P P     . DC A 1 1  ? 13.56213  12.43358  4.61436   1.000 189.64752 ? 115 DC E P     1 
ATOM 2   O OP1   . DC A 1 1  ? 13.76641  13.35849  3.47868   1.000 183.72904 ? 115 DC E OP1   1 
ATOM 3   O OP2   . DC A 1 1  ? 12.55896  12.75694  5.65300   1.000 217.81576 ? 115 DC E OP2   1 
ATOM 4   O "O5'" . DC A 1 1  ? 13.22414  10.98392  4.03664   1.000 184.30063 ? 115 DC E "O5'" 1 
ATOM 5   C "C5'" . DC A 1 1  ? 11.88350  10.55172  3.97435   1.000 205.09727 ? 115 DC E "C5'" 1 
ATOM 6   C "C4'" . DC A 1 1  ? 11.24301  10.94998  2.66529   1.000 206.62223 ? 115 DC E "C4'" 1 
ATOM 7   O "O4'" . DC A 1 1  ? 11.76856  10.11280  1.60092   1.000 183.74289 ? 115 DC E "O4'" 1 
ATOM 8   C "C3'" . DC A 1 1  ? 9.73914   10.74668  2.63217   1.000 230.35755 ? 115 DC E "C3'" 1 
ATOM 9   O "O3'" . DC A 1 1  ? 9.13843   11.62375  1.68283   1.000 234.77033 ? 115 DC E "O3'" 1 
ATOM 10  C "C2'" . DC A 1 1  ? 9.64901   9.29683   2.17796   1.000 218.88951 ? 115 DC E "C2'" 1 
ATOM 11  C "C1'" . DC A 1 1  ? 10.74461  9.26617   1.11956   1.000 191.50798 ? 115 DC E "C1'" 1 
ATOM 12  N N1    . DC A 1 1  ? 11.31750  7.91079   0.88250   1.000 169.70518 ? 115 DC E N1    1 
ATOM 13  C C2    . DC A 1 1  ? 11.85661  7.59650   -0.37022  1.000 151.84824 ? 115 DC E C2    1 
ATOM 14  O O2    . DC A 1 1  ? 11.84997  8.45513   -1.25885  1.000 154.51778 ? 115 DC E O2    1 
ATOM 15  N N3    . DC A 1 1  ? 12.37514  6.35571   -0.56887  1.000 145.69411 ? 115 DC E N3    1 
ATOM 16  C C4    . DC A 1 1  ? 12.36230  5.46104   0.42270   1.000 143.73879 ? 115 DC E C4    1 
ATOM 17  N N4    . DC A 1 1  ? 12.88122  4.25112   0.18600   1.000 138.30420 ? 115 DC E N4    1 
ATOM 18  C C5    . DC A 1 1  ? 11.81577  5.76579   1.70311   1.000 148.04679 ? 115 DC E C5    1 
ATOM 19  C C6    . DC A 1 1  ? 11.30589  6.98790   1.88461   1.000 169.36245 ? 115 DC E C6    1 
ATOM 20  P P     . DG A 1 2  ? 9.17572   13.24483  1.80256   1.000 223.32958 ? 116 DG E P     1 
ATOM 21  O OP1   . DG A 1 2  ? 9.62517   13.64153  3.16631   1.000 227.28092 ? 116 DG E OP1   1 
ATOM 22  O OP2   . DG A 1 2  ? 7.88721   13.76527  1.28498   1.000 240.25766 ? 116 DG E OP2   1 
ATOM 23  O "O5'" . DG A 1 2  ? 10.30410  13.64003  0.75193   1.000 197.31618 ? 116 DG E "O5'" 1 
ATOM 24  C "C5'" . DG A 1 2  ? 10.05552  14.63530  -0.25705  1.000 194.47720 ? 116 DG E "C5'" 1 
ATOM 25  C "C4'" . DG A 1 2  ? 9.86696   13.99937  -1.61527  1.000 188.28660 ? 116 DG E "C4'" 1 
ATOM 26  O "O4'" . DG A 1 2  ? 9.75818   12.55896  -1.49191  1.000 186.97037 ? 116 DG E "O4'" 1 
ATOM 27  C "C3'" . DG A 1 2  ? 8.59973   14.44655  -2.34474  1.000 202.83616 ? 116 DG E "C3'" 1 
ATOM 28  O "O3'" . DG A 1 2  ? 8.83725   14.52861  -3.75049  1.000 192.52736 ? 116 DG E "O3'" 1 
ATOM 29  C "C2'" . DG A 1 2  ? 7.63681   13.30976  -2.07348  1.000 218.50407 ? 116 DG E "C2'" 1 
ATOM 30  C "C1'" . DG A 1 2  ? 8.58296   12.13524  -2.16258  1.000 199.70081 ? 116 DG E "C1'" 1 
ATOM 31  N N9    . DG A 1 2  ? 8.10965   10.91963  -1.51496  1.000 206.52164 ? 116 DG E N9    1 
ATOM 32  C C8    . DG A 1 2  ? 7.22086   10.82151  -0.47292  1.000 227.51834 ? 116 DG E C8    1 
ATOM 33  N N7    . DG A 1 2  ? 6.99794   9.58954   -0.10434  1.000 225.23341 ? 116 DG E N7    1 
ATOM 34  C C5    . DG A 1 2  ? 7.77710   8.82817   -0.96313  1.000 200.30636 ? 116 DG E C5    1 
ATOM 35  C C6    . DG A 1 2  ? 7.94347   7.42352   -1.05135  1.000 182.54382 ? 116 DG E C6    1 
ATOM 36  O O6    . DG A 1 2  ? 7.42214   6.54060   -0.36279  1.000 183.07421 ? 116 DG E O6    1 
ATOM 37  N N1    . DG A 1 2  ? 8.82589   7.07747   -2.06814  1.000 159.80792 ? 116 DG E N1    1 
ATOM 38  C C2    . DG A 1 2  ? 9.46623   7.96557   -2.89404  1.000 157.54568 ? 116 DG E C2    1 
ATOM 39  N N2    . DG A 1 2  ? 10.27804  7.43318   -3.81410  1.000 153.26595 ? 116 DG E N2    1 
ATOM 40  N N3    . DG A 1 2  ? 9.32043   9.27690   -2.82264  1.000 166.65223 ? 116 DG E N3    1 
ATOM 41  C C4    . DG A 1 2  ? 8.46965   9.63584   -1.84016  1.000 190.06811 ? 116 DG E C4    1 
ATOM 42  P P     . DG A 1 3  ? 8.03468   15.59075  -4.62698  1.000 210.43626 ? 117 DG E P     1 
ATOM 43  O OP1   . DG A 1 3  ? 8.37855   16.94335  -4.12817  1.000 212.70365 ? 117 DG E OP1   1 
ATOM 44  O OP2   . DG A 1 3  ? 6.61504   15.16575  -4.67878  1.000 223.25775 ? 117 DG E OP2   1 
ATOM 45  O "O5'" . DG A 1 3  ? 8.66228   15.41380  -6.07974  1.000 202.63583 ? 117 DG E "O5'" 1 
ATOM 46  C "C5'" . DG A 1 3  ? 9.89773   14.70470  -6.27043  1.000 195.61876 ? 117 DG E "C5'" 1 
ATOM 47  C "C4'" . DG A 1 3  ? 9.65323   13.40103  -6.99433  1.000 188.98537 ? 117 DG E "C4'" 1 
ATOM 48  O "O4'" . DG A 1 3  ? 9.13748   12.41776  -6.06319  1.000 184.03493 ? 117 DG E "O4'" 1 
ATOM 49  C "C3'" . DG A 1 3  ? 8.63563   13.46569  -8.13645  1.000 192.69142 ? 117 DG E "C3'" 1 
ATOM 50  O "O3'" . DG A 1 3  ? 9.07076   12.60990  -9.19404  1.000 188.22641 ? 117 DG E "O3'" 1 
ATOM 51  C "C2'" . DG A 1 3  ? 7.39068   12.86512  -7.51938  1.000 191.57985 ? 117 DG E "C2'" 1 
ATOM 52  C "C1'" . DG A 1 3  ? 8.01590   11.79429  -6.65811  1.000 183.53263 ? 117 DG E "C1'" 1 
ATOM 53  N N9    . DG A 1 3  ? 7.15465   11.29922  -5.59416  1.000 197.25813 ? 117 DG E N9    1 
ATOM 54  C C8    . DG A 1 3  ? 6.31158   12.03252  -4.79623  1.000 216.94013 ? 117 DG E C8    1 
ATOM 55  N N7    . DG A 1 3  ? 5.65619   11.30163  -3.93684  1.000 230.83277 ? 117 DG E N7    1 
ATOM 56  C C5    . DG A 1 3  ? 6.07702   10.00538  -4.19858  1.000 217.90486 ? 117 DG E C5    1 
ATOM 57  C C6    . DG A 1 3  ? 5.70911   8.78131   -3.58951  1.000 220.06527 ? 117 DG E C6    1 
ATOM 58  O O6    . DG A 1 3  ? 4.90808   8.59089   -2.66752  1.000 235.37432 ? 117 DG E O6    1 
ATOM 59  N N1    . DG A 1 3  ? 6.37467   7.70504   -4.16435  1.000 198.29842 ? 117 DG E N1    1 
ATOM 60  C C2    . DG A 1 3  ? 7.28098   7.79401   -5.19191  1.000 178.76245 ? 117 DG E C2    1 
ATOM 61  N N2    . DG A 1 3  ? 7.82197   6.64027   -5.60599  1.000 162.68210 ? 117 DG E N2    1 
ATOM 62  N N3    . DG A 1 3  ? 7.63593   8.93015   -5.76482  1.000 177.98391 ? 117 DG E N3    1 
ATOM 63  C C4    . DG A 1 3  ? 7.00150   9.98800   -5.22012  1.000 197.15414 ? 117 DG E C4    1 
ATOM 64  P P     . DA A 1 4  ? 8.38875   12.68414  -10.64158 1.000 194.34816 ? 118 DA E P     1 
ATOM 65  O OP1   . DA A 1 4  ? 8.84335   13.93225  -11.29992 1.000 201.79352 ? 118 DA E OP1   1 
ATOM 66  O OP2   . DA A 1 4  ? 6.93721   12.41023  -10.49991 1.000 196.00272 ? 118 DA E OP2   1 
ATOM 67  O "O5'" . DA A 1 4  ? 9.03147   11.43839  -11.39556 1.000 187.64613 ? 118 DA E "O5'" 1 
ATOM 68  C "C5'" . DA A 1 4  ? 9.76271   10.44070  -10.66120 1.000 179.50616 ? 118 DA E "C5'" 1 
ATOM 69  C "C4'" . DA A 1 4  ? 9.01224   9.12865   -10.66248 1.000 174.68522 ? 118 DA E "C4'" 1 
ATOM 70  O "O4'" . DA A 1 4  ? 8.24371   9.01040   -9.44391  1.000 173.75581 ? 118 DA E "O4'" 1 
ATOM 71  C "C3'" . DA A 1 4  ? 8.02099   8.95692   -11.81776 1.000 178.38134 ? 118 DA E "C3'" 1 
ATOM 72  O "O3'" . DA A 1 4  ? 8.30402   7.75284   -12.54543 1.000 173.95418 ? 118 DA E "O3'" 1 
ATOM 73  C "C2'" . DA A 1 4  ? 6.66721   8.85094   -11.13770 1.000 179.59175 ? 118 DA E "C2'" 1 
ATOM 74  C "C1'" . DA A 1 4  ? 7.01914   8.37793   -9.74460  1.000 174.08053 ? 118 DA E "C1'" 1 
ATOM 75  N N9    . DA A 1 4  ? 6.05039   8.77368   -8.72844  1.000 178.12174 ? 118 DA E N9    1 
ATOM 76  C C8    . DA A 1 4  ? 5.60951   10.04083  -8.44353  1.000 191.47936 ? 118 DA E C8    1 
ATOM 77  N N7    . DA A 1 4  ? 4.72387   10.08840  -7.47829  1.000 210.63818 ? 118 DA E N7    1 
ATOM 78  C C5    . DA A 1 4  ? 4.56860   8.76151   -7.10439  1.000 206.21709 ? 118 DA E C5    1 
ATOM 79  C C6    . DA A 1 4  ? 3.76003   8.14114   -6.13748  1.000 217.66084 ? 118 DA E C6    1 
ATOM 80  N N6    . DA A 1 4  ? 2.93243   8.80626   -5.32948  1.000 239.03956 ? 118 DA E N6    1 
ATOM 81  N N1    . DA A 1 4  ? 3.83778   6.79783   -6.02343  1.000 203.48736 ? 118 DA E N1    1 
ATOM 82  C C2    . DA A 1 4  ? 4.66557   6.13324   -6.83740  1.000 181.99444 ? 118 DA E C2    1 
ATOM 83  N N3    . DA A 1 4  ? 5.47147   6.60325   -7.78619  1.000 174.14498 ? 118 DA E N3    1 
ATOM 84  C C4    . DA A 1 4  ? 5.37268   7.94027   -7.87169  1.000 184.10830 ? 118 DA E C4    1 
ATOM 85  P P     . DC A 1 5  ? 7.67377   7.45506   -14.03232 1.000 183.90057 ? 119 DC E P     1 
ATOM 86  O OP1   . DC A 1 5  ? 8.81567   7.11343   -14.91007 1.000 182.62357 ? 119 DC E OP1   1 
ATOM 87  O OP2   . DC A 1 5  ? 6.78133   8.58389   -14.38630 1.000 192.09158 ? 119 DC E OP2   1 
ATOM 88  O "O5'" . DC A 1 5  ? 6.78264   6.14778   -13.82105 1.000 179.80178 ? 119 DC E "O5'" 1 
ATOM 89  C "C5'" . DC A 1 5  ? 7.19404   5.17889   -12.86704 1.000 172.51374 ? 119 DC E "C5'" 1 
ATOM 90  C "C4'" . DC A 1 5  ? 5.99888   4.48770   -12.24049 1.000 171.17771 ? 119 DC E "C4'" 1 
ATOM 91  O "O4'" . DC A 1 5  ? 5.44270   5.30505   -11.17186 1.000 173.33919 ? 119 DC E "O4'" 1 
ATOM 92  C "C3'" . DC A 1 5  ? 4.83527   4.20170   -13.20138 1.000 175.32101 ? 119 DC E "C3'" 1 
ATOM 93  O "O3'" . DC A 1 5  ? 4.43955   2.84117   -13.07738 1.000 171.26144 ? 119 DC E "O3'" 1 
ATOM 94  C "C2'" . DC A 1 5  ? 3.73823   5.14813   -12.70748 1.000 180.50500 ? 119 DC E "C2'" 1 
ATOM 95  C "C1'" . DC A 1 5  ? 4.04697   5.16697   -11.22507 1.000 176.48718 ? 119 DC E "C1'" 1 
ATOM 96  N N1    . DC A 1 5  ? 3.38164   6.27591   -10.46075 1.000 186.88927 ? 119 DC E N1    1 
ATOM 97  C C2    . DC A 1 5  ? 2.53451   5.95349   -9.39647  1.000 198.14478 ? 119 DC E C2    1 
ATOM 98  O O2    . DC A 1 5  ? 2.36561   4.76210   -9.11188  1.000 188.44030 ? 119 DC E O2    1 
ATOM 99  N N3    . DC A 1 5  ? 1.92766   6.95331   -8.70845  1.000 218.50534 ? 119 DC E N3    1 
ATOM 100 C C4    . DC A 1 5  ? 2.13979   8.22336   -9.05552  1.000 226.30409 ? 119 DC E C4    1 
ATOM 101 N N4    . DC A 1 5  ? 1.52258   9.17878   -8.34941  1.000 245.74090 ? 119 DC E N4    1 
ATOM 102 C C5    . DC A 1 5  ? 2.99774   8.57223   -10.14217 1.000 212.51598 ? 119 DC E C5    1 
ATOM 103 C C6    . DC A 1 5  ? 3.58802   7.57552   -10.81370 1.000 193.87730 ? 119 DC E C6    1 
ATOM 104 P P     . DA A 1 6  ? 3.48493   2.16233   -14.17857 1.000 176.98729 ? 120 DA E P     1 
ATOM 105 O OP1   . DA A 1 6  ? 4.19084   2.22465   -15.47923 1.000 179.34517 ? 120 DA E OP1   1 
ATOM 106 O OP2   . DA A 1 6  ? 2.13532   2.75676   -14.05987 1.000 182.28302 ? 120 DA E OP2   1 
ATOM 107 O "O5'" . DA A 1 6  ? 3.39635   0.63671   -13.70497 1.000 171.31572 ? 120 DA E "O5'" 1 
ATOM 108 C "C5'" . DA A 1 6  ? 3.45219   0.31537   -12.31407 1.000 166.81971 ? 120 DA E "C5'" 1 
ATOM 109 C "C4'" . DA A 1 6  ? 2.05976   0.27592   -11.69956 1.000 169.12710 ? 120 DA E "C4'" 1 
ATOM 110 O "O4'" . DA A 1 6  ? 1.76847   1.54401   -11.08357 1.000 172.41235 ? 120 DA E "O4'" 1 
ATOM 111 C "C3'" . DA A 1 6  ? 0.91967   0.01211   -12.68514 1.000 173.84625 ? 120 DA E "C3'" 1 
ATOM 112 O "O3'" . DA A 1 6  ? 0.40965   -1.33970  -12.51717 1.000 171.48430 ? 120 DA E "O3'" 1 
ATOM 113 C "C2'" . DA A 1 6  ? -0.12609  1.11317   -12.39762 1.000 179.47504 ? 120 DA E "C2'" 1 
ATOM 114 C "C1'" . DA A 1 6  ? 0.37925   1.76024   -11.11087 1.000 177.23311 ? 120 DA E "C1'" 1 
ATOM 115 N N9    . DA A 1 6  ? 0.15842   3.20144   -11.03149 1.000 182.55500 ? 120 DA E N9    1 
ATOM 116 C C8    . DA A 1 6  ? 0.75668   4.15993   -11.79612 1.000 185.70980 ? 120 DA E C8    1 
ATOM 117 N N7    . DA A 1 6  ? 0.39893   5.38180   -11.49520 1.000 192.66769 ? 120 DA E N7    1 
ATOM 118 C C5    . DA A 1 6  ? -0.48886  5.21934   -10.44623 1.000 201.74252 ? 120 DA E C5    1 
ATOM 119 C C6    . DA A 1 6  ? -1.21957  6.14403   -9.67893  1.000 221.68217 ? 120 DA E C6    1 
ATOM 120 N N6    . DA A 1 6  ? -1.15751  7.46351   -9.87266  1.000 233.86327 ? 120 DA E N6    1 
ATOM 121 N N1    . DA A 1 6  ? -2.01772  5.65902   -8.70546  1.000 226.46441 ? 120 DA E N1    1 
ATOM 122 C C2    . DA A 1 6  ? -2.07609  4.33184   -8.51967  1.000 210.96874 ? 120 DA E C2    1 
ATOM 123 N N3    . DA A 1 6  ? -1.43081  3.36413   -9.17742  1.000 192.65838 ? 120 DA E N3    1 
ATOM 124 C C4    . DA A 1 6  ? -0.64608  3.88178   -10.13765 1.000 190.17755 ? 120 DA E C4    1 
ATOM 125 P P     . DT A 1 7  ? -0.84930  -1.68650  -11.56851 1.000 172.32314 ? 121 DT E P     1 
ATOM 126 O OP1   . DT A 1 7  ? -0.71911  -0.99545  -10.26512 1.000 172.10219 ? 121 DT E OP1   1 
ATOM 127 O OP2   . DT A 1 7  ? -0.97482  -3.16141  -11.57506 1.000 169.52632 ? 121 DT E OP2   1 
ATOM 128 O "O5'" . DT A 1 7  ? -2.10722  -1.11892  -12.37486 1.000 179.44105 ? 121 DT E "O5'" 1 
ATOM 129 C "C5'" . DT A 1 7  ? -3.39819  -1.66655  -12.16805 1.000 181.97038 ? 121 DT E "C5'" 1 
ATOM 130 C "C4'" . DT A 1 7  ? -3.98422  -1.19910  -10.84941 1.000 185.11529 ? 121 DT E "C4'" 1 
ATOM 131 O "O4'" . DT A 1 7  ? -3.51460  0.14853   -10.55227 1.000 194.25693 ? 121 DT E "O4'" 1 
ATOM 132 C "C3'" . DT A 1 7  ? -5.50792  -1.12368  -10.82883 1.000 192.38442 ? 121 DT E "C3'" 1 
ATOM 133 O "O3'" . DT A 1 7  ? -5.99934  -1.49676  -9.54936  1.000 193.96264 ? 121 DT E "O3'" 1 
ATOM 134 C "C2'" . DT A 1 7  ? -5.76557  0.34944   -11.11945 1.000 207.25914 ? 121 DT E "C2'" 1 
ATOM 135 C "C1'" . DT A 1 7  ? -4.62712  0.99845   -10.35290 1.000 208.71519 ? 121 DT E "C1'" 1 
ATOM 136 N N1    . DT A 1 7  ? -4.28341  2.38269   -10.83441 1.000 220.40720 ? 121 DT E N1    1 
ATOM 137 C C2    . DT A 1 7  ? -4.85122  3.48020   -10.21666 1.000 239.22876 ? 121 DT E C2    1 
ATOM 138 O O2    . DT A 1 7  ? -5.63092  3.39555   -9.28407  1.000 245.78806 ? 121 DT E O2    1 
ATOM 139 N N3    . DT A 1 7  ? -4.46750  4.69262   -10.73586 1.000 248.65290 ? 121 DT E N3    1 
ATOM 140 C C4    . DT A 1 7  ? -3.59420  4.91219   -11.78650 1.000 239.79063 ? 121 DT E C4    1 
ATOM 141 O O4    . DT A 1 7  ? -3.30929  6.03871   -12.18271 1.000 246.74123 ? 121 DT E O4    1 
ATOM 142 C C5    . DT A 1 7  ? -3.03948  3.72413   -12.38674 1.000 220.55961 ? 121 DT E C5    1 
ATOM 143 C C7    . DT A 1 7  ? -2.08321  3.84252   -13.53594 1.000 210.15158 ? 121 DT E C7    1 
ATOM 144 C C6    . DT A 1 7  ? -3.40535  2.53184   -11.88859 1.000 212.41347 ? 121 DT E C6    1 
ATOM 145 P P     . DC A 1 8  ? -7.55122  -1.87447  -9.36172  1.000 201.12185 ? 122 DC E P     1 
ATOM 146 O OP1   . DC A 1 8  ? -7.60109  -3.25825  -8.84223  1.000 189.35653 ? 122 DC E OP1   1 
ATOM 147 O OP2   . DC A 1 8  ? -8.25909  -1.54052  -10.62084 1.000 205.78649 ? 122 DC E OP2   1 
ATOM 148 O "O5'" . DC A 1 8  ? -8.05379  -0.89035  -8.20127  1.000 214.55401 ? 122 DC E "O5'" 1 
ATOM 149 C "C5'" . DC A 1 8  ? -7.75316  0.50071   -8.26329  1.000 226.61281 ? 122 DC E "C5'" 1 
ATOM 150 C "C4'" . DC A 1 8  ? -9.02265  1.32724   -8.34470  1.000 239.49425 ? 122 DC E "C4'" 1 
ATOM 151 O "O4'" . DC A 1 8  ? -8.71730  2.62972   -8.91253  1.000 249.50140 ? 122 DC E "O4'" 1 
ATOM 152 C "C3'" . DC A 1 8  ? -10.11459 0.74670   -9.23582  1.000 236.62438 ? 122 DC E "C3'" 1 
ATOM 153 O "O3'" . DC A 1 8  ? -11.38554 1.16961   -8.76308  1.000 241.23648 ? 122 DC E "O3'" 1 
ATOM 154 C "C2'" . DC A 1 8  ? -9.78860  1.38629   -10.57923 1.000 238.77118 ? 122 DC E "C2'" 1 
ATOM 155 C "C1'" . DC A 1 8  ? -9.42722  2.79176   -10.12531 1.000 249.97522 ? 122 DC E "C1'" 1 
ATOM 156 N N1    . DC A 1 8  ? -8.56405  3.54184   -11.07805 1.000 252.46868 ? 122 DC E N1    1 
ATOM 157 C C2    . DC A 1 8  ? -8.57930  4.93451   -11.05335 1.000 264.00638 ? 122 DC E C2    1 
ATOM 158 O O2    . DC A 1 8  ? -9.31785  5.50236   -10.24089 1.000 271.46622 ? 122 DC E O2    1 
ATOM 159 N N3    . DC A 1 8  ? -7.78934  5.61625   -11.91819 1.000 264.54570 ? 122 DC E N3    1 
ATOM 160 C C4    . DC A 1 8  ? -7.00969  4.95097   -12.77397 1.000 252.78433 ? 122 DC E C4    1 
ATOM 161 N N4    . DC A 1 8  ? -6.24504  5.66229   -13.61050 1.000 251.33071 ? 122 DC E N4    1 
ATOM 162 C C5    . DC A 1 8  ? -6.98103  3.52699   -12.81145 1.000 239.57634 ? 122 DC E C5    1 
ATOM 163 C C6    . DC A 1 8  ? -7.76767  2.86971   -11.95467 1.000 240.38378 ? 122 DC E C6    1 
ATOM 164 P P     . DA A 1 9  ? -12.18132 0.30257   -7.66772  1.000 249.57743 ? 123 DA E P     1 
ATOM 165 O OP1   . DA A 1 9  ? -11.28002 0.03774   -6.52202  1.000 245.34154 ? 123 DA E OP1   1 
ATOM 166 O OP2   . DA A 1 9  ? -12.80323 -0.82950  -8.38795  1.000 241.74807 ? 123 DA E OP2   1 
ATOM 167 O "O5'" . DA A 1 9  ? -13.35075 1.28235   -7.18285  1.000 257.96578 ? 123 DA E "O5'" 1 
ATOM 168 C "C5'" . DA A 1 9  ? -14.68885 0.80975   -7.11745  1.000 255.54991 ? 123 DA E "C5'" 1 
ATOM 169 C "C4'" . DA A 1 9  ? -15.67131 1.91644   -7.45424  1.000 264.75335 ? 123 DA E "C4'" 1 
ATOM 170 O "O4'" . DA A 1 9  ? -15.06954 2.82250   -8.40935  1.000 270.77732 ? 123 DA E "O4'" 1 
ATOM 171 C "C3'" . DA A 1 9  ? -16.95848 1.45237   -8.11007  1.000 264.14282 ? 123 DA E "C3'" 1 
ATOM 172 O "O3'" . DA A 1 9  ? -17.99536 2.39717   -7.86787  1.000 271.88891 ? 123 DA E "O3'" 1 
ATOM 173 C "C2'" . DA A 1 9  ? -16.57114 1.41036   -9.58583  1.000 263.50719 ? 123 DA E "C2'" 1 
ATOM 174 C "C1'" . DA A 1 9  ? -15.60347 2.59115   -9.70294  1.000 269.00999 ? 123 DA E "C1'" 1 
ATOM 175 N N9    . DA A 1 9  ? -14.48802 2.34199   -10.61437 1.000 265.50270 ? 123 DA E N9    1 
ATOM 176 C C8    . DA A 1 9  ? -13.91143 1.13457   -10.89318 1.000 255.92082 ? 123 DA E C8    1 
ATOM 177 N N7    . DA A 1 9  ? -12.91973 1.20527   -11.74685 1.000 253.98820 ? 123 DA E N7    1 
ATOM 178 C C5    . DA A 1 9  ? -12.83482 2.55472   -12.04965 1.000 263.09936 ? 123 DA E C5    1 
ATOM 179 C C6    . DA A 1 9  ? -11.98000 3.28334   -12.90013 1.000 265.41698 ? 123 DA E C6    1 
ATOM 180 N N6    . DA A 1 9  ? -11.01187 2.71491   -13.62385 1.000 257.97954 ? 123 DA E N6    1 
ATOM 181 N N1    . DA A 1 9  ? -12.15936 4.61963   -12.97825 1.000 274.99974 ? 123 DA E N1    1 
ATOM 182 C C2    . DA A 1 9  ? -13.13201 5.18243   -12.24915 1.000 282.24002 ? 123 DA E C2    1 
ATOM 183 N N3    . DA A 1 9  ? -13.99778 4.60045   -11.41523 1.000 280.14507 ? 123 DA E N3    1 
ATOM 184 C C4    . DA A 1 9  ? -13.79320 3.27233   -11.36001 1.000 270.44616 ? 123 DA E C4    1 
ATOM 185 P P     . DT B 2 1  ? -6.67153  2.26842   17.31854  1.000 154.40104 ? 122 DT B P     1 
ATOM 186 O OP1   . DT B 2 1  ? -7.75017  2.23203   16.30395  1.000 153.54312 ? 122 DT B OP1   1 
ATOM 187 O OP2   . DT B 2 1  ? -6.09974  1.00898   17.84692  1.000 150.88014 ? 122 DT B OP2   1 
ATOM 188 O "O5'" . DT B 2 1  ? -5.45853  3.15484   16.76883  1.000 158.01223 ? 122 DT B "O5'" 1 
ATOM 189 C "C5'" . DT B 2 1  ? -5.67351  4.51630   16.41088  1.000 162.27862 ? 122 DT B "C5'" 1 
ATOM 190 C "C4'" . DT B 2 1  ? -4.82955  4.89982   15.20636  1.000 167.98732 ? 122 DT B "C4'" 1 
ATOM 191 O "O4'" . DT B 2 1  ? -3.41658  4.75336   15.52370  1.000 167.06559 ? 122 DT B "O4'" 1 
ATOM 192 C "C3'" . DT B 2 1  ? -5.06040  4.04660   13.95805  1.000 170.94117 ? 122 DT B "C3'" 1 
ATOM 193 O "O3'" . DT B 2 1  ? -4.97350  4.86521   12.79590  1.000 178.80275 ? 122 DT B "O3'" 1 
ATOM 194 C "C2'" . DT B 2 1  ? -3.90186  3.05497   14.02362  1.000 168.58188 ? 122 DT B "C2'" 1 
ATOM 195 C "C1'" . DT B 2 1  ? -2.80420  3.97203   14.52076  1.000 170.37753 ? 122 DT B "C1'" 1 
ATOM 196 N N1    . DT B 2 1  ? -1.61987  3.27139   15.10675  1.000 166.17529 ? 122 DT B N1    1 
ATOM 197 C C2    . DT B 2 1  ? -0.36448  3.76696   14.85155  1.000 169.53677 ? 122 DT B C2    1 
ATOM 198 O O2    . DT B 2 1  ? -0.16621  4.74884   14.16085  1.000 175.69216 ? 122 DT B O2    1 
ATOM 199 N N3    . DT B 2 1  ? 0.65811   3.07271   15.43357  1.000 165.01556 ? 122 DT B N3    1 
ATOM 200 C C4    . DT B 2 1  ? 0.55390   1.94824   16.23362  1.000 161.43856 ? 122 DT B C4    1 
ATOM 201 O O4    . DT B 2 1  ? 1.53780   1.39453   16.71257  1.000 161.46644 ? 122 DT B O4    1 
ATOM 202 C C5    . DT B 2 1  ? -0.79310  1.47571   16.46751  1.000 157.98742 ? 122 DT B C5    1 
ATOM 203 C C7    . DT B 2 1  ? -1.03190  0.26345   17.31991  1.000 154.12693 ? 122 DT B C7    1 
ATOM 204 C C6    . DT B 2 1  ? -1.80414  2.15316   15.89808  1.000 159.03254 ? 122 DT B C6    1 
ATOM 205 P P     . DA B 2 2  ? -5.83685  4.51932   11.47529  1.000 156.17758 ? 123 DA B P     1 
ATOM 206 O OP1   . DA B 2 2  ? -7.24124  4.94381   11.70912  1.000 156.36375 ? 123 DA B OP1   1 
ATOM 207 O OP2   . DA B 2 2  ? -5.54469  3.11888   11.06402  1.000 152.43025 ? 123 DA B OP2   1 
ATOM 208 O "O5'" . DA B 2 2  ? -5.20079  5.47965   10.37752  1.000 160.97612 ? 123 DA B "O5'" 1 
ATOM 209 C "C5'" . DA B 2 2  ? -4.04548  6.27696   10.69122  1.000 164.19020 ? 123 DA B "C5'" 1 
ATOM 210 C "C4'" . DA B 2 2  ? -2.86769  5.87123   9.83662   1.000 165.27208 ? 123 DA B "C4'" 1 
ATOM 211 O "O4'" . DA B 2 2  ? -1.96228  5.04837   10.61150  1.000 162.86051 ? 123 DA B "O4'" 1 
ATOM 212 C "C3'" . DA B 2 2  ? -3.20519  5.05477   8.58753   1.000 164.33003 ? 123 DA B "C3'" 1 
ATOM 213 O "O3'" . DA B 2 2  ? -2.32140  5.45764   7.54309   1.000 168.55119 ? 123 DA B "O3'" 1 
ATOM 214 C "C2'" . DA B 2 2  ? -2.87260  3.63485   8.99957   1.000 159.84276 ? 123 DA B "C2'" 1 
ATOM 215 C "C1'" . DA B 2 2  ? -1.66613  3.87107   9.88032   1.000 160.80982 ? 123 DA B "C1'" 1 
ATOM 216 N N9    . DA B 2 2  ? -1.39892  2.80545   10.84001  1.000 156.79670 ? 123 DA B N9    1 
ATOM 217 C C8    . DA B 2 2  ? -2.27160  1.88817   11.36811  1.000 152.24224 ? 123 DA B C8    1 
ATOM 218 N N7    . DA B 2 2  ? -1.71703  1.06264   12.22318  1.000 149.75267 ? 123 DA B N7    1 
ATOM 219 C C5    . DA B 2 2  ? -0.38947  1.46411   12.25883  1.000 152.93449 ? 123 DA B C5    1 
ATOM 220 C C6    . DA B 2 2  ? 0.72459   0.98324   12.96423  1.000 152.83236 ? 123 DA B C6    1 
ATOM 221 N N6    . DA B 2 2  ? 0.67748   -0.04764  13.81009  1.000 149.24304 ? 123 DA B N6    1 
ATOM 222 N N1    . DA B 2 2  ? 1.90574   1.61007   12.77443  1.000 156.89072 ? 123 DA B N1    1 
ATOM 223 C C2    . DA B 2 2  ? 1.95565   2.63653   11.91755  1.000 160.66498 ? 123 DA B C2    1 
ATOM 224 N N3    . DA B 2 2  ? 0.98160   3.17533   11.19076  1.000 161.24733 ? 123 DA B N3    1 
ATOM 225 C C4    . DA B 2 2  ? -0.17910  2.53512   11.40981  1.000 157.22506 ? 123 DA B C4    1 
ATOM 226 P P     . DC B 2 3  ? -2.60481  5.14533   5.98907   1.000 156.08571 ? 124 DC B P     1 
ATOM 227 O OP1   . DC B 2 3  ? -3.44352  6.24036   5.44256   1.000 159.51261 ? 124 DC B OP1   1 
ATOM 228 O OP2   . DC B 2 3  ? -3.03661  3.72991   5.84239   1.000 151.73642 ? 124 DC B OP2   1 
ATOM 229 O "O5'" . DC B 2 3  ? -1.14860  5.25379   5.35239   1.000 160.05052 ? 124 DC B "O5'" 1 
ATOM 230 C "C5'" . DC B 2 3  ? 0.00215   5.44879   6.19814   1.000 160.42462 ? 124 DC B "C5'" 1 
ATOM 231 C "C4'" . DC B 2 3  ? 1.11031   4.49116   5.82548   1.000 160.67869 ? 124 DC B "C4'" 1 
ATOM 232 O "O4'" . DC B 2 3  ? 1.33777   3.56577   6.91578   1.000 156.07991 ? 124 DC B "O4'" 1 
ATOM 233 C "C3'" . DC B 2 3  ? 0.83332   3.62679   4.59477   1.000 161.08817 ? 124 DC B "C3'" 1 
ATOM 234 O "O3'" . DC B 2 3  ? 2.03426   3.44615   3.84365   1.000 165.21653 ? 124 DC B "O3'" 1 
ATOM 235 C "C2'" . DC B 2 3  ? 0.42027   2.29786   5.19390   1.000 155.21014 ? 124 DC B "C2'" 1 
ATOM 236 C "C1'" . DC B 2 3  ? 1.31695   2.24143   6.41188   1.000 153.76532 ? 124 DC B "C1'" 1 
ATOM 237 N N1    . DC B 2 3  ? 0.83037   1.35909   7.47800   1.000 148.08713 ? 124 DC B N1    1 
ATOM 238 C C2    . DC B 2 3  ? 1.74102   0.87149   8.41599   1.000 146.73099 ? 124 DC B C2    1 
ATOM 239 O O2    . DC B 2 3  ? 2.93120   1.19977   8.32037   1.000 150.30573 ? 124 DC B O2    1 
ATOM 240 N N3    . DC B 2 3  ? 1.30263   0.05794   9.40283   1.000 141.89588 ? 124 DC B N3    1 
ATOM 241 C C4    . DC B 2 3  ? 0.01178   -0.27349  9.46813   1.000 138.38844 ? 124 DC B C4    1 
ATOM 242 N N4    . DC B 2 3  ? -0.37759  -1.08308  10.45422  1.000 133.94076 ? 124 DC B N4    1 
ATOM 243 C C5    . DC B 2 3  ? -0.93951  0.21338   8.52608   1.000 139.63692 ? 124 DC B C5    1 
ATOM 244 C C6    . DC B 2 3  ? -0.48994  1.01577   7.55500   1.000 144.52328 ? 124 DC B C6    1 
ATOM 245 P P     . DA B 2 4  ? 2.23993   4.11743   2.40613   1.000 157.44856 ? 125 DA B P     1 
ATOM 246 O OP1   . DA B 2 4  ? 2.10760   5.59029   2.54347   1.000 160.46123 ? 125 DA B OP1   1 
ATOM 247 O OP2   . DA B 2 4  ? 1.41139   3.38079   1.41897   1.000 157.18331 ? 125 DA B OP2   1 
ATOM 248 O "O5'" . DA B 2 4  ? 3.76868   3.79721   2.10404   1.000 161.15054 ? 125 DA B "O5'" 1 
ATOM 249 C "C5'" . DA B 2 4  ? 4.68687   3.56073   3.18253   1.000 159.24976 ? 125 DA B "C5'" 1 
ATOM 250 C "C4'" . DA B 2 4  ? 5.13047   2.11641   3.19243   1.000 157.01410 ? 125 DA B "C4'" 1 
ATOM 251 O "O4'" . DA B 2 4  ? 4.26801   1.34323   4.05939   1.000 150.29938 ? 125 DA B "O4'" 1 
ATOM 252 C "C3'" . DA B 2 4  ? 5.09806   1.41581   1.83140   1.000 160.01616 ? 125 DA B "C3'" 1 
ATOM 253 O "O3'" . DA B 2 4  ? 6.31166   0.68550   1.65818   1.000 162.47425 ? 125 DA B "O3'" 1 
ATOM 254 C "C2'" . DA B 2 4  ? 3.93922   0.44401   1.95152   1.000 154.36594 ? 125 DA B "C2'" 1 
ATOM 255 C "C1'" . DA B 2 4  ? 3.99608   0.11060   3.42407   1.000 148.79580 ? 125 DA B "C1'" 1 
ATOM 256 N N9    . DA B 2 4  ? 2.75566   -0.41779  3.98285   1.000 142.72937 ? 125 DA B N9    1 
ATOM 257 C C8    . DA B 2 4  ? 1.49125   -0.37003  3.45275   1.000 141.49843 ? 125 DA B C8    1 
ATOM 258 N N7    . DA B 2 4  ? 0.58127   -0.93972  4.20465   1.000 135.81347 ? 125 DA B N7    1 
ATOM 259 C C5    . DA B 2 4  ? 1.29659   -1.39711  5.30215   1.000 133.18197 ? 125 DA B C5    1 
ATOM 260 C C6    . DA B 2 4  ? 0.91012   -2.10103  6.45428   1.000 127.62477 ? 125 DA B C6    1 
ATOM 261 N N6    . DA B 2 4  ? -0.34477  -2.47400  6.70920   1.000 123.41017 ? 125 DA B N6    1 
ATOM 262 N N1    . DA B 2 4  ? 1.87069   -2.41028  7.35108   1.000 126.91280 ? 125 DA B N1    1 
ATOM 263 C C2    . DA B 2 4  ? 3.13082   -2.04271  7.09249   1.000 131.39979 ? 125 DA B C2    1 
ATOM 264 N N3    . DA B 2 4  ? 3.61761   -1.38161  6.04655   1.000 136.77173 ? 125 DA B N3    1 
ATOM 265 C C4    . DA B 2 4  ? 2.63736   -1.08863  5.17477   1.000 137.39568 ? 125 DA B C4    1 
ATOM 266 P P     . DC B 2 5  ? 7.02139   0.65608   0.23649   1.000 152.33836 ? 126 DC B P     1 
ATOM 267 O OP1   . DC B 2 5  ? 7.99252   -0.46342  0.23053   1.000 150.82576 ? 126 DC B OP1   1 
ATOM 268 O OP2   . DC B 2 5  ? 7.48794   2.02940   -0.06690  1.000 153.55195 ? 126 DC B OP2   1 
ATOM 269 O "O5'" . DC B 2 5  ? 5.82627   0.27700   -0.74422  1.000 157.44655 ? 126 DC B "O5'" 1 
ATOM 270 C "C5'" . DC B 2 5  ? 6.00295   -0.71359  -1.77045  1.000 160.82348 ? 126 DC B "C5'" 1 
ATOM 271 C "C4'" . DC B 2 5  ? 6.03431   -0.05573  -3.13009  1.000 166.46994 ? 126 DC B "C4'" 1 
ATOM 272 O "O4'" . DC B 2 5  ? 5.19302   1.12064   -3.11647  1.000 168.09862 ? 126 DC B "O4'" 1 
ATOM 273 C "C3'" . DC B 2 5  ? 7.41750   0.41546   -3.58027  1.000 166.91313 ? 126 DC B "C3'" 1 
ATOM 274 O "O3'" . DC B 2 5  ? 7.59473   0.15093   -4.97110  1.000 172.86262 ? 126 DC B "O3'" 1 
ATOM 275 C "C2'" . DC B 2 5  ? 7.38708   1.91208   -3.34138  1.000 166.73720 ? 126 DC B "C2'" 1 
ATOM 276 C "C1'" . DC B 2 5  ? 5.92684   2.25442   -3.54273  1.000 169.49406 ? 126 DC B "C1'" 1 
ATOM 277 N N1    . DC B 2 5  ? 5.48131   3.40047   -2.74386  1.000 167.47069 ? 126 DC B N1    1 
ATOM 278 C C2    . DC B 2 5  ? 5.59678   4.67990   -3.28307  1.000 170.65783 ? 126 DC B C2    1 
ATOM 279 O O2    . DC B 2 5  ? 6.06131   4.80870   -4.42309  1.000 175.29438 ? 126 DC B O2    1 
ATOM 280 N N3    . DC B 2 5  ? 5.18238   5.74259   -2.55836  1.000 169.13307 ? 126 DC B N3    1 
ATOM 281 C C4    . DC B 2 5  ? 4.68331   5.56023   -1.33489  1.000 164.71892 ? 126 DC B C4    1 
ATOM 282 N N4    . DC B 2 5  ? 4.29613   6.63851   -0.65043  1.000 163.74028 ? 126 DC B N4    1 
ATOM 283 C C5    . DC B 2 5  ? 4.56395   4.26514   -0.75637  1.000 161.59903 ? 126 DC B C5    1 
ATOM 284 C C6    . DC B 2 5  ? 4.97076   3.22301   -1.48916  1.000 163.02620 ? 126 DC B C6    1 
ATOM 285 P P     . DC B 2 6  ? 8.23662   -1.22626  -5.43093  1.000 159.67957 ? 127 DC B P     1 
ATOM 286 O OP1   . DC B 2 6  ? 7.18961   -2.01197  -6.12753  1.000 163.77702 ? 127 DC B OP1   1 
ATOM 287 O OP2   . DC B 2 6  ? 8.93930   -1.81239  -4.26512  1.000 153.55873 ? 127 DC B OP2   1 
ATOM 288 O "O5'" . DC B 2 6  ? 9.32826   -0.76853  -6.49349  1.000 164.27106 ? 127 DC B "O5'" 1 
ATOM 289 C "C5'" . DC B 2 6  ? 10.71735  -0.72487  -6.13662  1.000 161.97150 ? 127 DC B "C5'" 1 
ATOM 290 C "C4'" . DC B 2 6  ? 11.32980  0.58103   -6.58238  1.000 164.95678 ? 127 DC B "C4'" 1 
ATOM 291 O "O4'" . DC B 2 6  ? 10.72146  1.67320   -5.85189  1.000 162.16454 ? 127 DC B "O4'" 1 
ATOM 292 C "C3'" . DC B 2 6  ? 12.82335  0.70181   -6.30489  1.000 163.81654 ? 127 DC B "C3'" 1 
ATOM 293 O "O3'" . DC B 2 6  ? 13.37997  1.66428   -7.19943  1.000 171.37676 ? 127 DC B "O3'" 1 
ATOM 294 C "C2'" . DC B 2 6  ? 12.83838  1.33194   -4.93070  1.000 157.45721 ? 127 DC B "C2'" 1 
ATOM 295 C "C1'" . DC B 2 6  ? 11.73684  2.35339   -5.12534  1.000 159.12541 ? 127 DC B "C1'" 1 
ATOM 296 N N1    . DC B 2 6  ? 11.13813  2.87620   -3.89319  1.000 153.74837 ? 127 DC B N1    1 
ATOM 297 C C2    . DC B 2 6  ? 10.81789  4.23141   -3.83551  1.000 154.87872 ? 127 DC B C2    1 
ATOM 298 O O2    . DC B 2 6  ? 11.05596  4.94445   -4.82117  1.000 160.36899 ? 127 DC B O2    1 
ATOM 299 N N3    . DC B 2 6  ? 10.26252  4.73340   -2.70933  1.000 150.43387 ? 127 DC B N3    1 
ATOM 300 C C4    . DC B 2 6  ? 10.02066  3.92994   -1.67103  1.000 145.23821 ? 127 DC B C4    1 
ATOM 301 N N4    . DC B 2 6  ? 9.46779   4.46588   -0.58088  1.000 141.59602 ? 127 DC B N4    1 
ATOM 302 C C5    . DC B 2 6  ? 10.34234  2.54244   -1.70179  1.000 144.01946 ? 127 DC B C5    1 
ATOM 303 C C6    . DC B 2 6  ? 10.89215  2.06139   -2.82391  1.000 148.26063 ? 127 DC B C6    1 
ATOM 304 P P     . DG B 2 7  ? 14.07463  1.23867   -8.60989  1.000 169.95460 ? 128 DG B P     1 
ATOM 305 O OP1   . DG B 2 7  ? 13.28812  0.12561   -9.18906  1.000 171.79427 ? 128 DG B OP1   1 
ATOM 306 O OP2   . DG B 2 7  ? 15.51523  1.05795   -8.32456  1.000 169.36751 ? 128 DG B OP2   1 
ATOM 307 O "O5'" . DG B 2 7  ? 13.92797  2.53008   -9.54292  1.000 176.59838 ? 128 DG B "O5'" 1 
ATOM 308 C "C5'" . DG B 2 7  ? 13.13078  3.62814   -9.10163  1.000 174.79591 ? 128 DG B "C5'" 1 
ATOM 309 C "C4'" . DG B 2 7  ? 13.70418  4.95124   -9.57991  1.000 179.76357 ? 128 DG B "C4'" 1 
ATOM 310 O "O4'" . DG B 2 7  ? 13.90296  5.82549   -8.45196  1.000 174.63375 ? 128 DG B "O4'" 1 
ATOM 311 C "C3'" . DG B 2 7  ? 15.06831  4.86532   -10.22677 1.000 184.85131 ? 128 DG B "C3'" 1 
ATOM 312 O "O3'" . DG B 2 7  ? 15.26833  5.99103   -11.07017 1.000 192.11396 ? 128 DG B "O3'" 1 
ATOM 313 C "C2'" . DG B 2 7  ? 16.01504  4.88673   -9.02022  1.000 178.76460 ? 128 DG B "C2'" 1 
ATOM 314 C "C1'" . DG B 2 7  ? 15.21916  5.65846   -7.95543  1.000 172.81231 ? 128 DG B "C1'" 1 
ATOM 315 N N9    . DG B 2 7  ? 15.13377  4.95886   -6.67531  1.000 164.58083 ? 128 DG B N9    1 
ATOM 316 C C8    . DG B 2 7  ? 15.54892  3.67675   -6.40786  1.000 161.83319 ? 128 DG B C8    1 
ATOM 317 N N7    . DG B 2 7  ? 15.34095  3.31008   -5.17425  1.000 154.75141 ? 128 DG B N7    1 
ATOM 318 C C5    . DG B 2 7  ? 14.73863  4.41539   -4.58537  1.000 152.65017 ? 128 DG B C5    1 
ATOM 319 C C6    . DG B 2 7  ? 14.28370  4.60840   -3.25786  1.000 146.16588 ? 128 DG B C6    1 
ATOM 320 O O6    . DG B 2 7  ? 14.32053  3.81097   -2.31283  1.000 140.90660 ? 128 DG B O6    1 
ATOM 321 N N1    . DG B 2 7  ? 13.74094  5.87697   -3.07825  1.000 146.67389 ? 128 DG B N1    1 
ATOM 322 C C2    . DG B 2 7  ? 13.64749  6.83993   -4.05568  1.000 152.67385 ? 128 DG B C2    1 
ATOM 323 N N2    . DG B 2 7  ? 13.09807  8.00880   -3.69743  1.000 152.46475 ? 128 DG B N2    1 
ATOM 324 N N3    . DG B 2 7  ? 14.07228  6.67156   -5.30324  1.000 158.95386 ? 128 DG B N3    1 
ATOM 325 C C4    . DG B 2 7  ? 14.60491  5.43954   -5.49628  1.000 158.54313 ? 128 DG B C4    1 
ATOM 326 O "O5'" . DT C 3 1  ? -7.22017  13.56997  -16.30541 1.000 274.69763 ? 104 DT C "O5'" 1 
ATOM 327 C "C5'" . DT C 3 1  ? -7.40229  12.15882  -16.33280 1.000 269.02279 ? 104 DT C "C5'" 1 
ATOM 328 C "C4'" . DT C 3 1  ? -8.87017  11.80045  -16.17854 1.000 272.31562 ? 104 DT C "C4'" 1 
ATOM 329 O "O4'" . DT C 3 1  ? -9.04215  10.38492  -16.39688 1.000 267.17438 ? 104 DT C "O4'" 1 
ATOM 330 C "C3'" . DT C 3 1  ? -9.46628  12.09885  -14.79817 1.000 273.27492 ? 104 DT C "C3'" 1 
ATOM 331 O "O3'" . DT C 3 1  ? -10.53377 13.03847  -14.91105 1.000 281.57856 ? 104 DT C "O3'" 1 
ATOM 332 C "C2'" . DT C 3 1  ? -9.94709  10.73249  -14.27427 1.000 268.14371 ? 104 DT C "C2'" 1 
ATOM 333 C "C1'" . DT C 3 1  ? -10.04610 9.90529   -15.54276 1.000 267.17659 ? 104 DT C "C1'" 1 
ATOM 334 N N1    . DT C 3 1  ? -9.83678  8.42340   -15.36902 1.000 259.94633 ? 104 DT C N1    1 
ATOM 335 C C2    . DT C 3 1  ? -10.67410 7.68790   -14.54807 1.000 258.59214 ? 104 DT C C2    1 
ATOM 336 O O2    . DT C 3 1  ? -11.58246 8.17498   -13.89876 1.000 262.81552 ? 104 DT C O2    1 
ATOM 337 N N3    . DT C 3 1  ? -10.39039 6.34321   -14.50652 1.000 252.20107 ? 104 DT C N3    1 
ATOM 338 C C4    . DT C 3 1  ? -9.38974  5.67631   -15.19624 1.000 247.22056 ? 104 DT C C4    1 
ATOM 339 O O4    . DT C 3 1  ? -9.21280  4.46703   -15.09633 1.000 241.90570 ? 104 DT C O4    1 
ATOM 340 C C5    . DT C 3 1  ? -8.56367  6.50226   -16.03984 1.000 248.95547 ? 104 DT C C5    1 
ATOM 341 C C7    . DT C 3 1  ? -7.45050  5.88958   -16.83790 1.000 244.17768 ? 104 DT C C7    1 
ATOM 342 C C6    . DT C 3 1  ? -8.82408  7.81582   -16.08547 1.000 255.15002 ? 104 DT C C6    1 
ATOM 343 P P     . DG C 3 2  ? -10.23111 14.61869  -14.87251 1.000 281.32452 ? 105 DG C P     1 
ATOM 344 O OP1   . DG C 3 2  ? -11.43796 15.30240  -14.35770 1.000 288.13176 ? 105 DG C OP1   1 
ATOM 345 O OP2   . DG C 3 2  ? -9.68763  14.99943  -16.19414 1.000 283.61730 ? 105 DG C OP2   1 
ATOM 346 O "O5'" . DG C 3 2  ? -9.04570  14.76544  -13.80430 1.000 275.83243 ? 105 DG C "O5'" 1 
ATOM 347 C "C5'" . DG C 3 2  ? -9.08174  15.80704  -12.82517 1.000 279.25539 ? 105 DG C "C5'" 1 
ATOM 348 C "C4'" . DG C 3 2  ? -9.81454  15.34086  -11.58134 1.000 277.77169 ? 105 DG C "C4'" 1 
ATOM 349 O "O4'" . DG C 3 2  ? -9.92065  13.90072  -11.61459 1.000 271.54681 ? 105 DG C "O4'" 1 
ATOM 350 C "C3'" . DG C 3 2  ? -9.11061  15.63517  -10.26987 1.000 274.80586 ? 105 DG C "C3'" 1 
ATOM 351 O "O3'" . DG C 3 2  ? -10.05027 15.56604  -9.19671  1.000 276.44445 ? 105 DG C "O3'" 1 
ATOM 352 C "C2'" . DG C 3 2  ? -8.10642  14.49231  -10.20790 1.000 265.96395 ? 105 DG C "C2'" 1 
ATOM 353 C "C1'" . DG C 3 2  ? -8.92452  13.33457  -10.78007 1.000 264.31344 ? 105 DG C "C1'" 1 
ATOM 354 N N9    . DG C 3 2  ? -8.13637  12.39950  -11.57358 1.000 258.53088 ? 105 DG C N9    1 
ATOM 355 C C8    . DG C 3 2  ? -7.20061  12.70418  -12.53347 1.000 258.05584 ? 105 DG C C8    1 
ATOM 356 N N7    . DG C 3 2  ? -6.65953  11.65041  -13.08115 1.000 252.45090 ? 105 DG C N7    1 
ATOM 357 C C5    . DG C 3 2  ? -7.26664  10.58219  -12.43356 1.000 248.97719 ? 105 DG C C5    1 
ATOM 358 C C6    . DG C 3 2  ? -7.09042  9.18921   -12.60177 1.000 242.84363 ? 105 DG C C6    1 
ATOM 359 O O6    . DG C 3 2  ? -6.32672  8.59939   -13.37924 1.000 239.05160 ? 105 DG C O6    1 
ATOM 360 N N1    . DG C 3 2  ? -7.91079  8.46007   -11.74387 1.000 241.44828 ? 105 DG C N1    1 
ATOM 361 C C2    . DG C 3 2  ? -8.79410  9.01080   -10.84354 1.000 245.49506 ? 105 DG C C2    1 
ATOM 362 N N2    . DG C 3 2  ? -9.50408  8.15876   -10.09599 1.000 243.57996 ? 105 DG C N2    1 
ATOM 363 N N3    . DG C 3 2  ? -8.96877  10.31025  -10.68139 1.000 251.25108 ? 105 DG C N3    1 
ATOM 364 C C4    . DG C 3 2  ? -8.17742  11.03169  -11.50476 1.000 252.66881 ? 105 DG C C4    1 
ATOM 365 P P     . DA C 3 3  ? -9.55546  15.57448  -7.66671  1.000 276.19027 ? 106 DA C P     1 
ATOM 366 O OP1   . DA C 3 3  ? -10.69101 16.03796  -6.84169  1.000 281.51763 ? 106 DA C OP1   1 
ATOM 367 O OP2   . DA C 3 3  ? -8.26295  16.29395  -7.59907  1.000 274.99120 ? 106 DA C OP2   1 
ATOM 368 O "O5'" . DA C 3 3  ? -9.29352  14.03083  -7.33545  1.000 267.91922 ? 106 DA C "O5'" 1 
ATOM 369 C "C5'" . DA C 3 3  ? -10.37162 13.10328  -7.37481  1.000 267.59116 ? 106 DA C "C5'" 1 
ATOM 370 C "C4'" . DA C 3 3  ? -10.08290 11.90081  -6.49277  1.000 260.53414 ? 106 DA C "C4'" 1 
ATOM 371 O "O4'" . DA C 3 3  ? -9.44779  10.85830  -7.27583  1.000 254.64627 ? 106 DA C "O4'" 1 
ATOM 372 C "C3'" . DA C 3 3  ? -9.16419  12.17568  -5.30572  1.000 257.70464 ? 106 DA C "C3'" 1 
ATOM 373 O "O3'" . DA C 3 3  ? -9.66566  11.52105  -4.14547  1.000 257.86125 ? 106 DA C "O3'" 1 
ATOM 374 C "C2'" . DA C 3 3  ? -7.81490  11.60842  -5.75249  1.000 251.08939 ? 106 DA C "C2'" 1 
ATOM 375 C "C1'" . DA C 3 3  ? -8.21702  10.48177  -6.69418  1.000 248.44864 ? 106 DA C "C1'" 1 
ATOM 376 N N9    . DA C 3 3  ? -7.25853  10.26996  -7.77507  1.000 245.40245 ? 106 DA C N9    1 
ATOM 377 C C8    . DA C 3 3  ? -6.64876  11.23389  -8.52879  1.000 248.16964 ? 106 DA C C8    1 
ATOM 378 N N7    . DA C 3 3  ? -5.83526  10.75921  -9.44057  1.000 244.53601 ? 106 DA C N7    1 
ATOM 379 C C5    . DA C 3 3  ? -5.92148  9.38587   -9.28061  1.000 239.01024 ? 106 DA C C5    1 
ATOM 380 C C6    . DA C 3 3  ? -5.29971  8.31467   -9.94916  1.000 233.49803 ? 106 DA C C6    1 
ATOM 381 N N6    . DA C 3 3  ? -4.43399  8.48130   -10.95427 1.000 232.61772 ? 106 DA C N6    1 
ATOM 382 N N1    . DA C 3 3  ? -5.60185  7.06199   -9.54516  1.000 229.13397 ? 106 DA C N1    1 
ATOM 383 C C2    . DA C 3 3  ? -6.47178  6.90204   -8.53791  1.000 230.24319 ? 106 DA C C2    1 
ATOM 384 N N3    . DA C 3 3  ? -7.11870  7.83276   -7.83299  1.000 235.23805 ? 106 DA C N3    1 
ATOM 385 C C4    . DA C 3 3  ? -6.79515  9.06545   -8.25853  1.000 239.47467 ? 106 DA C C4    1 
ATOM 386 P P     . DT C 3 4  ? -8.80759  11.47676  -2.78699  1.000 249.00185 ? 107 DT C P     1 
ATOM 387 O OP1   . DT C 3 4  ? -9.77572  11.43334  -1.66990  1.000 253.93184 ? 107 DT C OP1   1 
ATOM 388 O OP2   . DT C 3 4  ? -7.78477  12.54711  -2.81854  1.000 248.88761 ? 107 DT C OP2   1 
ATOM 389 O "O5'" . DT C 3 4  ? -8.07150  10.06145  -2.86481  1.000 240.48266 ? 107 DT C "O5'" 1 
ATOM 390 C "C5'" . DT C 3 4  ? -8.81582  8.90776   -3.23700  1.000 239.18838 ? 107 DT C "C5'" 1 
ATOM 391 C "C4'" . DT C 3 4  ? -7.95645  7.66101   -3.17905  1.000 231.26953 ? 107 DT C "C4'" 1 
ATOM 392 O "O4'" . DT C 3 4  ? -7.19250  7.53028   -4.40589  1.000 226.54630 ? 107 DT C "O4'" 1 
ATOM 393 C "C3'" . DT C 3 4  ? -6.94521  7.62108   -2.03089  1.000 228.01989 ? 107 DT C "C3'" 1 
ATOM 394 O "O3'" . DT C 3 4  ? -7.03226  6.36609   -1.36900  1.000 225.10504 ? 107 DT C "O3'" 1 
ATOM 395 C "C2'" . DT C 3 4  ? -5.59801  7.80438   -2.73431  1.000 222.36244 ? 107 DT C "C2'" 1 
ATOM 396 C "C1'" . DT C 3 4  ? -5.86692  7.18085   -4.09299  1.000 220.42441 ? 107 DT C "C1'" 1 
ATOM 397 N N1    . DT C 3 4  ? -4.97843  7.70535   -5.16980  1.000 220.33790 ? 107 DT C N1    1 
ATOM 398 C C2    . DT C 3 4  ? -4.29954  6.82224   -5.98257  1.000 215.48770 ? 107 DT C C2    1 
ATOM 399 O O2    . DT C 3 4  ? -4.38405  5.61227   -5.87241  1.000 211.18266 ? 107 DT C O2    1 
ATOM 400 N N3    . DT C 3 4  ? -3.51353  7.41398   -6.93873  1.000 216.08841 ? 107 DT C N3    1 
ATOM 401 C C4    . DT C 3 4  ? -3.34389  8.77248   -7.15460  1.000 220.99284 ? 107 DT C C4    1 
ATOM 402 O O4    . DT C 3 4  ? -2.61621  9.21307   -8.03792  1.000 221.32418 ? 107 DT C O4    1 
ATOM 403 C C5    . DT C 3 4  ? -4.08264  9.63841   -6.26763  1.000 225.92759 ? 107 DT C C5    1 
ATOM 404 C C7    . DT C 3 4  ? -3.97649  11.12775  -6.40540  1.000 231.72817 ? 107 DT C C7    1 
ATOM 405 C C6    . DT C 3 4  ? -4.85404  9.06914   -5.33073  1.000 225.35354 ? 107 DT C C6    1 
ATOM 406 P P     . DG C 3 5  ? -6.18074  6.00952   -0.03262  1.000 204.66443 ? 108 DG C P     1 
ATOM 407 O OP1   . DG C 3 5  ? -7.10731  5.38560   0.94389   1.000 208.10690 ? 108 DG C OP1   1 
ATOM 408 O OP2   . DG C 3 5  ? -5.35967  7.18117   0.38017   1.000 205.51563 ? 108 DG C OP2   1 
ATOM 409 O "O5'" . DG C 3 5  ? -5.20444  4.86327   -0.55051  1.000 196.56881 ? 108 DG C "O5'" 1 
ATOM 410 C "C5'" . DG C 3 5  ? -5.58778  4.04173   -1.66592  1.000 194.28599 ? 108 DG C "C5'" 1 
ATOM 411 C "C4'" . DG C 3 5  ? -4.39617  3.27974   -2.19500  1.000 186.61849 ? 108 DG C "C4'" 1 
ATOM 412 O "O4'" . DG C 3 5  ? -3.78721  4.02346   -3.27641  1.000 185.17110 ? 108 DG C "O4'" 1 
ATOM 413 C "C3'" . DG C 3 5  ? -3.28732  3.02911   -1.17191  1.000 182.89191 ? 108 DG C "C3'" 1 
ATOM 414 O "O3'" . DG C 3 5  ? -2.82413  1.68657   -1.31324  1.000 177.35925 ? 108 DG C "O3'" 1 
ATOM 415 C "C2'" . DG C 3 5  ? -2.20096  4.01012   -1.57048  1.000 180.82937 ? 108 DG C "C2'" 1 
ATOM 416 C "C1'" . DG C 3 5  ? -2.39001  4.09970   -3.06768  1.000 181.67852 ? 108 DG C "C1'" 1 
ATOM 417 N N9    . DG C 3 5  ? -1.92304  5.34952   -3.65147  1.000 185.00387 ? 108 DG C N9    1 
ATOM 418 C C8    . DG C 3 5  ? -2.25999  6.62344   -3.26547  1.000 190.38706 ? 108 DG C C8    1 
ATOM 419 N N7    . DG C 3 5  ? -1.68436  7.54598   -3.98687  1.000 192.49130 ? 108 DG C N7    1 
ATOM 420 C C5    . DG C 3 5  ? -0.92101  6.83821   -4.90293  1.000 188.21427 ? 108 DG C C5    1 
ATOM 421 C C6    . DG C 3 5  ? -0.07400  7.29713   -5.94248  1.000 188.19255 ? 108 DG C C6    1 
ATOM 422 O O6    . DG C 3 5  ? 0.18108   8.46169   -6.26958  1.000 192.07481 ? 108 DG C O6    1 
ATOM 423 N N1    . DG C 3 5  ? 0.51024   6.24005   -6.63005  1.000 183.18833 ? 108 DG C N1    1 
ATOM 424 C C2    . DG C 3 5  ? 0.30773   4.91096   -6.35498  1.000 178.80054 ? 108 DG C C2    1 
ATOM 425 N N2    . DG C 3 5  ? 0.96213   4.03862   -7.13240  1.000 174.53825 ? 108 DG C N2    1 
ATOM 426 N N3    . DG C 3 5  ? -0.48063  4.46983   -5.38929  1.000 178.79462 ? 108 DG C N3    1 
ATOM 427 C C4    . DG C 3 5  ? -1.05886  5.48105   -4.70936  1.000 183.57779 ? 108 DG C C4    1 
ATOM 428 P P     . DT C 3 6  ? -1.97453  0.94745   -0.15452  1.000 164.12303 ? 109 DT C P     1 
ATOM 429 O OP1   . DT C 3 6  ? -2.92281  0.20787   0.71305   1.000 167.62522 ? 109 DT C OP1   1 
ATOM 430 O OP2   . DT C 3 6  ? -1.01339  1.90976   0.44511   1.000 163.80228 ? 109 DT C OP2   1 
ATOM 431 O "O5'" . DT C 3 6  ? -1.10703  -0.10216  -0.97894  1.000 156.98615 ? 109 DT C "O5'" 1 
ATOM 432 C "C5'" . DT C 3 6  ? -0.98833  0.01934   -2.40706  1.000 154.68474 ? 109 DT C "C5'" 1 
ATOM 433 C "C4'" . DT C 3 6  ? 0.46560   0.06197   -2.81737  1.000 151.45288 ? 109 DT C "C4'" 1 
ATOM 434 O "O4'" . DT C 3 6  ? 0.75890   1.34759   -3.41524  1.000 154.90449 ? 109 DT C "O4'" 1 
ATOM 435 C "C3'" . DT C 3 6  ? 1.46827   -0.11130  -1.67284  1.000 148.77878 ? 109 DT C "C3'" 1 
ATOM 436 O "O3'" . DT C 3 6  ? 2.54955   -0.95177  -2.08365  1.000 143.89256 ? 109 DT C "O3'" 1 
ATOM 437 C "C2'" . DT C 3 6  ? 1.99540   1.29301   -1.44974  1.000 152.07862 ? 109 DT C "C2'" 1 
ATOM 438 C "C1'" . DT C 3 6  ? 1.95967   1.84291   -2.85950  1.000 153.78901 ? 109 DT C "C1'" 1 
ATOM 439 N N1    . DT C 3 6  ? 1.92477   3.30937   -2.94060  1.000 158.67062 ? 109 DT C N1    1 
ATOM 440 C C2    . DT C 3 6  ? 2.49399   3.91256   -4.03667  1.000 159.52729 ? 109 DT C C2    1 
ATOM 441 O O2    . DT C 3 6  ? 3.01578   3.28804   -4.94464  1.000 156.44689 ? 109 DT C O2    1 
ATOM 442 N N3    . DT C 3 6  ? 2.43235   5.28321   -4.03053  1.000 164.35625 ? 109 DT C N3    1 
ATOM 443 C C4    . DT C 3 6  ? 1.86635   6.08858   -3.06109  1.000 168.33008 ? 109 DT C C4    1 
ATOM 444 O O4    . DT C 3 6  ? 1.88362   7.30753   -3.19404  1.000 172.65542 ? 109 DT C O4    1 
ATOM 445 C C5    . DT C 3 6  ? 1.29032   5.38719   -1.93795  1.000 167.15201 ? 109 DT C C5    1 
ATOM 446 C C7    . DT C 3 6  ? 0.66036   6.17788   -0.83594  1.000 171.43386 ? 109 DT C C7    1 
ATOM 447 C C6    . DT C 3 6  ? 1.34883   4.05044   -1.93409  1.000 162.44646 ? 109 DT C C6    1 
ATOM 448 P P     . DG C 3 7  ? 2.40250   -2.54282  -2.02640  1.000 143.09925 ? 110 DG C P     1 
ATOM 449 O OP1   . DG C 3 7  ? 2.85284   -3.09416  -3.32619  1.000 140.43797 ? 110 DG C OP1   1 
ATOM 450 O OP2   . DG C 3 7  ? 1.04810   -2.86733  -1.51648  1.000 145.70997 ? 110 DG C OP2   1 
ATOM 451 O "O5'" . DG C 3 7  ? 3.44552   -2.96137  -0.89907  1.000 140.18162 ? 110 DG C "O5'" 1 
ATOM 452 C "C5'" . DG C 3 7  ? 3.04058   -2.99673  0.47838   1.000 141.91477 ? 110 DG C "C5'" 1 
ATOM 453 C "C4'" . DG C 3 7  ? 4.05728   -3.73818  1.31311   1.000 138.72003 ? 110 DG C "C4'" 1 
ATOM 454 O "O4'" . DG C 3 7  ? 3.96054   -3.27607  2.68222   1.000 142.86109 ? 110 DG C "O4'" 1 
ATOM 455 C "C3'" . DG C 3 7  ? 3.85193   -5.24994  1.38503   1.000 137.10870 ? 110 DG C "C3'" 1 
ATOM 456 O "O3'" . DG C 3 7  ? 4.58864   -5.95287  0.37009   1.000 131.29018 ? 110 DG C "O3'" 1 
ATOM 457 C "C2'" . DG C 3 7  ? 4.36462   -5.57958  2.77218   1.000 138.01651 ? 110 DG C "C2'" 1 
ATOM 458 C "C1'" . DG C 3 7  ? 3.84517   -4.39122  3.55542   1.000 143.46532 ? 110 DG C "C1'" 1 
ATOM 459 N N9    . DG C 3 7  ? 2.44376   -4.51918  3.93560   1.000 149.13008 ? 110 DG C N9    1 
ATOM 460 C C8    . DG C 3 7  ? 1.36664   -3.89043  3.35930   1.000 152.60558 ? 110 DG C C8    1 
ATOM 461 N N7    . DG C 3 7  ? 0.22969   -4.21224  3.91265   1.000 157.65398 ? 110 DG C N7    1 
ATOM 462 C C5    . DG C 3 7  ? 0.57561   -5.12048  4.90284   1.000 158.23743 ? 110 DG C C5    1 
ATOM 463 C C6    . DG C 3 7  ? -0.23587  -5.81314  5.83399   1.000 162.23341 ? 110 DG C C6    1 
ATOM 464 O O6    . DG C 3 7  ? -1.46347  -5.76974  5.96839   1.000 167.27545 ? 110 DG C O6    1 
ATOM 465 N N1    . DG C 3 7  ? 0.52257   -6.63709  6.65827   1.000 160.70448 ? 110 DG C N1    1 
ATOM 466 C C2    . DG C 3 7  ? 1.88759   -6.77209  6.59938   1.000 155.37925 ? 110 DG C C2    1 
ATOM 467 N N2    . DG C 3 7  ? 2.43648   -7.61689  7.48233   1.000 155.19079 ? 110 DG C N2    1 
ATOM 468 N N3    . DG C 3 7  ? 2.65595   -6.12653  5.73894   1.000 150.91632 ? 110 DG C N3    1 
ATOM 469 C C4    . DG C 3 7  ? 1.93888   -5.32228  4.92827   1.000 152.51860 ? 110 DG C C4    1 
ATOM 470 P P     . DG C 3 8  ? 3.91303   -7.17721  -0.46336  1.000 141.88665 ? 111 DG C P     1 
ATOM 471 O OP1   . DG C 3 8  ? 4.72999   -7.38000  -1.68463  1.000 135.90036 ? 111 DG C OP1   1 
ATOM 472 O OP2   . DG C 3 8  ? 2.45825   -6.90745  -0.58505  1.000 147.71899 ? 111 DG C OP2   1 
ATOM 473 O "O5'" . DG C 3 8  ? 4.10458   -8.44008  0.48876   1.000 142.56100 ? 111 DG C "O5'" 1 
ATOM 474 C "C5'" . DG C 3 8  ? 5.40791   -8.81753  0.96652   1.000 137.07470 ? 111 DG C "C5'" 1 
ATOM 475 C "C4'" . DG C 3 8  ? 5.28421   -9.54302  2.28592   1.000 139.86078 ? 111 DG C "C4'" 1 
ATOM 476 O "O4'" . DG C 3 8  ? 4.53951   -8.71941  3.21140   1.000 147.44399 ? 111 DG C "O4'" 1 
ATOM 477 C "C3'" . DG C 3 8  ? 4.53476   -10.86939 2.21038   1.000 141.34681 ? 111 DG C "C3'" 1 
ATOM 478 O "O3'" . DG C 3 8  ? 5.47844   -11.94367 2.04387   1.000 135.97436 ? 111 DG C "O3'" 1 
ATOM 479 C "C2'" . DG C 3 8  ? 3.84028   -10.95878 3.55818   1.000 147.12881 ? 111 DG C "C2'" 1 
ATOM 480 C "C1'" . DG C 3 8  ? 3.63503   -9.50582  3.97702   1.000 151.50387 ? 111 DG C "C1'" 1 
ATOM 481 N N9    . DG C 3 8  ? 2.29084   -8.98199  3.75229   1.000 159.43683 ? 111 DG C N9    1 
ATOM 482 C C8    . DG C 3 8  ? 1.91530   -8.05387  2.81216   1.000 160.69200 ? 111 DG C C8    1 
ATOM 483 N N7    . DG C 3 8  ? 0.64205   -7.77046  2.85161   1.000 166.34850 ? 111 DG C N7    1 
ATOM 484 C C5    . DG C 3 8  ? 0.14722   -8.55473  3.88381   1.000 169.40141 ? 111 DG C C5    1 
ATOM 485 C C6    . DG C 3 8  ? -1.17021  -8.67478  4.39600   1.000 172.83021 ? 111 DG C C6    1 
ATOM 486 O O6    . DG C 3 8  ? -2.19707  -8.09438  4.02557   1.000 176.72188 ? 111 DG C O6    1 
ATOM 487 N N1    . DG C 3 8  ? -1.22860  -9.58344  5.44645   1.000 171.50859 ? 111 DG C N1    1 
ATOM 488 C C2    . DG C 3 8  ? -0.15997  -10.28803 5.94228   1.000 168.36996 ? 111 DG C C2    1 
ATOM 489 N N2    . DG C 3 8  ? -0.42097  -11.11865 6.96076   1.000 172.06272 ? 111 DG C N2    1 
ATOM 490 N N3    . DG C 3 8  ? 1.07405   -10.18444 5.47479   1.000 162.38369 ? 111 DG C N3    1 
ATOM 491 C C4    . DG C 3 8  ? 1.15276   -9.30655  4.45203   1.000 163.26707 ? 111 DG C C4    1 
ATOM 492 P P     . DT C 3 9  ? 5.07817   -13.32827 1.29187   1.000 157.16649 ? 112 DT C P     1 
ATOM 493 O OP1   . DT C 3 9  ? 6.06472   -14.35801 1.69469   1.000 151.94525 ? 112 DT C OP1   1 
ATOM 494 O OP2   . DT C 3 9  ? 4.85491   -13.03088 -0.14142  1.000 155.34242 ? 112 DT C OP2   1 
ATOM 495 O "O5'" . DT C 3 9  ? 3.66678   -13.70458 1.94060   1.000 163.54323 ? 112 DT C "O5'" 1 
ATOM 496 C "C5'" . DT C 3 9  ? 3.26777   -15.05414 2.04539   1.000 163.03325 ? 112 DT C "C5'" 1 
ATOM 497 C "C4'" . DT C 3 9  ? 3.02627   -15.42821 3.49692   1.000 167.58698 ? 112 DT C "C4'" 1 
ATOM 498 O "O4'" . DT C 3 9  ? 2.51085   -14.29028 4.22215   1.000 171.64502 ? 112 DT C "O4'" 1 
ATOM 499 C "C3'" . DT C 3 9  ? 2.04732   -16.57429 3.70253   1.000 172.67349 ? 112 DT C "C3'" 1 
ATOM 500 O "O3'" . DT C 3 9  ? 2.62062   -17.55515 4.54515   1.000 173.76156 ? 112 DT C "O3'" 1 
ATOM 501 C "C2'" . DT C 3 9  ? 0.79280   -15.94877 4.33142   1.000 178.85684 ? 112 DT C "C2'" 1 
ATOM 502 C "C1'" . DT C 3 9  ? 1.16375   -14.49517 4.59813   1.000 177.47820 ? 112 DT C "C1'" 1 
ATOM 503 N N1    . DT C 3 9  ? 0.30154   -13.48046 3.88922   1.000 180.27053 ? 112 DT C N1    1 
ATOM 504 C C2    . DT C 3 9  ? -0.97242  -13.23164 4.34879   1.000 185.50936 ? 112 DT C C2    1 
ATOM 505 O O2    . DT C 3 9  ? -1.46706  -13.81381 5.29848   1.000 189.00167 ? 112 DT C O2    1 
ATOM 506 N N3    . DT C 3 9  ? -1.65385  -12.27028 3.64657   1.000 187.81405 ? 112 DT C N3    1 
ATOM 507 C C4    . DT C 3 9  ? -1.19757  -11.54616 2.56114   1.000 185.95499 ? 112 DT C C4    1 
ATOM 508 O O4    . DT C 3 9  ? -1.88275  -10.70384 1.99572   1.000 189.07551 ? 112 DT C O4    1 
ATOM 509 C C5    . DT C 3 9  ? 0.14287   -11.85136 2.13847   1.000 180.82638 ? 112 DT C C5    1 
ATOM 510 C C7    . DT C 3 9  ? 0.74316   -11.12989 0.96837   1.000 180.13526 ? 112 DT C C7    1 
ATOM 511 C C6    . DT C 3 9  ? 0.81803   -12.78897 2.81450   1.000 177.93970 ? 112 DT C C6    1 
ATOM 512 P P     . DG C 3 10 ? 2.50652   -19.10625 4.14597   1.000 187.69084 ? 113 DG C P     1 
ATOM 513 O OP1   . DG C 3 10 ? 2.22603   -19.85999 5.38777   1.000 192.87180 ? 113 DG C OP1   1 
ATOM 514 O OP2   . DG C 3 10 ? 3.69638   -19.43865 3.32887   1.000 181.38245 ? 113 DG C OP2   1 
ATOM 515 O "O5'" . DG C 3 10 ? 1.22124   -19.15725 3.18936   1.000 189.86463 ? 113 DG C "O5'" 1 
ATOM 516 C "C5'" . DG C 3 10 ? 0.40265   -20.31858 3.15263   1.000 193.74188 ? 113 DG C "C5'" 1 
ATOM 517 C "C4'" . DG C 3 10 ? -0.71066  -20.22411 4.18074   1.000 200.38044 ? 113 DG C "C4'" 1 
ATOM 518 O "O4'" . DG C 3 10 ? -0.89919  -18.84060 4.55632   1.000 200.87654 ? 113 DG C "O4'" 1 
ATOM 519 C "C3'" . DG C 3 10 ? -2.06239  -20.75492 3.71168   1.000 203.77263 ? 113 DG C "C3'" 1 
ATOM 520 O "O3'" . DG C 3 10 ? -2.31588  -22.00447 4.33486   1.000 207.77904 ? 113 DG C "O3'" 1 
ATOM 521 C "C2'" . DG C 3 10 ? -3.07583  -19.69885 4.15926   1.000 207.50803 ? 113 DG C "C2'" 1 
ATOM 522 C "C1'" . DG C 3 10 ? -2.23909  -18.44511 4.36433   1.000 204.43969 ? 113 DG C "C1'" 1 
ATOM 523 N N9    . DG C 3 10 ? -2.28371  -17.47836 3.26592   1.000 200.67737 ? 113 DG C N9    1 
ATOM 524 C C8    . DG C 3 10 ? -1.30231  -17.23839 2.33581   1.000 194.74352 ? 113 DG C C8    1 
ATOM 525 N N7    . DG C 3 10 ? -1.59986  -16.29041 1.49442   1.000 193.23620 ? 113 DG C N7    1 
ATOM 526 C C5    . DG C 3 10 ? -2.86287  -15.87338 1.88819   1.000 198.11920 ? 113 DG C C5    1 
ATOM 527 C C6    . DG C 3 10 ? -3.69756  -14.87553 1.34206   1.000 199.35035 ? 113 DG C C6    1 
ATOM 528 O O6    . DG C 3 10 ? -3.47509  -14.14149 0.37086   1.000 196.59744 ? 113 DG C O6    1 
ATOM 529 N N1    . DG C 3 10 ? -4.90006  -14.76800 2.03795   1.000 205.55621 ? 113 DG C N1    1 
ATOM 530 C C2    . DG C 3 10 ? -5.24710  -15.53360 3.12717   1.000 209.06735 ? 113 DG C C2    1 
ATOM 531 N N2    . DG C 3 10 ? -6.44907  -15.28859 3.67143   1.000 215.59757 ? 113 DG C N2    1 
ATOM 532 N N3    . DG C 3 10 ? -4.47088  -16.47400 3.65117   1.000 208.07092 ? 113 DG C N3    1 
ATOM 533 C C4    . DG C 3 10 ? -3.29784  -16.58864 2.98148   1.000 202.43805 ? 113 DG C C4    1 
ATOM 534 P P     . DC C 3 11 ? -3.60004  -22.87397 3.91804   1.000 214.23623 ? 114 DC C P     1 
ATOM 535 O OP1   . DC C 3 11 ? -3.37435  -24.24745 4.41723   1.000 216.78629 ? 114 DC C OP1   1 
ATOM 536 O OP2   . DC C 3 11 ? -3.84731  -22.64552 2.47773   1.000 209.88477 ? 114 DC C OP2   1 
ATOM 537 O "O5'" . DC C 3 11 ? -4.80117  -22.21290 4.74342   1.000 220.21493 ? 114 DC C "O5'" 1 
ATOM 538 C "C5'" . DC C 3 11 ? -6.13986  -22.40403 4.31723   1.000 223.55658 ? 114 DC C "C5'" 1 
ATOM 539 C "C4'" . DC C 3 11 ? -6.89663  -21.08924 4.31195   1.000 225.57959 ? 114 DC C "C4'" 1 
ATOM 540 O "O4'" . DC C 3 11 ? -6.13324  -20.07936 3.59682   1.000 219.02734 ? 114 DC C "O4'" 1 
ATOM 541 C "C3'" . DC C 3 11 ? -8.27104  -21.14093 3.63234   1.000 229.79548 ? 114 DC C "C3'" 1 
ATOM 542 O "O3'" . DC C 3 11 ? -9.24549  -20.51966 4.46177   1.000 236.36565 ? 114 DC C "O3'" 1 
ATOM 543 C "C2'" . DC C 3 11 ? -8.05465  -20.35689 2.33596   1.000 224.21071 ? 114 DC C "C2'" 1 
ATOM 544 C "C1'" . DC C 3 11 ? -7.01617  -19.34853 2.78386   1.000 220.04032 ? 114 DC C "C1'" 1 
ATOM 545 N N1    . DC C 3 11 ? -6.25459  -18.71335 1.66374   1.000 213.05587 ? 114 DC C N1    1 
ATOM 546 C C2    . DC C 3 11 ? -6.84104  -17.66456 0.94806   1.000 213.32652 ? 114 DC C C2    1 
ATOM 547 O O2    . DC C 3 11 ? -7.97893  -17.29912 1.26184   1.000 219.21355 ? 114 DC C O2    1 
ATOM 548 N N3    . DC C 3 11 ? -6.14517  -17.08861 -0.06234  1.000 207.47418 ? 114 DC C N3    1 
ATOM 549 C C4    . DC C 3 11 ? -4.91686  -17.52414 -0.35710  1.000 201.40635 ? 114 DC C C4    1 
ATOM 550 N N4    . DC C 3 11 ? -4.26275  -16.93066 -1.36157  1.000 196.05271 ? 114 DC C N4    1 
ATOM 551 C C5    . DC C 3 11 ? -4.30338  -18.59120 0.36517   1.000 200.90345 ? 114 DC C C5    1 
ATOM 552 C C6    . DC C 3 11 ? -5.00234  -19.15112 1.35683   1.000 206.88147 ? 114 DC C C6    1 
ATOM 553 O "O5'" . DG D 4 1  ? -8.96335  -8.25279  -5.04706  1.000 186.68988 ? 106 DG A "O5'" 1 
ATOM 554 C "C5'" . DG D 4 1  ? -10.37077 -8.08051  -4.95033  1.000 189.51166 ? 106 DG A "C5'" 1 
ATOM 555 C "C4'" . DG D 4 1  ? -10.97610 -9.08625  -3.98561  1.000 196.55695 ? 106 DG A "C4'" 1 
ATOM 556 O "O4'" . DG D 4 1  ? -10.70205 -10.42975 -4.45092  1.000 204.88523 ? 106 DG A "O4'" 1 
ATOM 557 C "C3'" . DG D 4 1  ? -10.41415 -9.05105  -2.57525  1.000 193.11298 ? 106 DG A "C3'" 1 
ATOM 558 O "O3'" . DG D 4 1  ? -11.06825 -8.02426  -1.78853  1.000 189.82999 ? 106 DG A "O3'" 1 
ATOM 559 C "C2'" . DG D 4 1  ? -10.71176 -10.45930 -2.07601  1.000 205.75261 ? 106 DG A "C2'" 1 
ATOM 560 C "C1'" . DG D 4 1  ? -10.54056 -11.29843 -3.33919  1.000 208.83878 ? 106 DG A "C1'" 1 
ATOM 561 N N9    . DG D 4 1  ? -9.23873  -11.96097 -3.43546  1.000 209.58369 ? 106 DG A N9    1 
ATOM 562 C C8    . DG D 4 1  ? -8.22969  -11.68211 -4.32499  1.000 206.08932 ? 106 DG A C8    1 
ATOM 563 N N7    . DG D 4 1  ? -7.18091  -12.44449 -4.18061  1.000 208.58693 ? 106 DG A N7    1 
ATOM 564 C C5    . DG D 4 1  ? -7.51369  -13.28502 -3.12516  1.000 216.67680 ? 106 DG A C5    1 
ATOM 565 C C6    . DG D 4 1  ? -6.76574  -14.32488 -2.51866  1.000 224.43474 ? 106 DG A C6    1 
ATOM 566 O O6    . DG D 4 1  ? -5.62599  -14.71943 -2.80386  1.000 224.84871 ? 106 DG A O6    1 
ATOM 567 N N1    . DG D 4 1  ? -7.47260  -14.92916 -1.48037  1.000 232.26181 ? 106 DG A N1    1 
ATOM 568 C C2    . DG D 4 1  ? -8.74113  -14.57233 -1.08117  1.000 233.00806 ? 106 DG A C2    1 
ATOM 569 N N2    . DG D 4 1  ? -9.27139  -15.26203 -0.06065  1.000 242.16787 ? 106 DG A N2    1 
ATOM 570 N N3    . DG D 4 1  ? -9.45047  -13.60001 -1.64332  1.000 226.23541 ? 106 DG A N3    1 
ATOM 571 C C4    . DG D 4 1  ? -8.77601  -13.00079 -2.65498  1.000 218.07217 ? 106 DG A C4    1 
ATOM 572 P P     . DC D 4 2  ? -12.50980 -8.24997  -1.09635  1.000 195.68566 ? 107 DC A P     1 
ATOM 573 O OP1   . DC D 4 2  ? -13.41901 -8.98352  -2.00613  1.000 204.30662 ? 107 DC A OP1   1 
ATOM 574 O OP2   . DC D 4 2  ? -12.91840 -6.92412  -0.58072  1.000 189.04184 ? 107 DC A OP2   1 
ATOM 575 O "O5'" . DC D 4 2  ? -12.20529 -9.14527  0.19439   1.000 198.89559 ? 107 DC A "O5'" 1 
ATOM 576 C "C5'" . DC D 4 2  ? -13.00289 -10.29727 0.48033   1.000 208.67966 ? 107 DC A "C5'" 1 
ATOM 577 C "C4'" . DC D 4 2  ? -12.40099 -11.08419 1.62807   1.000 215.00735 ? 107 DC A "C4'" 1 
ATOM 578 O "O4'" . DC D 4 2  ? -11.21559 -11.80959 1.17342   1.000 215.19597 ? 107 DC A "O4'" 1 
ATOM 579 C "C3'" . DC D 4 2  ? -11.93350 -10.22216 2.79942   1.000 217.49971 ? 107 DC A "C3'" 1 
ATOM 580 O "O3'" . DC D 4 2  ? -12.22802 -10.86868 4.01966   1.000 231.16421 ? 107 DC A "O3'" 1 
ATOM 581 C "C2'" . DC D 4 2  ? -10.43137 -10.13797 2.56554   1.000 213.01233 ? 107 DC A "C2'" 1 
ATOM 582 C "C1'" . DC D 4 2  ? -10.15516 -11.54147 2.06373   1.000 218.85842 ? 107 DC A "C1'" 1 
ATOM 583 N N1    . DC D 4 2  ? -8.84218  -11.68218 1.34731   1.000 213.22658 ? 107 DC A N1    1 
ATOM 584 C C2    . DC D 4 2  ? -7.95423  -12.70713 1.70753   1.000 222.35792 ? 107 DC A C2    1 
ATOM 585 O O2    . DC D 4 2  ? -8.27718  -13.49722 2.60411   1.000 234.05561 ? 107 DC A O2    1 
ATOM 586 N N3    . DC D 4 2  ? -6.76935  -12.80780 1.05221   1.000 217.78504 ? 107 DC A N3    1 
ATOM 587 C C4    . DC D 4 2  ? -6.46252  -11.93488 0.08927   1.000 204.52386 ? 107 DC A C4    1 
ATOM 588 N N4    . DC D 4 2  ? -5.28540  -12.06730 -0.53234  1.000 201.09825 ? 107 DC A N4    1 
ATOM 589 C C5    . DC D 4 2  ? -7.34948  -10.88533 -0.28176  1.000 195.92152 ? 107 DC A C5    1 
ATOM 590 C C6    . DC D 4 2  ? -8.51027  -10.79281 0.37226   1.000 199.05206 ? 107 DC A C6    1 
ATOM 591 P P     . DA D 4 3  ? -12.91413 -10.05100 5.21773   1.000 204.69891 ? 108 DA A P     1 
ATOM 592 O OP1   . DA D 4 3  ? -14.35872 -9.94898  4.91544   1.000 202.72058 ? 108 DA A OP1   1 
ATOM 593 O OP2   . DA D 4 3  ? -12.11885 -8.82155  5.43969   1.000 197.82780 ? 108 DA A OP2   1 
ATOM 594 O "O5'" . DA D 4 3  ? -12.70593 -11.00007 6.48442   1.000 218.64782 ? 108 DA A "O5'" 1 
ATOM 595 C "C5'" . DA D 4 3  ? -12.38539 -12.37501 6.29370   1.000 224.64825 ? 108 DA A "C5'" 1 
ATOM 596 C "C4'" . DA D 4 3  ? -11.08125 -12.71911 6.98747   1.000 230.89139 ? 108 DA A "C4'" 1 
ATOM 597 O "O4'" . DA D 4 3  ? -9.97836  -12.62708 6.04087   1.000 223.78567 ? 108 DA A "O4'" 1 
ATOM 598 C "C3'" . DA D 4 3  ? -10.71654 -11.79484 8.15578   1.000 233.64351 ? 108 DA A "C3'" 1 
ATOM 599 O "O3'" . DA D 4 3  ? -10.28579 -12.56294 9.27358   1.000 244.33380 ? 108 DA A "O3'" 1 
ATOM 600 C "C2'" . DA D 4 3  ? -9.57844  -10.95441 7.58643   1.000 224.95914 ? 108 DA A "C2'" 1 
ATOM 601 C "C1'" . DA D 4 3  ? -8.91277  -11.95770 6.66526   1.000 223.89911 ? 108 DA A "C1'" 1 
ATOM 602 N N9    . DA D 4 3  ? -8.06798  -11.33432 5.65157   1.000 211.92009 ? 108 DA A N9    1 
ATOM 603 C C8    . DA D 4 3  ? -8.35671  -10.22090 4.92154   1.000 198.98617 ? 108 DA A C8    1 
ATOM 604 N N7    . DA D 4 3  ? -7.40802  -9.86943  4.08820   1.000 188.64759 ? 108 DA A N7    1 
ATOM 605 C C5    . DA D 4 3  ? -6.41634  -10.80899 4.30077   1.000 196.28855 ? 108 DA A C5    1 
ATOM 606 C C6    . DA D 4 3  ? -5.14391  -10.98592 3.73079   1.000 192.30863 ? 108 DA A C6    1 
ATOM 607 N N6    . DA D 4 3  ? -4.64554  -10.18069 2.78867   1.000 178.96796 ? 108 DA A N6    1 
ATOM 608 N N1    . DA D 4 3  ? -4.40253  -12.02463 4.16674   1.000 202.28095 ? 108 DA A N1    1 
ATOM 609 C C2    . DA D 4 3  ? -4.90915  -12.82856 5.10904   1.000 214.37549 ? 108 DA A C2    1 
ATOM 610 N N3    . DA D 4 3  ? -6.09196  -12.76189 5.71950   1.000 219.39888 ? 108 DA A N3    1 
ATOM 611 C C4    . DA D 4 3  ? -6.80384  -11.71983 5.26404   1.000 210.25533 ? 108 DA A C4    1 
ATOM 612 P P     . DC D 4 4  ? -10.35404 -11.94196 10.75442  1.000 227.32451 ? 109 DC A P     1 
ATOM 613 O OP1   . DC D 4 4  ? -9.91049  -12.98430 11.70617  1.000 236.74141 ? 109 DC A OP1   1 
ATOM 614 O OP2   . DC D 4 4  ? -11.68252 -11.31144 10.91290  1.000 222.99123 ? 109 DC A OP2   1 
ATOM 615 O "O5'" . DC D 4 4  ? -9.26694  -10.76979 10.73382  1.000 220.55931 ? 109 DC A "O5'" 1 
ATOM 616 C "C5'" . DC D 4 4  ? -8.04283  -10.91708 11.44717  1.000 224.78105 ? 109 DC A "C5'" 1 
ATOM 617 C "C4'" . DC D 4 4  ? -7.03595  -11.72033 10.64251  1.000 225.33500 ? 109 DC A "C4'" 1 
ATOM 618 O "O4'" . DC D 4 4  ? -7.04335  -11.26011 9.28248   1.000 215.26061 ? 109 DC A "O4'" 1 
ATOM 619 C "C3'" . DC D 4 4  ? -5.59736  -11.57100 11.10598  1.000 224.76156 ? 109 DC A "C3'" 1 
ATOM 620 O "O3'" . DC D 4 4  ? -5.28277  -12.59846 12.03683  1.000 233.35564 ? 109 DC A "O3'" 1 
ATOM 621 C "C2'" . DC D 4 4  ? -4.77508  -11.71690 9.81871   1.000 217.43834 ? 109 DC A "C2'" 1 
ATOM 622 C "C1'" . DC D 4 4  ? -5.79264  -11.51277 8.68821   1.000 210.96616 ? 109 DC A "C1'" 1 
ATOM 623 N N1    . DC D 4 4  ? -5.48416  -10.37144 7.74659   1.000 195.92667 ? 109 DC A N1    1 
ATOM 624 C C2    . DC D 4 4  ? -4.25549  -10.31271 7.06156   1.000 188.21573 ? 109 DC A C2    1 
ATOM 625 O O2    . DC D 4 4  ? -3.40918  -11.19539 7.24544   1.000 194.20367 ? 109 DC A O2    1 
ATOM 626 N N3    . DC D 4 4  ? -4.02809  -9.27434  6.21483   1.000 173.85011 ? 109 DC A N3    1 
ATOM 627 C C4    . DC D 4 4  ? -4.96283  -8.33915  6.03518   1.000 165.91717 ? 109 DC A C4    1 
ATOM 628 N N4    . DC D 4 4  ? -4.69634  -7.33584  5.19223   1.000 150.31768 ? 109 DC A N4    1 
ATOM 629 C C5    . DC D 4 4  ? -6.21410  -8.38819  6.71265   1.000 173.52717 ? 109 DC A C5    1 
ATOM 630 C C6    . DC D 4 4  ? -6.42974  -9.40849  7.54633   1.000 188.94114 ? 109 DC A C6    1 
ATOM 631 P P     . DC D 4 5  ? -4.52473  -12.26081 13.42530  1.000 225.21482 ? 110 DC A P     1 
ATOM 632 O OP1   . DC D 4 5  ? -3.99982  -13.53406 13.97904  1.000 231.74829 ? 110 DC A OP1   1 
ATOM 633 O OP2   . DC D 4 5  ? -5.42174  -11.41560 14.25639  1.000 224.12834 ? 110 DC A OP2   1 
ATOM 634 O "O5'" . DC D 4 5  ? -3.26734  -11.38941 12.97445  1.000 213.30051 ? 110 DC A "O5'" 1 
ATOM 635 C "C5'" . DC D 4 5  ? -1.95352  -11.67361 13.48375  1.000 210.55842 ? 110 DC A "C5'" 1 
ATOM 636 C "C4'" . DC D 4 5  ? -0.94992  -11.73809 12.35603  1.000 205.80938 ? 110 DC A "C4'" 1 
ATOM 637 O "O4'" . DC D 4 5  ? -1.52088  -11.17353 11.14966  1.000 200.76928 ? 110 DC A "O4'" 1 
ATOM 638 C "C3'" . DC D 4 5  ? 0.33606   -10.95181 12.61569  1.000 195.20736 ? 110 DC A "C3'" 1 
ATOM 639 O "O3'" . DC D 4 5  ? 1.46264   -11.64366 12.07076  1.000 197.10365 ? 110 DC A "O3'" 1 
ATOM 640 C "C2'" . DC D 4 5  ? 0.11430   -9.66751  11.84301  1.000 185.25417 ? 110 DC A "C2'" 1 
ATOM 641 C "C1'" . DC D 4 5  ? -0.63613  -10.19223 10.63812  1.000 188.68417 ? 110 DC A "C1'" 1 
ATOM 642 N N1    . DC D 4 5  ? -1.43346  -9.17696  9.94139   1.000 181.05186 ? 110 DC A N1    1 
ATOM 643 C C2    . DC D 4 5  ? -0.81637  -8.41311  8.95047   1.000 170.15938 ? 110 DC A C2    1 
ATOM 644 O O2    . DC D 4 5  ? 0.37531   -8.62399  8.68758   1.000 168.71734 ? 110 DC A O2    1 
ATOM 645 N N3    . DC D 4 5  ? -1.53302  -7.46715  8.30299   1.000 160.80838 ? 110 DC A N3    1 
ATOM 646 C C4    . DC D 4 5  ? -2.81461  -7.27101  8.61624   1.000 162.13033 ? 110 DC A C4    1 
ATOM 647 N N4    . DC D 4 5  ? -3.48060  -6.32195  7.95527   1.000 151.49131 ? 110 DC A N4    1 
ATOM 648 C C5    . DC D 4 5  ? -3.46847  -8.03428  9.62578   1.000 175.10316 ? 110 DC A C5    1 
ATOM 649 C C6    . DC D 4 5  ? -2.74564  -8.96531  10.26041  1.000 184.00656 ? 110 DC A C6    1 
ATOM 650 P P     . DT D 4 6  ? 2.91368   -11.59382 12.79654  1.000 204.34065 ? 111 DT A P     1 
ATOM 651 O OP1   . DT D 4 6  ? 3.28595   -12.97937 13.17078  1.000 212.64153 ? 111 DT A OP1   1 
ATOM 652 O OP2   . DT D 4 6  ? 2.92350   -10.52761 13.83932  1.000 196.88247 ? 111 DT A OP2   1 
ATOM 653 O "O5'" . DT D 4 6  ? 3.88705   -11.12751 11.62445  1.000 198.03033 ? 111 DT A "O5'" 1 
ATOM 654 C "C5'" . DT D 4 6  ? 3.48126   -10.13163 10.66603  1.000 191.16407 ? 111 DT A "C5'" 1 
ATOM 655 C "C4'" . DT D 4 6  ? 4.42254   -8.95212  10.71841  1.000 182.75427 ? 111 DT A "C4'" 1 
ATOM 656 O "O4'" . DT D 4 6  ? 3.86963   -7.85676  9.95076   1.000 176.28414 ? 111 DT A "O4'" 1 
ATOM 657 C "C3'" . DT D 4 6  ? 4.65558   -8.39480  12.12085  1.000 180.58708 ? 111 DT A "C3'" 1 
ATOM 658 O "O3'" . DT D 4 6  ? 5.98383   -7.88353  12.23343  1.000 176.70344 ? 111 DT A "O3'" 1 
ATOM 659 C "C2'" . DT D 4 6  ? 3.66337   -7.25332  12.19744  1.000 175.56836 ? 111 DT A "C2'" 1 
ATOM 660 C "C1'" . DT D 4 6  ? 3.75154   -6.71470  10.78463  1.000 170.77951 ? 111 DT A "C1'" 1 
ATOM 661 N N1    . DT D 4 6  ? 2.56980   -5.96350  10.35098  1.000 166.11525 ? 111 DT A N1    1 
ATOM 662 C C2    . DT D 4 6  ? 2.72501   -5.03437  9.35005   1.000 157.34803 ? 111 DT A C2    1 
ATOM 663 O O2    . DT D 4 6  ? 3.79344   -4.81550  8.80427   1.000 155.00402 ? 111 DT A O2    1 
ATOM 664 N N3    . DT D 4 6  ? 1.57376   -4.37816  8.99720   1.000 151.12751 ? 111 DT A N3    1 
ATOM 665 C C4    . DT D 4 6  ? 0.31480   -4.54979  9.53843   1.000 154.71004 ? 111 DT A C4    1 
ATOM 666 O O4    . DT D 4 6  ? -0.62621  -3.87997  9.12193   1.000 147.85991 ? 111 DT A O4    1 
ATOM 667 C C5    . DT D 4 6  ? 0.22616   -5.53720  10.58847  1.000 166.18449 ? 111 DT A C5    1 
ATOM 668 C C7    . DT D 4 6  ? -1.09431  -5.78144  11.24605  1.000 172.58813 ? 111 DT A C7    1 
ATOM 669 C C6    . DT D 4 6  ? 1.34331   -6.18569  10.93690  1.000 170.34128 ? 111 DT A C6    1 
ATOM 670 P P     . DG D 4 7  ? 6.80054   -8.10574  13.57950  1.000 174.32615 ? 112 DG A P     1 
ATOM 671 O OP1   . DG D 4 7  ? 7.90729   -9.05012  13.29304  1.000 175.83416 ? 112 DG A OP1   1 
ATOM 672 O OP2   . DG D 4 7  ? 5.83011   -8.41533  14.65770  1.000 175.65536 ? 112 DG A OP2   1 
ATOM 673 O "O5'" . DG D 4 7  ? 7.43279   -6.67211  13.85719  1.000 168.45213 ? 112 DG A "O5'" 1 
ATOM 674 C "C5'" . DG D 4 7  ? 8.85802   -6.48260  13.83295  1.000 164.99593 ? 112 DG A "C5'" 1 
ATOM 675 C "C4'" . DG D 4 7  ? 9.23614   -5.41391  12.83343  1.000 160.25025 ? 112 DG A "C4'" 1 
ATOM 676 O "O4'" . DG D 4 7  ? 8.09035   -5.08714  12.01093  1.000 160.28220 ? 112 DG A "O4'" 1 
ATOM 677 C "C3'" . DG D 4 7  ? 9.69028   -4.09623  13.45956  1.000 150.84618 ? 112 DG A "C3'" 1 
ATOM 678 O "O3'" . DG D 4 7  ? 10.70553  -3.48435  12.65192  1.000 148.03430 ? 112 DG A "O3'" 1 
ATOM 679 C "C2'" . DG D 4 7  ? 8.42770   -3.25851  13.44000  1.000 146.88653 ? 112 DG A "C2'" 1 
ATOM 680 C "C1'" . DG D 4 7  ? 7.75815   -3.71538  12.15779  1.000 152.96135 ? 112 DG A "C1'" 1 
ATOM 681 N N9    . DG D 4 7  ? 6.30501   -3.60947  12.18408  1.000 153.06781 ? 112 DG A N9    1 
ATOM 682 C C8    . DG D 4 7  ? 5.43475   -4.35162  12.94409  1.000 157.05739 ? 112 DG A C8    1 
ATOM 683 N N7    . DG D 4 7  ? 4.18619   -4.01850  12.76381  1.000 153.88857 ? 112 DG A N7    1 
ATOM 684 C C5    . DG D 4 7  ? 4.23379   -3.00077  11.82267  1.000 145.94457 ? 112 DG A C5    1 
ATOM 685 C C6    . DG D 4 7  ? 3.18936   -2.24465  11.23350  1.000 137.93947 ? 112 DG A C6    1 
ATOM 686 O O6    . DG D 4 7  ? 1.97156   -2.33267  11.42531  1.000 137.82191 ? 112 DG A O6    1 
ATOM 687 N N1    . DG D 4 7  ? 3.68307   -1.30378  10.33598  1.000 128.54639 ? 112 DG A N1    1 
ATOM 688 C C2    . DG D 4 7  ? 5.01084   -1.11561  10.04125  1.000 129.08561 ? 112 DG A C2    1 
ATOM 689 N N2    . DG D 4 7  ? 5.28789   -0.15538  9.14753   1.000 117.11354 ? 112 DG A N2    1 
ATOM 690 N N3    . DG D 4 7  ? 5.99391   -1.81163  10.58499  1.000 138.55016 ? 112 DG A N3    1 
ATOM 691 C C4    . DG D 4 7  ? 5.53583   -2.73132  11.45912  1.000 145.57318 ? 112 DG A C4    1 
ATOM 692 P P     . DT D 4 8  ? 11.83189  -2.48532  13.27829  1.000 165.19831 ? 113 DT A P     1 
ATOM 693 O OP1   . DT D 4 8  ? 13.14692  -2.94781  12.78330  1.000 167.50391 ? 113 DT A OP1   1 
ATOM 694 O OP2   . DT D 4 8  ? 11.59961  -2.31132  14.73082  1.000 161.74904 ? 113 DT A OP2   1 
ATOM 695 O "O5'" . DT D 4 8  ? 11.48187  -1.08768  12.59276  1.000 156.74537 ? 113 DT A "O5'" 1 
ATOM 696 C "C5'" . DT D 4 8  ? 10.32642  -0.39316  13.00338  1.000 151.86595 ? 113 DT A "C5'" 1 
ATOM 697 C "C4'" . DT D 4 8  ? 10.11770  0.86178   12.19900  1.000 138.72413 ? 113 DT A "C4'" 1 
ATOM 698 O "O4'" . DT D 4 8  ? 8.77147   0.85646   11.65443  1.000 139.02943 ? 113 DT A "O4'" 1 
ATOM 699 C "C3'" . DT D 4 8  ? 10.21549  2.12430   13.02864  1.000 124.12605 ? 113 DT A "C3'" 1 
ATOM 700 O "O3'" . DT D 4 8  ? 10.61854  3.22037   12.22863  1.000 112.35047 ? 113 DT A "O3'" 1 
ATOM 701 C "C2'" . DT D 4 8  ? 8.79096   2.28309   13.53983  1.000 121.82271 ? 113 DT A "C2'" 1 
ATOM 702 C "C1'" . DT D 4 8  ? 7.96041   1.77576   12.36373  1.000 127.47835 ? 113 DT A "C1'" 1 
ATOM 703 N N1    . DT D 4 8  ? 6.69157   1.08666   12.79420  1.000 137.56332 ? 113 DT A N1    1 
ATOM 704 C C2    . DT D 4 8  ? 5.48512   1.51825   12.29333  1.000 129.82992 ? 113 DT A C2    1 
ATOM 705 O O2    . DT D 4 8  ? 5.38215   2.43150   11.49460  1.000 114.71978 ? 113 DT A O2    1 
ATOM 706 N N3    . DT D 4 8  ? 4.39376   0.83216   12.75793  1.000 139.48545 ? 113 DT A N3    1 
ATOM 707 C C4    . DT D 4 8  ? 4.37848   -0.21232  13.65617  1.000 149.93272 ? 113 DT A C4    1 
ATOM 708 O O4    . DT D 4 8  ? 3.33850   -0.76039  14.00934  1.000 153.01166 ? 113 DT A O4    1 
ATOM 709 C C5    . DT D 4 8  ? 5.67116   -0.61434  14.15077  1.000 153.35950 ? 113 DT A C5    1 
ATOM 710 C C7    . DT D 4 8  ? 5.77682   -1.73873  15.13777  1.000 160.14410 ? 113 DT A C7    1 
ATOM 711 C C6    . DT D 4 8  ? 6.75449   0.04809   13.70487  1.000 149.27895 ? 113 DT A C6    1 
ATOM 712 P P     . DA D 4 9  ? 11.52880  4.38168   12.86907  1.000 149.53415 ? 114 DA A P     1 
ATOM 713 O OP1   . DA D 4 9  ? 12.94402  4.08586   12.54074  1.000 153.37184 ? 114 DA A OP1   1 
ATOM 714 O OP2   . DA D 4 9  ? 11.13917  4.51314   14.29257  1.000 148.88012 ? 114 DA A OP2   1 
ATOM 715 O "O5'" . DA D 4 9  ? 11.05467  5.69585   12.08525  1.000 132.29012 ? 114 DA A "O5'" 1 
ATOM 716 C "C5'" . DA D 4 9  ? 9.85593   5.66480   11.30000  1.000 129.75394 ? 114 DA A "C5'" 1 
ATOM 717 C "C4'" . DA D 4 9  ? 8.97516   6.86446   11.60579  1.000 119.61540 ? 114 DA A "C4'" 1 
ATOM 718 O "O4'" . DA D 4 9  ? 7.66295   6.40698   12.02099  1.000 121.80778 ? 114 DA A "O4'" 1 
ATOM 719 C "C3'" . DA D 4 9  ? 9.51113   7.77741   12.70292  1.000 120.28663 ? 114 DA A "C3'" 1 
ATOM 720 O "O3'" . DA D 4 9  ? 9.55350   9.12370   12.25380  1.000 118.75095 ? 114 DA A "O3'" 1 
ATOM 721 C "C2'" . DA D 4 9  ? 8.55617   7.59431   13.88650  1.000 119.54847 ? 114 DA A "C2'" 1 
ATOM 722 C "C1'" . DA D 4 9  ? 7.31894   6.90933   13.29601  1.000 119.61935 ? 114 DA A "C1'" 1 
ATOM 723 N N9    . DA D 4 9  ? 6.83266   5.79389   14.12071  1.000 131.20767 ? 114 DA A N9    1 
ATOM 724 C C8    . DA D 4 9  ? 7.58969   4.96960   14.90641  1.000 141.98095 ? 114 DA A C8    1 
ATOM 725 N N7    . DA D 4 9  ? 6.89933   4.04708   15.53704  1.000 154.27821 ? 114 DA A N7    1 
ATOM 726 C C5    . DA D 4 9  ? 5.59176   4.28183   15.14704  1.000 150.87492 ? 114 DA A C5    1 
ATOM 727 C C6    . DA D 4 9  ? 4.37364   3.64428   15.47431  1.000 159.60091 ? 114 DA A C6    1 
ATOM 728 N N6    . DA D 4 9  ? 4.28956   2.59482   16.30289  1.000 173.65569 ? 114 DA A N6    1 
ATOM 729 N N1    . DA D 4 9  ? 3.24613   4.12665   14.91327  1.000 152.20463 ? 114 DA A N1    1 
ATOM 730 C C2    . DA D 4 9  ? 3.33337   5.17780   14.08427  1.000 136.52686 ? 114 DA A C2    1 
ATOM 731 N N3    . DA D 4 9  ? 4.41675   5.85986   13.70142  1.000 128.77680 ? 114 DA A N3    1 
ATOM 732 C C4    . DA D 4 9  ? 5.52551   5.35745   14.27444  1.000 135.59443 ? 114 DA A C4    1 
# 
loop_
_atom_site_anisotrop.id 
_atom_site_anisotrop.type_symbol 
_atom_site_anisotrop.pdbx_label_atom_id 
_atom_site_anisotrop.pdbx_label_alt_id 
_atom_site_anisotrop.pdbx_label_comp_id 
_atom_site_anisotrop.pdbx_label_asym_id 
_atom_site_anisotrop.pdbx_label_seq_id 
_atom_site_anisotrop.pdbx_PDB_ins_code 
_atom_site_anisotrop.U[1][1] 
_atom_site_anisotrop.U[2][2] 
_atom_site_anisotrop.U[3][3] 
_atom_site_anisotrop.U[1][2] 
_atom_site_anisotrop.U[1][3] 
_atom_site_anisotrop.U[2][3] 
_atom_site_anisotrop.pdbx_auth_seq_id 
_atom_site_anisotrop.pdbx_auth_comp_id 
_atom_site_anisotrop.pdbx_auth_asym_id 
_atom_site_anisotrop.pdbx_auth_atom_id 
1   P P     . DC A 1  ? 2.25275 1.64729 3.30570 -0.26432 0.00997  0.30287  115 DC E P     
2   O OP1   . DC A 1  ? 2.15737 1.45651 3.36699 -0.16088 0.06220  0.36816  115 DC E OP1   
3   O OP2   . DC A 1  ? 2.58355 2.11133 3.58113 -0.27426 0.01478  0.18986  115 DC E OP2   
4   O "O5'" . DC A 1  ? 2.20486 1.68762 3.11011 -0.31216 -0.01190 0.38669  115 DC E "O5'" 
5   C "C5'" . DC A 1  ? 2.44586 2.10178 3.24512 -0.30506 0.00182  0.37898  115 DC E "C5'" 
6   C "C4'" . DC A 1  ? 2.43688 2.12116 3.29267 -0.20451 0.05405  0.44952  115 DC E "C4'" 
7   O "O4'" . DC A 1  ? 2.17028 1.81131 2.99980 -0.21487 0.04607  0.55491  115 DC E "O4'" 
8   C "C3'" . DC A 1  ? 2.70241 2.57318 3.47695 -0.18185 0.07315  0.42847  115 DC E "C3'" 
9   O "O3'" . DC A 1  ? 2.72021 2.60665 3.59334 -0.07095 0.12445  0.46661  115 DC E "O3'" 
10  C "C2'" . DC A 1  ? 2.57868 2.51426 3.22387 -0.24478 0.04195  0.49494  115 DC E "C2'" 
11  C "C1'" . DC A 1  ? 2.25568 2.04661 2.97415 -0.22008 0.04709  0.58657  115 DC E "C1'" 
12  N N1    . DC A 1  ? 2.01181 1.78928 2.64694 -0.30068 0.00624  0.63816  115 DC E N1    
13  C C2    . DC A 1  ? 1.79529 1.51230 2.46196 -0.27287 0.02084  0.72771  115 DC E C2    
14  O O2    . DC A 1  ? 1.81304 1.49172 2.56621 -0.18325 0.06642  0.77140  115 DC E O2    
15  N N3    . DC A 1  ? 1.74094 1.44691 2.34786 -0.34626 -0.01482 0.76423  115 DC E N3    
16  C C4    . DC A 1  ? 1.72958 1.47800 2.25384 -0.44280 -0.06642 0.72563  115 DC E C4    
17  N N4    . DC A 1  ? 1.67820 1.41032 2.16640 -0.51150 -0.10177 0.76551  115 DC E N4    
18  C C5    . DC A 1  ? 1.77698 1.59147 2.25665 -0.47430 -0.08309 0.64475  115 DC E C5    
19  C C6    . DC A 1  ? 2.02374 1.85298 2.55828 -0.40145 -0.04394 0.59825  115 DC E C6    
20  P P     . DG A 2  ? 2.54055 2.34955 3.59541 0.01975  0.16673  0.42124  116 DG E P     
21  O OP1   . DG A 2  ? 2.59861 2.36244 3.67459 -0.03188 0.14731  0.30574  116 DG E OP1   
22  O OP2   . DG A 2  ? 2.70185 2.63311 3.79374 0.10599  0.20665  0.42850  116 DG E OP2   
23  O "O5'" . DG A 2  ? 2.22888 1.86912 3.39912 0.06509  0.18142  0.52232  116 DG E "O5'" 
24  C "C5'" . DG A 2  ? 2.15732 1.76789 3.46404 0.17565  0.22938  0.58831  116 DG E "C5'" 
25  C "C4'" . DG A 2  ? 2.08405 1.74084 3.32914 0.20253  0.23873  0.71053  116 DG E "C4'" 
26  O "O4'" . DG A 2  ? 2.09825 1.83770 3.16807 0.11449  0.19985  0.71175  116 DG E "O4'" 
27  C "C3'" . DG A 2  ? 2.21772 2.00240 3.48673 0.29203  0.27120  0.74818  116 DG E "C3'" 
28  O "O3'" . DG A 2  ? 2.08579 1.84263 3.38674 0.35036  0.29383  0.87608  116 DG E "O3'" 
29  C "C2'" . DG A 2  ? 2.41615 2.37263 3.51338 0.23558  0.24484  0.71539  116 DG E "C2'" 
30  C "C1'" . DG A 2  ? 2.23238 2.13102 3.22432 0.14619  0.20943  0.74791  116 DG E "C1'" 
31  N N9    . DG A 2  ? 2.33265 2.34502 3.16921 0.05576  0.17091  0.70000  116 DG E N9    
32  C C8    . DG A 2  ? 2.57852 2.70790 3.35824 0.02328  0.16074  0.60755  116 DG E C8    
33  N N7    . DG A 2  ? 2.56717 2.78093 3.20974 -0.06371 0.12466  0.59491  116 DG E N7    
34  C C5    . DG A 2  ? 2.28331 2.42974 2.89769 -0.08778 0.10926  0.67776  116 DG E C5    
35  C C6    . DG A 2  ? 2.08269 2.26745 2.58569 -0.17219 0.07106  0.70269  116 DG E C6    
36  O O6    . DG A 2  ? 2.08881 2.37568 2.49150 -0.24643 0.04048  0.66429  116 DG E O6    
37  N N1    . DG A 2  ? 1.81791 1.90975 2.34430 -0.16583 0.07246  0.78170  116 DG E N1    
38  C C2    . DG A 2  ? 1.79054 1.77174 2.42375 -0.09039 0.10781  0.83711  116 DG E C2    
39  N N2    . DG A 2  ? 1.75808 1.67220 2.39314 -0.09974 0.10850  0.90698  116 DG E N2    
40  N N3    . DG A 2  ? 1.88365 1.82547 2.62291 -0.01253 0.14188  0.82473  116 DG E N3    
41  C C4    . DG A 2  ? 2.15614 2.18207 2.88352 -0.01512 0.13951  0.74111  116 DG E C4    
42  P P     . DG A 3  ? 2.25651 2.06194 3.67717 0.47044  0.33473  0.94318  117 DG E P     
43  O OP1   . DG A 3  ? 2.25925 1.94806 3.87446 0.52199  0.35933  0.90387  117 DG E OP1   
44  O OP2   . DG A 3  ? 2.38490 2.38425 3.71363 0.48357  0.32805  0.92250  117 DG E OP2   
45  O "O5'" . DG A 3  ? 2.17462 1.93302 3.59161 0.50167  0.35098  1.08685  117 DG E "O5'" 
46  C "C5'" . DG A 3  ? 2.13824 1.79063 3.50375 0.43531  0.33850  1.11701  117 DG E "C5'" 
47  C "C4'" . DG A 3  ? 2.07438 1.83535 3.27085 0.39302  0.32033  1.16112  117 DG E "C4'" 
48  O "O4'" . DG A 3  ? 2.02381 1.87639 3.09229 0.31145  0.28014  1.06679  117 DG E "O4'" 
49  C "C3'" . DG A 3  ? 2.08483 1.98905 3.24752 0.46579  0.33778  1.24260  117 DG E "C3'" 
50  O "O3'" . DG A 3  ? 2.05242 1.98682 3.11250 0.43697  0.33603  1.30116  117 DG E "O3'" 
51  C "C2'" . DG A 3  ? 2.05039 2.11820 3.11057 0.43764  0.31045  1.16295  117 DG E "C2'" 
52  C "C1'" . DG A 3  ? 1.99460 2.02146 2.95734 0.32485  0.27420  1.09008  117 DG E "C1'" 
53  N N9    . DG A 3  ? 2.15814 2.29368 3.04309 0.27321  0.24644  0.99008  117 DG E N9    
54  C C8    . DG A 3  ? 2.37002 2.56281 3.30991 0.30511  0.25495  0.91759  117 DG E C8    
55  N N7    . DG A 3  ? 2.54392 2.84347 3.38321 0.23997  0.22892  0.83789  117 DG E N7    
56  C C5    . DG A 3  ? 2.41724 2.72669 3.13547 0.16185  0.19832  0.86410  117 DG E C5    
57  C C6    . DG A 3  ? 2.45636 2.86028 3.04483 0.06910  0.16134  0.81600  117 DG E C6    
58  O O6    . DG A 3  ? 2.63159 3.13841 3.17315 0.03471  0.15007  0.74104  117 DG E O6    
59  N N1    . DG A 3  ? 2.21416 2.58735 2.73293 0.01336  0.13876  0.86484  117 DG E N1    
60  C C2    . DG A 3  ? 1.98688 2.25855 2.54673 0.04236  0.15388  0.94385  117 DG E C2    
61  N N2    . DG A 3  ? 1.80984 2.07127 2.30007 -0.02147 0.13083  0.97031  117 DG E N2    
62  N N3    . DG A 3  ? 1.96818 2.15651 2.63789 0.12642  0.19082  0.99339  117 DG E N3    
63  C C4    . DG A 3  ? 2.17820 2.38749 2.92527 0.18227  0.20934  0.95234  117 DG E C4    
64  P P     . DA A 4  ? 2.09943 2.17332 3.11160 0.49462  0.35301  1.37064  118 DA E P     
65  O OP1   . DA A 4  ? 2.17572 2.19512 3.29641 0.54267  0.38643  1.38825  118 DA E OP1   
66  O OP2   . DA A 4  ? 2.08433 2.31623 3.04664 0.53193  0.33798  1.39018  118 DA E OP2   
67  O "O5'" . DA A 4  ? 2.04848 2.15230 2.92892 0.42278  0.33832  1.35705  118 DA E "O5'" 
68  C "C5'" . DA A 4  ? 1.98684 2.02212 2.81146 0.33117  0.30880  1.29517  118 DA E "C5'" 
69  C "C4'" . DA A 4  ? 1.92802 2.08889 2.62033 0.28520  0.27965  1.29806  118 DA E "C4'" 
70  O "O4'" . DA A 4  ? 1.90726 2.10921 2.58546 0.25971  0.25563  1.24836  118 DA E "O4'" 
71  C "C3'" . DA A 4  ? 1.94126 2.27043 2.56599 0.33600  0.28708  1.35088  118 DA E "C3'" 
72  O "O3'" . DA A 4  ? 1.90111 2.28464 2.42372 0.28028  0.27089  1.32534  118 DA E "O3'" 
73  C "C2'" . DA A 4  ? 1.92549 2.38376 2.51442 0.34734  0.26694  1.33553  118 DA E "C2'" 
74  C "C1'" . DA A 4  ? 1.88248 2.26902 2.46277 0.26063  0.23845  1.23664  118 DA E "C1'" 
75  N N9    . DA A 4  ? 1.90524 2.35926 2.50331 0.26830  0.22767  1.16438  118 DA E N9    
76  C C8    . DA A 4  ? 2.04206 2.48394 2.74935 0.34468  0.25120  1.16142  118 DA E C8    
77  N N7    . DA A 4  ? 2.26005 2.78422 2.95902 0.33083  0.23866  1.07865  118 DA E N7    
78  C C5    . DA A 4  ? 2.22281 2.81789 2.79461 0.23773  0.20345  1.03257  118 DA E C5    
79  C C6    . DA A 4  ? 2.35474 3.05857 2.85681 0.17812  0.17853  0.94883  118 DA E C6    
80  N N6    . DA A 4  ? 2.59005 3.35604 3.13634 0.20463  0.18858  0.88536  118 DA E N6    
81  N N1    . DA A 4  ? 2.19649 2.94582 2.58928 0.08803  0.14482  0.93195  118 DA E N1    
82  C C2    . DA A 4  ? 1.95466 2.64451 2.31579 0.06264  0.13764  0.98634  118 DA E C2    
83  N N3    . DA A 4  ? 1.87019 2.46352 2.28300 0.11235  0.16222  1.05963  118 DA E N3    
84  C C4    . DA A 4  ? 1.97650 2.52683 2.49195 0.19962  0.19472  1.08392  118 DA E C4    
85  P P     . DC A 5  ? 1.99931 2.53838 2.44970 0.31920  0.27850  1.36305  119 DC E P     
86  O OP1   . DC A 5  ? 2.00712 2.48142 2.45032 0.29432  0.29156  1.34752  119 DC E OP1   
87  O OP2   . DC A 5  ? 2.06113 2.67397 2.56350 0.41207  0.29880  1.42719  119 DC E OP2   
88  O "O5'" . DC A 5  ? 1.93858 2.61932 2.27375 0.26435  0.24021  1.32958  119 DC E "O5'" 
89  C "C5'" . DC A 5  ? 1.87481 2.50063 2.17929 0.17206  0.21086  1.26996  119 DC E "C5'" 
90  C "C4'" . DC A 5  ? 1.83340 2.60637 2.06421 0.13751  0.17941  1.24998  119 DC E "C4'" 
91  O "O4'" . DC A 5  ? 1.84665 2.60887 2.13058 0.16085  0.17770  1.21899  119 DC E "O4'" 
92  C "C3'" . DC A 5  ? 1.84336 2.81084 2.00720 0.17615  0.17235  1.26162  119 DC E "C3'" 
93  O "O3'" . DC A 5  ? 1.78638 2.84832 1.87245 0.09747  0.13611  1.20062  119 DC E "O3'" 
94  C "C2'" . DC A 5  ? 1.87093 2.91530 2.07214 0.24103  0.17596  1.27282  119 DC E "C2'" 
95  C "C1'" . DC A 5  ? 1.84186 2.78291 2.08094 0.18317  0.16318  1.19876  119 DC E "C1'" 
96  N N1    . DC A 5  ? 1.94631 2.89398 2.26065 0.23783  0.17463  1.17714  119 DC E N1    
97  C C2    . DC A 5  ? 2.06945 3.10009 2.35906 0.19563  0.15252  1.09580  119 DC E C2    
98  O O2    . DC A 5  ? 1.95331 3.04501 2.16155 0.11334  0.12194  1.05289  119 DC E O2    
99  N N3    . DC A 5  ? 2.29817 3.34231 2.66172 0.24503  0.16734  1.06562  119 DC E N3    
100 C C4    . DC A 5  ? 2.38553 3.35770 2.85529 0.33394  0.19930  1.11557  119 DC E C4    
101 N N4    . DC A 5  ? 2.59737 3.58511 3.15456 0.38102  0.21405  1.07508  119 DC E N4    
102 C C5    . DC A 5  ? 2.23050 3.11424 2.72989 0.37749  0.21995  1.20909  119 DC E C5    
103 C C6    . DC A 5  ? 2.02463 2.90359 2.43823 0.32696  0.20836  1.23584  119 DC E C6    
104 P P     . DA A 6  ? 1.81974 3.06687 1.83810 0.11070  0.12027  1.18389  120 DA E P     
105 O OP1   . DA A 6  ? 1.86058 3.07350 1.88023 0.14095  0.14273  1.20766  120 DA E OP1   
106 O OP2   . DA A 6  ? 1.83947 3.23379 1.85266 0.16952  0.11613  1.20499  120 DA E OP2   
107 O "O5'" . DA A 6  ? 1.75054 3.03886 1.71982 0.00501  0.08043  1.10762  120 DA E "O5'" 
108 C "C5'" . DA A 6  ? 1.70726 2.94825 1.68289 -0.06490 0.05973  1.07543  120 DA E "C5'" 
109 C "C4'" . DA A 6  ? 1.69404 3.09018 1.64184 -0.06586 0.04033  1.04694  120 DA E "C4'" 
110 O "O4'" . DA A 6  ? 1.72962 3.09075 1.73051 -0.00343 0.06108  1.05717  120 DA E "O4'" 
111 C "C3'" . DA A 6  ? 1.70396 3.28621 1.61520 -0.02600 0.03098  1.04187  120 DA E "C3'" 
112 O "O3'" . DA A 6  ? 1.65363 3.32762 1.53437 -0.10724 -0.00635 0.97251  120 DA E "O3'" 
113 C "C2'" . DA A 6  ? 1.73764 3.41196 1.66965 0.05210  0.04358  1.06883  120 DA E "C2'" 
114 C "C1'" . DA A 6  ? 1.73806 3.26865 1.72734 0.03702  0.05515  1.04430  120 DA E "C1'" 
115 N N9    . DA A 6  ? 1.79154 3.29249 1.85223 0.13045  0.08523  1.07765  120 DA E N9    
116 C C8    . DA A 6  ? 1.84295 3.26083 1.95235 0.20783  0.11570  1.15183  120 DA E C8    
117 N N7    . DA A 6  ? 1.90936 3.31032 2.10082 0.28208  0.13732  1.16745  120 DA E N7    
118 C C5    . DA A 6  ? 1.99764 3.47908 2.18858 0.25121  0.12263  1.09117  120 DA E C5    
119 C C6    . DA A 6  ? 2.21510 3.72654 2.48128 0.29715  0.13666  1.05730  120 DA E C6    
120 N N6    . DA A 6  ? 2.35371 3.80687 2.72515 0.38896  0.16609  1.10003  120 DA E N6    
121 N N1    . DA A 6  ? 2.25321 3.85974 2.49166 0.24425  0.12139  0.97712  120 DA E N1    
122 C C2    . DA A 6  ? 2.06896 3.73148 2.21541 0.15098  0.09102  0.94230  120 DA E C2    
123 N N3    . DA A 6  ? 1.86758 3.50263 1.94993 0.10102  0.07232  0.96814  120 DA E N3    
124 C C4    . DA A 6  ? 1.85820 3.40282 1.96486 0.15636  0.09090  1.03946  120 DA E C4    
125 P P     . DT A 7  ? 1.62296 3.43409 1.49043 -0.14386 -0.03105 0.92617  121 DT E P     
126 O OP1   . DT A 7  ? 1.63828 3.37492 1.52591 -0.15265 -0.02068 0.92522  121 DT E OP1   
127 O OP2   . DT A 7  ? 1.57512 3.43201 1.43410 -0.23314 -0.06571 0.86568  121 DT E OP2   
128 O "O5'" . DT A 7  ? 1.65674 3.63797 1.52324 -0.05718 -0.02526 0.94188  121 DT E "O5'" 
129 C "C5'" . DT A 7  ? 1.63436 3.78278 1.49692 -0.07887 -0.04818 0.89321  121 DT E "C5'" 
130 C "C4'" . DT A 7  ? 1.66036 3.84840 1.52478 -0.08864 -0.04498 0.88338  121 DT E "C4'" 
131 O "O4'" . DT A 7  ? 1.79968 3.87383 1.70736 -0.01878 -0.01145 0.92018  121 DT E "O4'" 
132 C "C3'" . DT A 7  ? 1.68264 4.06972 1.55737 -0.05902 -0.05347 0.85966  121 DT E "C3'" 
133 O "O3'" . DT A 7  ? 1.68907 4.11725 1.56338 -0.12641 -0.06082 0.80723  121 DT E "O3'" 
134 C "C2'" . DT A 7  ? 1.85538 4.24557 1.77395 0.05608  -0.02470 0.91059  121 DT E "C2'" 
135 C "C1'" . DT A 7  ? 1.93201 4.11698 1.88123 0.04993  0.00062  0.91570  121 DT E "C1'" 
136 N N1    . DT A 7  ? 2.08655 4.19219 2.09573 0.15464  0.03227  0.97732  121 DT E N1    
137 C C2    . DT A 7  ? 2.29551 4.41272 2.38137 0.21533  0.05447  0.96573  121 DT E C2    
138 O O2    . DT A 7  ? 2.34811 4.54345 2.44727 0.18824  0.05289  0.90332  121 DT E O2    
139 N N3    . DT A 7  ? 2.41878 4.45483 2.57407 0.30881  0.08118  1.02984  121 DT E N3    
140 C C4    . DT A 7  ? 2.33766 4.28934 2.48395 0.34484  0.08977  1.10847  121 DT E C4    
141 O O4    . DT A 7  ? 2.42386 4.30729 2.64389 0.42782  0.11500  1.17095  121 DT E O4    
142 C C5    . DT A 7  ? 2.12483 4.07703 2.17840 0.27709  0.06929  1.11158  121 DT E C5    
143 C C7    . DT A 7  ? 2.02514 3.90116 2.05850 0.30662  0.08261  1.18824  121 DT E C7    
144 C C6    . DT A 7  ? 2.01652 4.04205 2.01217 0.18737  0.04087  1.04401  121 DT E C6    
145 P P     . DC A 8  ? 1.70443 4.34558 1.59171 -0.13443 -0.07450 0.76408  122 DC E P     
146 O OP1   . DC A 8  ? 1.55407 4.19418 1.44644 -0.24762 -0.09724 0.70535  122 DC E OP1   
147 O OP2   . DC A 8  ? 1.71865 4.47136 1.62893 -0.05048 -0.07607 0.78929  122 DC E OP2   
148 O "O5'" . DC A 8  ? 1.85770 4.50775 1.78662 -0.10587 -0.04544 0.73785  122 DC E "O5'" 
149 C "C5'" . DC A 8  ? 2.02235 4.58524 2.00266 -0.01214 -0.01309 0.76736  122 DC E "C5'" 
150 C "C4'" . DC A 8  ? 2.11419 4.82648 2.15902 0.07105  0.00155  0.76044  122 DC E "C4'" 
151 O "O4'" . DC A 8  ? 2.24499 4.88243 2.35249 0.17950  0.02536  0.81476  122 DC E "O4'" 
152 C "C3'" . DC A 8  ? 2.01474 4.92597 2.04993 0.08623  -0.02598 0.76826  122 DC E "C3'" 
153 O "O3'" . DC A 8  ? 2.00231 5.06492 2.09866 0.11943  -0.01501 0.73163  122 DC E "O3'" 
154 C "C2'" . DC A 8  ? 2.04714 4.93373 2.09134 0.17893  -0.02726 0.84657  122 DC E "C2'" 
155 C "C1'" . DC A 8  ? 2.20280 4.97066 2.32446 0.25272  0.01086  0.86520  122 DC E "C1'" 
156 N N1    . DC A 8  ? 2.26832 4.92077 2.40357 0.32529  0.02161  0.94818  122 DC E N1    
157 C C2    . DC A 8  ? 2.39960 4.99736 2.63407 0.42117  0.05065  0.98398  122 DC E C2    
158 O O2    . DC A 8  ? 2.45195 5.10062 2.76191 0.44451  0.06713  0.93665  122 DC E O2    
159 N N3    . DC A 8  ? 2.43478 4.92876 2.68800 0.48446  0.06194  1.06853  122 DC E N3    
160 C C4    . DC A 8  ? 2.32821 4.77977 2.49667 0.45412  0.04848  1.11070  122 DC E C4    
161 N N4    . DC A 8  ? 2.33476 4.69146 2.52320 0.51636  0.06486  1.19749  122 DC E N4    
162 C C5    . DC A 8  ? 2.17545 4.68263 2.24473 0.35783  0.01979  1.06486  122 DC E C5    
163 C C6    . DC A 8  ? 2.15650 4.75992 2.21707 0.29661  0.00566  0.98727  122 DC E C6    
164 P P     . DA A 9  ? 2.07351 5.25268 2.15661 0.02552  -0.01893 0.65603  123 DA E P     
165 O OP1   . DA A 9  ? 2.08104 5.11645 2.12436 -0.05798 -0.00694 0.62464  123 DA E OP1   
166 O OP2   . DA A 9  ? 1.93671 5.26142 1.98719 -0.01506 -0.05775 0.65586  123 DA E OP2   
167 O "O5'" . DA A 9  ? 2.10709 5.41049 2.28395 0.09597  0.01058  0.62294  123 DA E "O5'" 
168 C "C5'" . DA A 9  ? 1.99695 5.51101 2.20177 0.08214  0.00055  0.58729  123 DA E "C5'" 
169 C "C4'" . DA A 9  ? 2.03994 5.66635 2.35313 0.19568  0.01666  0.59473  123 DA E "C4'" 
170 O "O4'" . DA A 9  ? 2.14071 5.66671 2.48088 0.29193  0.01529  0.66846  123 DA E "O4'" 
171 C "C3'" . DA A 9  ? 1.94709 5.79614 2.29299 0.21247  -0.01196 0.59359  123 DA E "C3'" 
172 O "O3'" . DA A 9  ? 1.96739 5.93204 2.43111 0.29186  0.01245  0.57207  123 DA E "O3'" 
173 C "C2'" . DA A 9  ? 1.95571 5.78806 2.26830 0.26418  -0.04896 0.67180  123 DA E "C2'" 
174 C "C1'" . DA A 9  ? 2.07792 5.72691 2.41632 0.33844  -0.02216 0.72129  123 DA E "C1'" 
175 N N9    . DA A 9  ? 2.10118 5.62562 2.36108 0.33587  -0.04098 0.78448  123 DA E N9    
176 C C8    . DA A 9  ? 2.02277 5.51790 2.18315 0.24844  -0.06742 0.77866  123 DA E C8    
177 N N7    . DA A 9  ? 2.05210 5.43406 2.16423 0.26881  -0.07408 0.83775  123 DA E N7    
178 C C5    . DA A 9  ? 2.16098 5.49241 2.34319 0.37575  -0.05161 0.89399  123 DA E C5    
179 C C6    . DA A 9  ? 2.22896 5.44629 2.40938 0.44321  -0.04347 0.97684  123 DA E C6    
180 N N6    . DA A 9  ? 2.19052 5.32662 2.28491 0.41054  -0.05470 1.01094  123 DA E N6    
181 N N1    . DA A 9  ? 2.32522 5.51770 2.60582 0.54489  -0.02105 1.02349  123 DA E N1    
182 C C2    . DA A 9  ? 2.35583 5.63308 2.73492 0.57807  -0.00694 0.98053  123 DA E C2    
183 N N3    . DA A 9  ? 2.28834 5.68184 2.67405 0.52196  -0.00910 0.89683  123 DA E N3    
184 C C4    . DA A 9  ? 2.19360 5.60830 2.47382 0.41948  -0.03249 0.86091  123 DA E C4    
185 P P     . DT B 1  ? 2.38680 1.29678 2.18295 -0.31114 -0.39733 0.27618  122 DT B P     
186 O OP1   . DT B 1  ? 2.33478 1.27101 2.22815 -0.25690 -0.38664 0.28187  122 DT B OP1   
187 O OP2   . DT B 1  ? 2.34514 1.28569 2.10191 -0.32279 -0.44638 0.24125  122 DT B OP2   
188 O "O5'" . DT B 1  ? 2.41345 1.38021 2.21009 -0.34768 -0.46560 0.36152  122 DT B "O5'" 
189 C "C5'" . DT B 1  ? 2.46607 1.41383 2.28596 -0.34701 -0.42667 0.40611  122 DT B "C5'" 
190 C "C4'" . DT B 1  ? 2.46833 1.55423 2.36019 -0.35324 -0.50874 0.50020  122 DT B "C4'" 
191 O "O4'" . DT B 1  ? 2.45318 1.58655 2.30800 -0.40036 -0.56971 0.52068  122 DT B "O4'" 
192 C "C3'" . DT B 1  ? 2.42171 1.64911 2.42415 -0.30803 -0.56799 0.53753  122 DT B "C3'" 
193 O "O3'" . DT B 1  ? 2.44899 1.80800 2.53670 -0.28518 -0.58103 0.62135  122 DT B "O3'" 
194 C "C2'" . DT B 1  ? 2.36511 1.67674 2.36349 -0.33558 -0.64270 0.54129  122 DT B "C2'" 
195 C "C1'" . DT B 1  ? 2.41164 1.70599 2.35594 -0.39347 -0.64668 0.56837  122 DT B "C1'" 
196 N N1    . DT B 1  ? 2.36295 1.67573 2.27521 -0.43999 -0.70359 0.55311  122 DT B N1    
197 C C2    . DT B 1  ? 2.36479 1.76583 2.31101 -0.47744 -0.73982 0.60637  122 DT B C2    
198 O O2    . DT B 1  ? 2.40360 1.87485 2.39706 -0.47167 -0.72496 0.66470  122 DT B O2    
199 N N3    . DT B 1  ? 2.30998 1.71896 2.24090 -0.52024 -0.79383 0.58790  122 DT B N3    
200 C C4    . DT B 1  ? 2.30392 1.65195 2.17807 -0.52405 -0.82044 0.52667  122 DT B C4    
201 O O4    . DT B 1  ? 2.29988 1.66962 2.16548 -0.55763 -0.87781 0.52130  122 DT B O4    
202 C C5    . DT B 1  ? 2.30250 1.56717 2.13314 -0.47805 -0.77307 0.47231  122 DT B C5    
203 C C7    . DT B 1  ? 2.29288 1.50373 2.05951 -0.46347 -0.78022 0.40825  122 DT B C7    
204 C C6    . DT B 1  ? 2.31244 1.55949 2.17058 -0.44183 -0.71612 0.48501  122 DT B C6    
205 P P     . DA B 2  ? 2.07218 1.58227 2.27959 -0.20067 -0.59191 0.65051  123 DA B P     
206 O OP1   . DA B 2  ? 2.11495 1.48585 2.34031 -0.17604 -0.53000 0.61429  123 DA B OP1   
207 O OP2   . DA B 2  ? 1.96294 1.62271 2.20600 -0.15486 -0.63691 0.61887  123 DA B OP2   
208 O "O5'" . DA B 2  ? 2.05347 1.74502 2.31787 -0.19730 -0.60266 0.73478  123 DA B "O5'" 
209 C "C5'" . DA B 2  ? 2.11064 1.79480 2.33304 -0.26174 -0.61064 0.77123  123 DA B "C5'" 
210 C "C4'" . DA B 2  ? 2.03811 1.93938 2.30210 -0.25385 -0.63925 0.80196  123 DA B "C4'" 
211 O "O4'" . DA B 2  ? 2.03522 1.89755 2.25518 -0.29418 -0.66695 0.76810  123 DA B "O4'" 
212 C "C3'" . DA B 2  ? 1.93536 2.04462 2.26382 -0.17079 -0.63202 0.78243  123 DA B "C3'" 
213 O "O3'" . DA B 2  ? 1.91925 2.20559 2.27935 -0.16511 -0.62378 0.82361  123 DA B "O3'" 
214 C "C2'" . DA B 2  ? 1.87904 2.00517 2.18909 -0.15730 -0.64768 0.71257  123 DA B "C2'" 
215 C "C1'" . DA B 2  ? 1.93592 1.97334 2.20079 -0.24092 -0.67142 0.73646  123 DA B "C1'" 
216 N N9    . DA B 2  ? 1.92843 1.87414 2.15498 -0.26804 -0.69779 0.68030  123 DA B N9    
217 C C8    . DA B 2  ? 1.90573 1.76580 2.11298 -0.24404 -0.70565 0.61506  123 DA B C8    
218 N N7    . DA B 2  ? 1.91151 1.69495 2.08346 -0.28679 -0.73456 0.57539  123 DA B N7    
219 C C5    . DA B 2  ? 1.93811 1.75876 2.11394 -0.34152 -0.74621 0.61981  123 DA B C5    
220 C C6    . DA B 2  ? 1.95772 1.72930 2.11991 -0.40560 -0.77735 0.61262  123 DA B C6    
221 N N6    . DA B 2  ? 1.95848 1.62432 2.08775 -0.42916 -0.80148 0.55664  123 DA B N6    
222 N N1    . DA B 2  ? 1.98107 1.80859 2.17148 -0.44682 -0.78381 0.66767  123 DA B N1    
223 C C2    . DA B 2  ? 1.98424 1.91347 2.20684 -0.42360 -0.75854 0.72316  123 DA B C2    
224 N N3    . DA B 2  ? 1.97095 1.95270 2.20302 -0.36767 -0.72763 0.73616  123 DA B N3    
225 C C4    . DA B 2  ? 1.94717 1.86943 2.15724 -0.32827 -0.72331 0.68307  123 DA B C4    
226 P P     . DC B 3  ? 1.67813 2.17164 2.08077 -0.08866 -0.60134 0.80859  124 DC B P     
227 O OP1   . DC B 3  ? 1.71237 2.19951 2.14888 -0.08289 -0.59148 0.85928  124 DC B OP1   
228 O OP2   . DC B 3  ? 1.60673 2.15190 2.00666 -0.02481 -0.59712 0.71613  124 DC B OP2   
229 O "O5'" . DC B 3  ? 1.68158 2.30992 2.08969 -0.10914 -0.59808 0.84064  124 DC B "O5'" 
230 C "C5'" . DC B 3  ? 1.71307 2.27547 2.10688 -0.17669 -0.61577 0.86947  124 DC B "C5'" 
231 C "C4'" . DC B 3  ? 1.67311 2.35418 2.07776 -0.16268 -0.61368 0.84043  124 DC B "C4'" 
232 O "O4'" . DC B 3  ? 1.65572 2.23713 2.03747 -0.18249 -0.63403 0.78989  124 DC B "O4'" 
233 C "C3'" . DC B 3  ? 1.62004 2.46136 2.03922 -0.08352 -0.59167 0.78433  124 DC B "C3'" 
234 O "O3'" . DC B 3  ? 1.61858 2.59565 2.06324 -0.08616 -0.58311 0.80411  124 DC B "O3'" 
235 C "C2'" . DC B 3  ? 1.56642 2.36031 1.97056 -0.04837 -0.59869 0.68871  124 DC B "C2'" 
236 C "C1'" . DC B 3  ? 1.58806 2.27330 1.98103 -0.11748 -0.62261 0.70850  124 DC B "C1'" 
237 N N1    . DC B 3  ? 1.56383 2.13095 1.93186 -0.11993 -0.63819 0.64437  124 DC B N1    
238 C C2    . DC B 3  ? 1.57436 2.06560 1.93516 -0.17376 -0.66173 0.63861  124 DC B C2    
239 O O2    . DC B 3  ? 1.60035 2.12773 1.98286 -0.21409 -0.66906 0.68817  124 DC B O2    
240 N N3    . DC B 3  ? 1.56072 1.93549 1.89517 -0.18467 -0.67760 0.58222  124 DC B N3    
241 C C4    . DC B 3  ? 1.53168 1.87295 1.85349 -0.14055 -0.66882 0.53294  124 DC B C4    
242 N N4    . DC B 3  ? 1.52338 1.74528 1.82048 -0.15718 -0.68502 0.47941  124 DC B N4    
243 C C5    . DC B 3  ? 1.51592 1.93572 1.85393 -0.08128 -0.64488 0.53880  124 DC B C5    
244 C C6    . DC B 3  ? 1.53545 2.06284 1.89293 -0.07467 -0.63142 0.59417  124 DC B C6    
245 P P     . DA B 4  ? 1.46119 2.59362 1.92751 -0.07282 -0.56130 0.85920  125 DA B P     
246 O OP1   . DA B 4  ? 1.51474 2.59379 1.98827 -0.12065 -0.56464 0.94511  125 DA B OP1   
247 O OP2   . DA B 4  ? 1.43200 2.64936 1.89088 -0.00394 -0.54724 0.79553  125 DA B OP2   
248 O "O5'" . DA B 4  ? 1.46162 2.70131 1.96007 -0.09468 -0.55757 0.88480  125 DA B "O5'" 
249 C "C5'" . DA B 4  ? 1.46128 2.61812 1.97136 -0.14147 -0.57883 0.89036  125 DA B "C5'" 
250 C "C4'" . DA B 4  ? 1.41262 2.61556 1.93765 -0.10694 -0.58067 0.81043  125 DA B "C4'" 
251 O "O4'" . DA B 4  ? 1.37771 2.46139 1.87159 -0.08471 -0.59413 0.72773  125 DA B "O4'" 
252 C "C3'" . DA B 4  ? 1.38879 2.76030 1.93079 -0.04690 -0.55568 0.77010  125 DA B "C3'" 
253 O "O3'" . DA B 4  ? 1.37532 2.83280 1.96517 -0.05117 -0.55539 0.76097  125 DA B "O3'" 
254 C "C2'" . DA B 4  ? 1.34383 2.66060 1.86077 0.00993  -0.55858 0.66405  125 DA B "C2'" 
255 C "C1'" . DA B 4  ? 1.32794 2.49199 1.83363 -0.01850 -0.58408 0.63422  125 DA B "C1'" 
256 N N9    . DA B 4  ? 1.29549 2.35853 1.76905 0.01605  -0.59045 0.55808  125 DA B N9    
257 C C8    . DA B 4  ? 1.28567 2.34944 1.74119 0.06236  -0.58084 0.52715  125 DA B C8    
258 N N7    . DA B 4  ? 1.25341 2.21680 1.69009 0.08507  -0.58953 0.46063  125 DA B N7    
259 C C5    . DA B 4  ? 1.24329 2.13880 1.67822 0.04831  -0.60374 0.44807  125 DA B C5    
260 C C6    . DA B 4  ? 1.21451 2.00449 1.63016 0.04256  -0.61322 0.39400  125 DA B C6    
261 N N6    . DA B 4  ? 1.18352 1.92428 1.58121 0.08092  -0.60706 0.33919  125 DA B N6    
262 N N1    . DA B 4  ? 1.22252 1.95817 1.64142 -0.01092 -0.62832 0.40539  125 DA B N1    
263 C C2    . DA B 4  ? 1.25309 2.03956 1.69994 -0.04851 -0.63505 0.46328  125 DA B C2    
264 N N3    . DA B 4  ? 1.27616 2.17323 1.74730 -0.04334 -0.62435 0.51740  125 DA B N3    
265 C C4    . DA B 4  ? 1.27055 2.21952 1.73034 0.00498  -0.60731 0.50685  125 DA B C4    
266 P P     . DC B 5  ? 1.34469 2.53480 1.90868 0.39079  -0.53529 -0.19837 126 DC B P     
267 O OP1   . DC B 5  ? 1.29847 2.53766 1.89457 0.37212  -0.51953 -0.22868 126 DC B OP1   
268 O OP2   . DC B 5  ? 1.42373 2.56054 1.85000 0.38642  -0.51920 -0.13814 126 DC B OP2   
269 O "O5'" . DC B 5  ? 1.38680 2.61180 1.98365 0.44083  -0.59689 -0.24856 126 DC B "O5'" 
270 C "C5'" . DC B 5  ? 1.42611 2.67843 2.00600 0.45427  -0.61388 -0.29404 126 DC B "C5'" 
271 C "C4'" . DC B 5  ? 1.53907 2.80188 1.98415 0.50036  -0.65172 -0.29189 126 DC B "C4'" 
272 O "O4'" . DC B 5  ? 1.58655 2.80496 1.99547 0.52198  -0.67605 -0.26172 126 DC B "O4'" 
273 C "C3'" . DC B 5  ? 1.58423 2.86145 1.89625 0.49027  -0.61741 -0.25546 126 DC B "C3'" 
274 O "O3'" . DC B 5  ? 1.68350 2.98913 1.89536 0.53252  -0.64656 -0.28365 126 DC B "O3'" 
275 C "C2'" . DC B 5  ? 1.63775 2.84000 1.85750 0.47769  -0.59728 -0.18638 126 DC B "C2'" 
276 C "C1'" . DC B 5  ? 1.67055 2.84889 1.92058 0.51954  -0.65558 -0.20524 126 DC B "C1'" 
277 N N1    . DC B 5  ? 1.66956 2.77928 1.91429 0.50598  -0.64332 -0.15580 126 DC B N1    
278 C C2    . DC B 5  ? 1.78167 2.82537 1.87719 0.51663  -0.64708 -0.10525 126 DC B C2    
279 O O2    . DC B 5  ? 1.88257 2.92667 1.85114 0.53588  -0.65590 -0.10100 126 DC B O2    
280 N N3    . DC B 5  ? 1.78796 2.76337 1.87496 0.50804  -0.64150 -0.06246 126 DC B N3    
281 C C4    . DC B 5  ? 1.68924 2.66363 1.90570 0.49123  -0.62688 -0.06871 126 DC B C4    
282 N N4    . DC B 5  ? 1.70717 2.61075 1.90347 0.48831  -0.62164 -0.02793 126 DC B N4    
283 C C5    . DC B 5  ? 1.57859 2.61789 1.94354 0.47793  -0.61620 -0.11624 126 DC B C5    
284 C C6    . DC B 5  ? 1.57151 2.67544 1.94729 0.48471  -0.62740 -0.15832 126 DC B C6    
285 P P     . DC B 6  ? 1.48083 2.86001 1.72626 0.54230  -0.65047 -0.34191 127 DC B P     
286 O OP1   . DC B 6  ? 1.53202 2.87870 1.81206 0.57302  -0.69454 -0.39700 127 DC B OP1   
287 O OP2   . DC B 6  ? 1.36093 2.76063 1.71298 0.49160  -0.60574 -0.33922 127 DC B OP2   
288 O "O5'" . DC B 6  ? 1.59531 2.97911 1.66713 0.55218  -0.61687 -0.31463 127 DC B "O5'" 
289 C "C5'" . DC B 6  ? 1.56486 2.97141 1.61790 0.50761  -0.54685 -0.28245 127 DC B "C5'" 
290 C "C4'" . DC B 6  ? 1.66752 3.02989 1.57020 0.49371  -0.50344 -0.21132 127 DC B "C4'" 
291 O "O4'" . DC B 6  ? 1.65536 2.94332 1.56284 0.47263  -0.50619 -0.16041 127 DC B "O4'" 
292 C "C3'" . DC B 6  ? 1.64770 3.03976 1.53682 0.44607  -0.42928 -0.17616 127 DC B "C3'" 
293 O "O3'" . DC B 6  ? 1.80484 3.17195 1.53475 0.44747  -0.39389 -0.12435 127 DC B "O3'" 
294 C "C2'" . DC B 6  ? 1.55728 2.90047 1.52490 0.39418  -0.40831 -0.13116 127 DC B "C2'" 
295 C "C1'" . DC B 6  ? 1.62637 2.89356 1.52611 0.41608  -0.44412 -0.10089 127 DC B "C1'" 
296 N N1    . DC B 6  ? 1.55089 2.76127 1.52958 0.39066  -0.45039 -0.07546 127 DC B N1    
297 C C2    . DC B 6  ? 1.62056 2.74986 1.51426 0.38536  -0.45093 -0.01642 127 DC B C2    
298 O O2    . DC B 6  ? 1.74530 2.84917 1.49883 0.39869  -0.44593 0.01541  127 DC B O2    
299 N N3    . DC B 6  ? 1.56080 2.63553 1.51948 0.36770  -0.45625 0.00492  127 DC B N3    
300 C C4    . DC B 6  ? 1.44144 2.53802 1.53893 0.35423  -0.45612 -0.02760 127 DC B C4    
301 N N4    . DC B 6  ? 1.39858 2.43608 1.54535 0.34096  -0.45623 -0.00471 127 DC B N4    
302 C C5    . DC B 6  ? 1.37146 2.54490 1.55571 0.35552  -0.45543 -0.08456 127 DC B C5    
303 C C6    . DC B 6  ? 1.42666 2.65596 1.55061 0.37473  -0.45529 -0.10828 127 DC B C6    
304 P P     . DG B 7  ? 1.80969 3.22956 1.41825 0.48438  -0.37256 -0.14635 128 DG B P     
305 O OP1   . DG B 7  ? 1.81404 3.26623 1.44713 0.54471  -0.43855 -0.22650 128 DG B OP1   
306 O OP2   . DG B 7  ? 1.77025 3.25027 1.41467 0.43980  -0.29961 -0.12970 128 DG B OP2   
307 O "O5'" . DG B 7  ? 1.98271 3.32722 1.40001 0.49910  -0.36236 -0.08497 128 DG B "O5'" 
308 C "C5'" . DG B 7  ? 1.99788 3.25152 1.39205 0.48815  -0.38852 -0.03792 128 DG B "C5'" 
309 C "C4'" . DG B 7  ? 2.13386 3.32342 1.37292 0.46446  -0.34072 0.04429  128 DG B "C4'" 
310 O "O4'" . DG B 7  ? 2.06406 3.20647 1.36475 0.40591  -0.31796 0.10142  128 DG B "O4'" 
311 C "C3'" . DG B 7  ? 2.20379 3.44712 1.37260 0.44453  -0.26254 0.06601  128 DG B "C3'" 
312 O "O3'" . DG B 7  ? 2.38080 3.55230 1.36636 0.44432  -0.23384 0.13245  128 DG B "O3'" 
313 C "C2'" . DG B 7  ? 2.06640 3.34792 1.37791 0.37353  -0.21130 0.09044  128 DG B "C2'" 
314 C "C1'" . DG B 7  ? 1.99975 3.19843 1.36790 0.35078  -0.24918 0.12114  128 DG B "C1'" 
315 N N9    . DG B 7  ? 1.82489 3.05631 1.37212 0.32794  -0.26374 0.08571  128 DG B N9    
316 C C8    . DG B 7  ? 1.72277 3.04195 1.38420 0.33002  -0.25904 0.02519  128 DG B C8    
317 N N7    . DG B 7  ? 1.58876 2.90399 1.38710 0.30688  -0.27501 0.00831  128 DG B N7    
318 C C5    . DG B 7  ? 1.60014 2.82412 1.37576 0.29084  -0.28954 0.05878  128 DG B C5    
319 C C6    . DG B 7  ? 1.50221 2.67712 1.37430 0.26776  -0.30606 0.06718  128 DG B C6    
320 O O6    . DG B 7  ? 1.38664 2.58493 1.38223 0.25459  -0.31021 0.03321  128 DG B O6    
321 N N1    . DG B 7  ? 1.56271 2.64547 1.36476 0.26322  -0.31844 0.12152  128 DG B N1    
322 C C2    . DG B 7  ? 1.70261 2.73995 1.35835 0.27691  -0.31840 0.16415  128 DG B C2    
323 N N2    . DG B 7  ? 1.74877 2.69068 1.35351 0.27192  -0.33692 0.21225  128 DG B N2    
324 N N3    . DG B 7  ? 1.80226 2.87830 1.35897 0.29664  -0.30106 0.16016  128 DG B N3    
325 C C4    . DG B 7  ? 1.74226 2.91432 1.36734 0.30345  -0.28571 0.10576  128 DG B C4    
326 O "O5'" . DT C 1  ? 3.11879 3.81303 3.50543 0.46707  -1.46455 -0.14241 104 DT C "O5'" 
327 C "C5'" . DT C 1  ? 3.00551 3.80824 3.40789 0.42808  -1.40520 -0.14797 104 DT C "C5'" 
328 C "C4'" . DT C 1  ? 2.99156 3.89631 3.45890 0.46044  -1.40189 -0.19175 104 DT C "C4'" 
329 O "O4'" . DT C 1  ? 2.88529 3.89413 3.37199 0.41466  -1.34634 -0.19262 104 DT C "O4'" 
330 C "C3'" . DT C 1  ? 3.00753 3.88014 3.49554 0.51602  -1.40327 -0.25333 104 DT C "C3'" 
331 O "O3'" . DT C 1  ? 3.09657 3.97609 3.62604 0.57477  -1.45408 -0.28107 104 DT C "O3'" 
332 C "C2'" . DT C 1  ? 2.90137 3.86844 3.41843 0.49777  -1.34215 -0.28673 104 DT C "C2'" 
333 C "C1'" . DT C 1  ? 2.85239 3.91349 3.38561 0.44595  -1.32427 -0.25129 104 DT C "C1'" 
334 N N1    . DT C 1  ? 2.73885 3.86212 3.27581 0.39582  -1.25941 -0.25393 104 DT C N1    
335 C C2    . DT C 1  ? 2.68833 3.86931 3.26768 0.41549  -1.22368 -0.31040 104 DT C C2    
336 O O2    . DT C 1  ? 2.72715 3.91783 3.34081 0.47253  -1.23942 -0.36183 104 DT C O2    
337 N N3    . DT C 1  ? 2.59154 3.81881 3.17215 0.36624  -1.16690 -0.30702 104 DT C N3    
338 C C4    . DT C 1  ? 2.54209 3.76361 3.08756 0.30025  -1.14484 -0.25413 104 DT C C4    
339 O O4    . DT C 1  ? 2.46090 3.71787 3.01254 0.26119  -1.09569 -0.25714 104 DT C O4    
340 C C5    . DT C 1  ? 2.59522 3.76650 3.09745 0.28262  -1.18231 -0.19872 104 DT C C5    
341 C C7    . DT C 1  ? 2.54730 3.72049 3.00985 0.21378  -1.15932 -0.14396 104 DT C C7    
342 C C6    . DT C 1  ? 2.68985 3.81473 3.18996 0.33127  -1.23626 -0.20165 104 DT C C6    
343 P P     . DG C 2  ? 3.14193 3.89768 3.64944 0.61635  -1.52103 -0.27091 105 DG C P     
344 O OP1   . DG C 2  ? 3.20767 3.97571 3.76431 0.68526  -1.55486 -0.32635 105 DG C OP1   
345 O OP2   . DG C 2  ? 3.18432 3.92462 3.66721 0.58554  -1.54964 -0.20772 105 DG C OP2   
346 O "O5'" . DG C 2  ? 3.12830 3.76904 3.58304 0.60732  -1.50482 -0.27399 105 DG C "O5'" 
347 C "C5'" . DG C 2  ? 3.20476 3.74883 3.65685 0.66013  -1.54010 -0.31092 105 DG C "C5'" 
348 C "C4'" . DG C 2  ? 3.16037 3.75208 3.64162 0.69537  -1.50905 -0.37696 105 DG C "C4'" 
349 O "O4'" . DG C 2  ? 3.04440 3.73951 3.53364 0.65474  -1.44582 -0.37608 105 DG C "O4'" 
350 C "C3'" . DG C 2  ? 3.16482 3.66459 3.61196 0.71249  -1.50138 -0.40498 105 DG C "C3'" 
351 O "O3'" . DG C 2  ? 3.15865 3.70315 3.64183 0.76291  -1.49052 -0.47271 105 DG C "O3'" 
352 C "C2'" . DG C 2  ? 3.06250 3.57530 3.46762 0.65201  -1.44304 -0.37404 105 DG C "C2'" 
353 C "C1'" . DG C 2  ? 2.98230 3.63393 3.42646 0.62817  -1.40412 -0.37350 105 DG C "C1'" 
354 N N9    . DG C 2  ? 2.90795 3.59030 3.32475 0.55966  -1.36781 -0.32124 105 DG C N9    
355 C C8    . DG C 2  ? 2.93100 3.56240 3.31155 0.52066  -1.38520 -0.26472 105 DG C C8    
356 N N7    . DG C 2  ? 2.84803 3.53162 3.21234 0.46215  -1.34186 -0.23130 105 DG C N7    
357 C C5    . DG C 2  ? 2.76701 3.53433 3.15866 0.46105  -1.29439 -0.26556 105 DG C C5    
358 C C6    . DG C 2  ? 2.66314 3.50785 3.05596 0.40971  -1.23751 -0.25330 105 DG C C6    
359 O O6    . DG C 2  ? 2.61816 3.47807 2.98665 0.35334  -1.21622 -0.20926 105 DG C O6    
360 N N1    . DG C 2  ? 2.61268 3.52082 3.04044 0.42966  -1.20360 -0.30162 105 DG C N1    
361 C C2    . DG C 2  ? 2.65449 3.56138 3.11183 0.49241  -1.22024 -0.35706 105 DG C C2    
362 N N2    . DG C 2  ? 2.59523 3.57484 3.08486 0.50424  -1.17893 -0.40199 105 DG C N2    
363 N N3    . DG C 2  ? 2.75013 3.58935 3.20692 0.54078  -1.27333 -0.37010 105 DG C N3    
364 C C4    . DG C 2  ? 2.80270 3.57126 3.22630 0.52125  -1.30890 -0.32146 105 DG C C4    
365 P P     . DA C 3  ? 3.18310 3.67294 3.63793 0.78504  -1.46870 -0.51438 106 DA C P     
366 O OP1   . DA C 3  ? 3.22451 3.74696 3.72492 0.85072  -1.48470 -0.58409 106 DA C OP1   
367 O OP2   . DA C 3  ? 3.22937 3.58804 3.63100 0.76958  -1.49345 -0.48376 106 DA C OP2   
368 O "O5'" . DA C 3  ? 3.05655 3.62642 3.49674 0.74192  -1.39414 -0.50869 106 DA C "O5'" 
369 C "C5'" . DA C 3  ? 2.99364 3.69151 3.48208 0.74401  -1.35849 -0.53611 106 DA C "C5'" 
370 C "C4'" . DA C 3  ? 2.89517 3.63853 3.36540 0.72307  -1.29321 -0.54977 106 DA C "C4'" 
371 O "O4'" . DA C 3  ? 2.81657 3.59205 3.26678 0.65539  -1.25615 -0.49705 106 DA C "O4'" 
372 C "C3'" . DA C 3  ? 2.90589 3.56176 3.32395 0.73825  -1.28728 -0.56302 106 DA C "C3'" 
373 O "O3'" . DA C 3  ? 2.88590 3.59672 3.31494 0.78128  -1.25913 -0.63526 106 DA C "O3'" 
374 C "C2'" . DA C 3  ? 2.85586 3.46591 3.21848 0.67445  -1.26298 -0.50148 106 DA C "C2'" 
375 C "C1'" . DA C 3  ? 2.77869 3.49214 3.16909 0.62730  -1.22834 -0.47484 106 DA C "C1'" 
376 N N9    . DA C 3  ? 2.76083 3.44378 3.11957 0.56783  -1.22829 -0.41054 106 DA C N9    
377 C C8    . DA C 3  ? 2.83035 3.43136 3.16759 0.56024  -1.27410 -0.37481 106 DA C C8    
378 N N7    . DA C 3  ? 2.79349 3.39302 3.10474 0.50217  -1.25952 -0.32175 106 DA C N7    
379 C C5    . DA C 3  ? 2.69348 3.37713 3.01069 0.46859  -1.20180 -0.32216 106 DA C C5    
380 C C6    . DA C 3  ? 2.61548 3.34005 2.91632 0.40428  -1.16200 -0.28125 106 DA C C6    
381 N N6    . DA C 3  ? 2.62452 3.31647 2.89742 0.36258  -1.17281 -0.23184 106 DA C N6    
382 N N1    . DA C 3  ? 2.52996 3.33049 2.84559 0.38507  -1.11029 -0.29567 106 DA C N1    
383 C C2    . DA C 3  ? 2.52221 3.35970 2.86628 0.42877  -1.09732 -0.34836 106 DA C C2    
384 N N3    . DA C 3  ? 2.58779 3.40138 2.94880 0.49138  -1.12884 -0.39202 106 DA C N3    
385 C C4    . DA C 3  ? 2.67306 3.40645 3.01944 0.50808  -1.18209 -0.37573 106 DA C C4    
386 P P     . DT C 4  ? 2.81283 3.46136 3.18674 0.80343  -1.24314 -0.66173 107 DT C P     
387 O OP1   . DT C 4  ? 2.84533 3.55393 3.24899 0.87873  -1.24251 -0.75708 107 DT C OP1   
388 O OP2   . DT C 4  ? 2.86782 3.38965 3.19913 0.79476  -1.27868 -0.62610 107 DT C OP2   
389 O "O5'" . DT C 4  ? 2.70307 3.39072 3.04345 0.74079  -1.17958 -0.61791 107 DT C "O5'" 
390 C "C5'" . DT C 4  ? 2.63418 3.43886 3.01503 0.72262  -1.14099 -0.62845 107 DT C "C5'" 
391 C "C4'" . DT C 4  ? 2.54168 3.36209 2.88342 0.66607  -1.08555 -0.58869 107 DT C "C4'" 
392 O "O4'" . DT C 4  ? 2.49781 3.28837 2.82155 0.58597  -1.08028 -0.50030 107 DT C "O4'" 
393 C "C3'" . DT C 4  ? 2.54522 3.29713 2.82138 0.68012  -1.07114 -0.59510 107 DT C "C3'" 
394 O "O3'" . DT C 4  ? 2.48520 3.31285 2.75491 0.68402  -1.02021 -0.62401 107 DT C "O3'" 
395 C "C2'" . DT C 4  ? 2.51928 3.18330 2.74617 0.60911  -1.06995 -0.50830 107 DT C "C2'" 
396 C "C1'" . DT C 4  ? 2.46295 3.18940 2.72277 0.54854  -1.05602 -0.46069 107 DT C "C1'" 
397 N N1    . DT C 4  ? 2.49351 3.14934 2.72899 0.51116  -1.08588 -0.40897 107 DT C N1    
398 C C2    . DT C 4  ? 2.43154 3.10553 2.65046 0.44683  -1.05756 -0.36085 107 DT C C2    
399 O O2    . DT C 4  ? 2.35362 3.09282 2.57754 0.41755  -1.01068 -0.35768 107 DT C O2    
400 N N3    . DT C 4  ? 2.46671 3.07936 2.66431 0.41816  -1.08641 -0.31840 107 DT C N3    
401 C C4    . DT C 4  ? 2.55837 3.08840 2.74993 0.44641  -1.14088 -0.31827 107 DT C C4    
402 O O4    . DT C 4  ? 2.58615 3.06478 2.75838 0.41742  -1.16259 -0.27951 107 DT C O4    
403 C C5    . DT C 4  ? 2.62173 3.12991 2.83258 0.51270  -1.17057 -0.36919 107 DT C C5    
404 C C7    . DT C 4  ? 2.72718 3.14123 2.93620 0.54700  -1.23242 -0.37495 107 DT C C7    
405 C C6    . DT C 4  ? 2.58549 3.15994 2.81698 0.54186  -1.14129 -0.41228 107 DT C C6    
406 P P     . DG C 5  ? 2.26061 3.05255 2.46315 0.70936  -0.99437 -0.64324 108 DG C P     
407 O OP1   . DG C 5  ? 2.25947 3.16193 2.48571 0.77219  -0.96804 -0.72582 108 DG C OP1   
408 O OP2   . DG C 5  ? 2.32669 2.99751 2.48446 0.72624  -1.03131 -0.63204 108 DG C OP2   
409 O "O5'" . DG C 5  ? 2.17098 2.95929 2.33845 0.62943  -0.94930 -0.57410 108 DG C "O5'" 
410 C "C5'" . DG C 5  ? 2.10441 2.96279 2.31479 0.57293  -0.92750 -0.54245 108 DG C "C5'" 
411 C "C4'" . DG C 5  ? 2.03521 2.85375 2.20170 0.49253  -0.89643 -0.46747 108 DG C "C4'" 
412 O "O4'" . DG C 5  ? 2.04176 2.79354 2.20036 0.43942  -0.92251 -0.39973 108 DG C "O4'" 
413 C "C3'" . DG C 5  ? 2.03296 2.78965 2.12645 0.49907  -0.87594 -0.46203 108 DG C "C3'" 
414 O "O3'" . DG C 5  ? 1.95693 2.74850 2.03342 0.45083  -0.82856 -0.43575 108 DG C "O3'" 
415 C "C2'" . DG C 5  ? 2.05594 2.70243 2.11233 0.46351  -0.90147 -0.40500 108 DG C "C2'" 
416 C "C1'" . DG C 5  ? 2.04790 2.71277 2.14230 0.41929  -0.91990 -0.36994 108 DG C "C1'" 
417 N N9    . DG C 5  ? 2.11965 2.70397 2.20569 0.42529  -0.96969 -0.35507 108 DG C N9    
418 C C8    . DG C 5  ? 2.20170 2.73641 2.29573 0.47925  -1.01458 -0.38644 108 DG C C8    
419 N N7    . DG C 5  ? 2.25653 2.71644 2.34083 0.46950  -1.05441 -0.36276 108 DG C N7    
420 C C5    . DG C 5  ? 2.20527 2.67242 2.27359 0.40624  -1.03243 -0.31356 108 DG C C5    
421 C C6    . DG C 5  ? 2.22898 2.64004 2.28144 0.36985  -1.05431 -0.27272 108 DG C C6    
422 O O6    . DG C 5  ? 2.30499 2.63934 2.35364 0.38570  -1.10064 -0.26985 108 DG C O6    
423 N N1    . DG C 5  ? 2.15601 2.60728 2.19703 0.30942  -1.01643 -0.23415 108 DG C N1    
424 C C2    . DG C 5  ? 2.07363 2.60124 2.11875 0.28494  -0.96677 -0.23322 108 DG C C2    
425 N N2    . DG C 5  ? 2.01395 2.56922 2.04849 0.22530  -0.93725 -0.19501 108 DG C N2    
426 N N3    . DG C 5  ? 2.05368 2.62658 2.11311 0.31739  -0.94750 -0.26944 108 DG C N3    
427 C C4    . DG C 5  ? 2.12066 2.66383 2.19063 0.37798  -0.98087 -0.30861 108 DG C C4    
428 P P     . DT C 6  ? 1.81883 2.59035 1.82676 0.46717  -0.79307 -0.44535 109 DT C P     
429 O OP1   . DT C 6  ? 1.81870 2.70487 1.84542 0.53043  -0.76548 -0.51979 109 DT C OP1   
430 O OP2   . DT C 6  ? 1.86942 2.53248 1.82183 0.48272  -0.81554 -0.43143 109 DT C OP2   
431 O "O5'" . DT C 6  ? 1.73794 2.49735 1.72947 0.37788  -0.75897 -0.37790 109 DT C "O5'" 
432 C "C5'" . DT C 6  ? 1.70202 2.45013 1.72516 0.30450  -0.76924 -0.31857 109 DT C "C5'" 
433 C "C4'" . DT C 6  ? 1.70373 2.37395 1.67683 0.26434  -0.77219 -0.27495 109 DT C "C4'" 
434 O "O4'" . DT C 6  ? 1.76507 2.37990 1.74069 0.27236  -0.81851 -0.26511 109 DT C "O4'" 
435 C "C3'" . DT C 6  ? 1.71192 2.32353 1.61747 0.28215  -0.75320 -0.27799 109 DT C "C3'" 
436 O "O3'" . DT C 6  ? 1.66796 2.25660 1.54271 0.22752  -0.72784 -0.23934 109 DT C "O3'" 
437 C "C2'" . DT C 6  ? 1.78798 2.31791 1.67241 0.31742  -0.79497 -0.28680 109 DT C "C2'" 
438 C "C1'" . DT C 6  ? 1.79896 2.32547 1.71885 0.28316  -0.82534 -0.25955 109 DT C "C1'" 
439 N N1    . DT C 6  ? 1.87918 2.34480 1.80478 0.32011  -0.87543 -0.27401 109 DT C N1    
440 C C2    . DT C 6  ? 1.90273 2.32701 1.83157 0.29004  -0.90196 -0.24367 109 DT C C2    
441 O O2    . DT C 6  ? 1.85716 2.30209 1.78502 0.23540  -0.88376 -0.20691 109 DT C O2    
442 N N3    . DT C 6  ? 1.98469 2.34230 1.91779 0.32750  -0.95089 -0.25993 109 DT C N3    
443 C C4    . DT C 6  ? 2.04222 2.37447 1.97909 0.39014  -0.97544 -0.30425 109 DT C C4    
444 O O4    . DT C 6  ? 2.11705 2.38347 2.05960 0.41662  -1.02191 -0.31511 109 DT C O4    
445 C C5    . DT C 6  ? 2.00992 2.39776 1.94333 0.42002  -0.94285 -0.33610 109 DT C C5    
446 C C7    . DT C 6  ? 2.06736 2.44172 2.00462 0.48973  -0.96401 -0.38849 109 DT C C7    
447 C C6    . DT C 6  ? 1.93192 2.38156 1.85875 0.38412  -0.89498 -0.31868 109 DT C C6    
448 P P     . DG C 7  ? 1.64013 2.28151 1.51548 0.19322  -0.67952 -0.23156 110 DG C P     
449 O OP1   . DG C 7  ? 1.59882 2.24415 1.49303 0.12598  -0.67556 -0.19174 110 DG C OP1   
450 O OP2   . DG C 7  ? 1.63283 2.35713 1.54636 0.23455  -0.66716 -0.27756 110 DG C OP2   
451 O "O5'" . DG C 7  ? 1.64474 2.23401 1.44751 0.20760  -0.65367 -0.23046 110 DG C "O5'" 
452 C "C5'" . DG C 7  ? 1.67204 2.27582 1.44425 0.27026  -0.63951 -0.27025 110 DG C "C5'" 
453 C "C4'" . DG C 7  ? 1.66734 2.23316 1.37022 0.27197  -0.60655 -0.26084 110 DG C "C4'" 
454 O "O4'" . DG C 7  ? 1.73604 2.29727 1.39475 0.35768  -0.60922 -0.30807 110 DG C "O4'" 
455 C "C3'" . DG C 7  ? 1.62751 2.26103 1.32097 0.26699  -0.56220 -0.27136 110 DG C "C3'" 
456 O "O3'" . DG C 7  ? 1.56395 2.15817 1.26631 0.17998  -0.55032 -0.21665 110 DG C "O3'" 
457 C "C2'" . DG C 7  ? 1.66984 2.28935 1.28481 0.32361  -0.53548 -0.29129 110 DG C "C2'" 
458 C "C1'" . DG C 7  ? 1.74046 2.35777 1.35280 0.39834  -0.56617 -0.33404 110 DG C "C1'" 
459 N N9    . DG C 7  ? 1.76285 2.50004 1.40338 0.46507  -0.55980 -0.39612 110 DG C N9    
460 C C8    . DG C 7  ? 1.76439 2.55444 1.47948 0.47524  -0.58992 -0.42462 110 DG C C8    
461 N N7    . DG C 7  ? 1.77978 2.69621 1.51415 0.53768  -0.57169 -0.48674 110 DG C N7    
462 C C5    . DG C 7  ? 1.80176 2.75162 1.45891 0.56985  -0.52308 -0.49412 110 DG C C5    
463 C C6    . DG C 7  ? 1.81888 2.90083 1.44442 0.63355  -0.47612 -0.54704 110 DG C C6    
464 O O6    . DG C 7  ? 1.82392 3.03447 1.49731 0.67361  -0.47076 -0.60814 110 DG C O6    
465 N N1    . DG C 7  ? 1.84379 2.89613 1.36613 0.64339  -0.42359 -0.52201 110 DG C N1    
466 C C2    . DG C 7  ? 1.83490 2.75778 1.31102 0.60091  -0.42593 -0.46125 110 DG C C2    
467 N N2    . DG C 7  ? 1.86902 2.77519 1.25233 0.61877  -0.36849 -0.44170 110 DG C N2    
468 N N3    . DG C 7  ? 1.80136 2.61585 1.31692 0.54020  -0.47284 -0.42093 110 DG C N3    
469 C C4    . DG C 7  ? 1.78795 2.62055 1.38652 0.52725  -0.51654 -0.43713 110 DG C C4    
470 P P     . DG C 8  ? 1.65134 2.33398 1.40572 0.15018  -0.52250 -0.22578 111 DG C P     
471 O OP1   . DG C 8  ? 1.59362 2.20764 1.36233 0.07311  -0.53344 -0.17307 111 DG C OP1   
472 O OP2   . DG C 8  ? 1.66410 2.46265 1.48589 0.19188  -0.52911 -0.27761 111 DG C OP2   
473 O "O5'" . DG C 8  ? 1.65672 2.39985 1.36010 0.18267  -0.46704 -0.25116 111 DG C "O5'" 
474 C "C5'" . DG C 8  ? 1.64420 2.29017 1.27385 0.16492  -0.45265 -0.21594 111 DG C "C5'" 
475 C "C4'" . DG C 8  ? 1.68048 2.39033 1.24325 0.23062  -0.40454 -0.24772 111 DG C "C4'" 
476 O "O4'" . DG C 8  ? 1.76869 2.51699 1.31652 0.31033  -0.41745 -0.29101 111 DG C "O4'" 
477 C "C3'" . DG C 8  ? 1.64355 2.50281 1.22417 0.23036  -0.34441 -0.27387 111 DG C "C3'" 
478 O "O3'" . DG C 8  ? 1.60013 2.41877 1.14750 0.18446  -0.30861 -0.23758 111 DG C "O3'" 
479 C "C2'" . DG C 8  ? 1.71209 2.64936 1.22877 0.31499  -0.30557 -0.31582 111 DG C "C2'" 
480 C "C1'" . DG C 8  ? 1.78460 2.66586 1.30599 0.36647  -0.36431 -0.33456 111 DG C "C1'" 
481 N N9    . DG C 8  ? 1.82413 2.81663 1.41711 0.39749  -0.38281 -0.38702 111 DG C N9    
482 C C8    . DG C 8  ? 1.81900 2.78938 1.49719 0.37164  -0.43794 -0.38691 111 DG C C8    
483 N N7    . DG C 8  ? 1.83196 2.91933 1.56919 0.41171  -0.44276 -0.44272 111 DG C N7    
484 C C5    . DG C 8  ? 1.85110 3.05151 1.53387 0.46381  -0.38505 -0.48546 111 DG C C5    
485 C C6    . DG C 8  ? 1.83883 3.17121 1.55672 0.50968  -0.34267 -0.54952 111 DG C C6    
486 O O6    . DG C 8  ? 1.83003 3.23809 1.64649 0.52395  -0.37050 -0.59254 111 DG C O6    
487 N N1    . DG C 8  ? 1.84566 3.16856 1.50233 0.52630  -0.22811 -0.54028 111 DG C N1    
488 C C2    . DG C 8  ? 1.87001 3.11217 1.41510 0.51753  -0.18927 -0.49342 111 DG C C2    
489 N N2    . DG C 8  ? 1.93295 3.17598 1.42868 0.53938  -0.07479 -0.48691 111 DG C N2    
490 N N3    . DG C 8  ? 1.83912 3.00575 1.32497 0.49004  -0.25723 -0.45579 111 DG C N3    
491 C C4    . DG C 8  ? 1.82950 2.96162 1.41229 0.45558  -0.34180 -0.44591 111 DG C C4    
492 P P     . DT C 9  ? 1.80650 2.75675 1.40836 0.13000  -0.25129 -0.24381 112 DT C P     
493 O OP1   . DT C 9  ? 1.78253 2.67634 1.31436 0.11312  -0.20475 -0.21024 112 DT C OP1   
494 O OP2   . DT C 9  ? 1.74686 2.70018 1.45527 0.07248  -0.28862 -0.23725 112 DT C OP2   
495 O "O5'" . DT C 9  ? 1.82870 2.95635 1.42885 0.17316  -0.19188 -0.30211 112 DT C "O5'" 
496 C "C5'" . DT C 9  ? 1.79305 2.99118 1.41029 0.14028  -0.07985 -0.30281 112 DT C "C5'" 
497 C "C4'" . DT C 9  ? 1.89263 3.04966 1.42526 0.20286  0.01207  -0.29852 112 DT C "C4'" 
498 O "O4'" . DT C 9  ? 1.95548 3.10968 1.45657 0.27984  -0.03118 -0.33157 112 DT C "O4'" 
499 C "C3'" . DT C 9  ? 1.91025 3.13177 1.51879 0.17805  0.14825  -0.30484 112 DT C "C3'" 
500 O "O3'" . DT C 9  ? 1.97912 3.12789 1.49515 0.18685  0.23518  -0.26388 112 DT C "O3'" 
501 C "C2'" . DT C 9  ? 1.95722 3.23598 1.60255 0.23446  0.17082  -0.35073 112 DT C "C2'" 
502 C "C1'" . DT C 9  ? 1.97781 3.21140 1.55415 0.29715  0.04968  -0.36594 112 DT C "C1'" 
503 N N1    . DT C 9  ? 1.95220 3.26335 1.63391 0.30155  -0.02680 -0.41274 112 DT C N1    
504 C C2    . DT C 9  ? 1.97396 3.35756 1.71700 0.33916  0.01705  -0.45861 112 DT C C2    
505 O O2    . DT C 9  ? 2.02389 3.41519 1.74213 0.36537  0.12004  -0.46292 112 DT C O2    
506 N N3    . DT C 9  ? 1.95112 3.39921 1.78574 0.34551  -0.06425 -0.49934 112 DT C N3    
507 C C4    . DT C 9  ? 1.91888 3.36219 1.78438 0.31878  -0.18062 -0.49386 112 DT C C4    
508 O O4    . DT C 9  ? 1.91259 3.41345 1.85797 0.33053  -0.24749 -0.52887 112 DT C O4    
509 C C5    . DT C 9  ? 1.90270 3.26908 1.69880 0.27692  -0.21771 -0.44377 112 DT C C5    
510 C C7    . DT C 9  ? 1.90071 3.20710 1.73651 0.23653  -0.31586 -0.41561 112 DT C C7    
511 C C6    . DT C 9  ? 1.91452 3.22116 1.62523 0.27078  -0.14114 -0.40864 112 DT C C6    
512 P P     . DG C 10 ? 2.13164 3.26540 1.73435 0.11029  0.33470  -0.23218 113 DG C P     
513 O OP1   . DG C 10 ? 2.24745 3.27794 1.80287 0.14014  0.43271  -0.20166 113 DG C OP1   
514 O OP2   . DG C 10 ? 2.06809 3.16887 1.65475 0.05879  0.28360  -0.20352 113 DG C OP2   
515 O "O5'" . DG C 10 ? 2.05520 3.33060 1.82819 0.06258  0.35730  -0.28117 113 DG C "O5'" 
516 C "C5'" . DG C 10 ? 2.07880 3.33114 1.95136 0.02028  0.45426  -0.27109 113 DG C "C5'" 
517 C "C4'" . DG C 10 ? 2.16587 3.40847 2.03920 0.06891  0.52154  -0.28696 113 DG C "C4'" 
518 O "O4'" . DG C 10 ? 2.16571 3.47578 1.99091 0.13522  0.45467  -0.32853 113 DG C "O4'" 
519 C "C3'" . DG C 10 ? 2.14257 3.43793 2.16193 0.03098  0.57763  -0.31277 113 DG C "C3'" 
520 O "O3'" . DG C 10 ? 2.23148 3.41659 2.24659 0.02524  0.68219  -0.26695 113 DG C "O3'" 
521 C "C2'" . DG C 10 ? 2.15516 3.53618 2.19302 0.08289  0.56179  -0.36700 113 DG C "C2'" 
522 C "C1'" . DG C 10 ? 2.14104 3.55111 2.07561 0.13987  0.46624  -0.38196 113 DG C "C1'" 
523 N N9    . DG C 10 ? 2.02780 3.56786 2.02916 0.13279  0.36967  -0.43189 113 DG C N9    
524 C C8    . DG C 10 ? 1.96148 3.48697 1.95091 0.09748  0.27947  -0.41232 113 DG C C8    
525 N N7    . DG C 10 ? 1.90176 3.48238 1.95796 0.09500  0.17888  -0.44251 113 DG C N7    
526 C C5    . DG C 10 ? 1.91816 3.57230 2.03717 0.13500  0.20744  -0.49299 113 DG C C5    
527 C C6    . DG C 10 ? 1.87836 3.61240 2.08364 0.15438  0.13250  -0.54185 113 DG C C6    
528 O O6    . DG C 10 ? 1.82575 3.57794 2.06612 0.13950  0.02400  -0.54551 113 DG C O6    
529 N N1    . DG C 10 ? 1.92078 3.71757 2.17184 0.19615  0.19567  -0.58923 113 DG C N1    
530 C C2    . DG C 10 ? 1.98180 3.76518 2.19663 0.21403  0.31925  -0.58673 113 DG C C2    
531 N N2    . DG C 10 ? 2.03819 3.85249 2.30105 0.24472  0.35261  -0.62478 113 DG C N2    
532 N N3    . DG C 10 ? 2.03673 3.70554 2.16347 0.19148  0.37992  -0.52438 113 DG C N3    
533 C C4    . DG C 10 ? 1.98741 3.63014 2.07416 0.15851  0.32862  -0.49194 113 DG C C4    
534 P P     . DC C 11 ? 2.26041 3.46950 2.41009 -0.00729 0.74669  -0.27163 114 DC C P     
535 O OP1   . DC C 11 ? 2.33734 3.43767 2.46189 -0.00341 0.82992  -0.20254 114 DC C OP1   
536 O OP2   . DC C 11 ? 2.13451 3.44196 2.39819 -0.06257 0.67704  -0.31237 114 DC C OP2   
537 O "O5'" . DC C 11 ? 2.31802 3.57427 2.47487 0.03971  0.77962  -0.30981 114 DC C "O5'" 
538 C "C5'" . DC C 11 ? 2.29643 3.62341 2.57429 0.02010  0.80352  -0.34182 114 DC C "C5'" 
539 C "C4'" . DC C 11 ? 2.27430 3.71220 2.58449 0.04783  0.75091  -0.41343 114 DC C "C4'" 
540 O "O4'" . DC C 11 ? 2.17157 3.68082 2.46965 0.04654  0.64376  -0.44402 114 DC C "O4'" 
541 C "C3'" . DC C 11 ? 2.25365 3.77927 2.69826 0.02084  0.75485  -0.45968 114 DC C "C3'" 
542 O "O3'" . DC C 11 ? 2.32379 3.88852 2.76850 0.06808  0.77944  -0.49633 114 DC C "O3'" 
543 C "C2'" . DC C 11 ? 2.12852 3.75439 2.63607 -0.00842 0.64899  -0.50632 114 DC C "C2'" 
544 C "C1'" . DC C 11 ? 2.10775 3.74092 2.51185 0.03787  0.58774  -0.50767 114 DC C "C1'" 
545 N N1    . DC C 11 ? 1.98894 3.69403 2.41218 0.01549  0.48542  -0.52515 114 DC C N1    
546 C C2    . DC C 11 ? 1.92505 3.75567 2.42470 0.02849  0.40627  -0.58650 114 DC C C2    
547 O O2    . DC C 11 ? 1.96758 3.84439 2.51714 0.05659  0.42198  -0.62849 114 DC C O2    
548 N N3    . DC C 11 ? 1.82377 3.71822 2.34108 0.01166  0.31347  -0.59513 114 DC C N3    
549 C C4    . DC C 11 ? 1.78312 3.62544 2.24396 -0.02194 0.30005  -0.54872 114 DC C C4    
550 N N4    . DC C 11 ? 1.68664 3.59233 2.17014 -0.04144 0.20490  -0.55266 114 DC C N4    
551 C C5    . DC C 11 ? 1.84619 3.56012 2.22711 -0.03600 0.37857  -0.49116 114 DC C C5    
552 C C6    . DC C 11 ? 1.94902 3.59636 2.31517 -0.01409 0.46848  -0.47976 114 DC C C6    
553 O "O5'" . DG D 1  ? 2.42739 2.22933 2.43663 -0.78517 0.05190  -0.97685 106 DG A "O5'" 
554 C "C5'" . DG D 1  ? 2.41525 2.32114 2.46419 -0.84399 0.03449  -0.96608 106 DG A "C5'" 
555 C "C4'" . DG D 1  ? 2.51287 2.37064 2.58475 -0.92010 0.06258  -0.96741 106 DG A "C4'" 
556 O "O4'" . DG D 1  ? 2.69672 2.37441 2.71356 -0.95969 0.08180  -0.99019 106 DG A "O4'" 
557 C "C3'" . DG D 1  ? 2.46467 2.30966 2.56308 -0.89742 0.09492  -0.95828 106 DG A "C3'" 
558 O "O3'" . DG D 1  ? 2.34745 2.36304 2.50218 -0.88932 0.07954  -0.93514 106 DG A "O3'" 
559 C "C2'" . DG D 1  ? 2.67333 2.38256 2.76176 -0.97368 0.13076  -0.96272 106 DG A "C2'" 
560 C "C1'" . DG D 1  ? 2.78021 2.35598 2.79873 -0.99160 0.12376  -0.98701 106 DG A "C1'" 
561 N N9    . DG D 1  ? 2.87002 2.26945 2.82376 -0.94211 0.15627  -1.00703 106 DG A N9    
562 C C8    . DG D 1  ? 2.85209 2.21701 2.76135 -0.87145 0.14749  -1.02408 106 DG A C8    
563 N N7    . DG D 1  ? 2.95641 2.16027 2.80867 -0.83481 0.18623  -1.03906 106 DG A N7    
564 C C5    . DG D 1  ? 3.08911 2.19977 2.94386 -0.88199 0.22457  -1.02942 106 DG A C5    
565 C C6    . DG D 1  ? 3.27178 2.18694 3.06878 -0.86242 0.28021  -1.03268 106 DG A C6    
566 O O6    . DG D 1  ? 3.34031 2.13191 3.07101 -0.79374 0.30777  -1.04802 106 DG A O6    
567 N N1    . DG D 1  ? 3.37987 2.24708 3.19794 -0.92690 0.30706  -1.01025 106 DG A N1    
568 C C2    . DG D 1  ? 3.31756 2.32594 3.20974 -1.00446 0.28207  -0.98893 106 DG A C2    
569 N N2    . DG D 1  ? 3.45015 2.39484 3.35629 -1.06360 0.31447  -0.96218 106 DG A N2    
570 N N3    . DG D 1  ? 3.14968 2.35061 3.09563 -1.01857 0.23101  -0.98824 106 DG A N3    
571 C C4    . DG D 1  ? 3.04405 2.27720 2.96451 -0.95296 0.20541  -1.00869 106 DG A C4    
572 P P     . DC D 2  ? 2.36682 2.48857 2.57977 -0.97396 0.08044  -0.91566 107 DC A P     
573 O OP1   . DC D 2  ? 2.48626 2.58872 2.68775 -1.04960 0.06738  -0.91960 107 DC A OP1   
574 O OP2   . DC D 2  ? 2.21019 2.51378 2.45875 -0.93140 0.05722  -0.89681 107 DC A OP2   
575 O "O5'" . DC D 2  ? 2.43358 2.45587 2.66768 -1.00843 0.12788  -0.90871 107 DC A "O5'" 
576 C "C5'" . DC D 2  ? 2.57200 2.53688 2.82000 -1.10607 0.14917  -0.89418 107 DC A "C5'" 
577 C "C4'" . DC D 2  ? 2.69702 2.52408 2.94820 -1.11503 0.20256  -0.88438 107 DC A "C4'" 
578 O "O4'" . DC D 2  ? 2.79667 2.41064 2.96915 -1.07370 0.22779  -0.91261 107 DC A "O4'" 
579 C "C3'" . DC D 2  ? 2.68529 2.59896 2.97975 -1.03477 0.21265  -0.85442 107 DC A "C3'" 
580 O "O3'" . DC D 2  ? 2.85789 2.74436 3.18094 -1.03687 0.24888  -0.78605 107 DC A "O3'" 
581 C "C2'" . DC D 2  ? 2.69080 2.47420 2.92850 -0.94508 0.22513  -0.88168 107 DC A "C2'" 
582 C "C1'" . DC D 2  ? 2.85777 2.42137 3.03649 -1.00372 0.26052  -0.91376 107 DC A "C1'" 
583 N N1    . DC D 2  ? 2.85302 2.28892 2.95970 -0.92610 0.26829  -0.94321 107 DC A N1    
584 C C2    . DC D 2  ? 3.05722 2.28250 3.10886 -0.90175 0.32290  -0.94693 107 DC A C2    
585 O O2    . DC D 2  ? 3.22775 2.38056 3.28473 -0.92220 0.35633  -0.90038 107 DC A O2    
586 N N3    . DC D 2  ? 3.05106 2.18402 3.03977 -0.82643 0.33125  -0.96994 107 DC A N3    
587 C C4    . DC D 2  ? 2.84724 2.09045 2.83329 -0.78493 0.28637  -0.98521 107 DC A C4    
588 N N4    . DC D 2  ? 2.84982 2.01217 2.77884 -0.71515 0.29723  -1.00253 107 DC A N4    
589 C C5    . DC D 2  ? 2.65580 2.09536 2.69296 -0.80816 0.23145  -0.97730 107 DC A C5    
590 C C6    . DC D 2  ? 2.64702 2.17592 2.74013 -0.87369 0.22528  -0.95831 107 DC A C6    
591 P P     . DA D 3  ? 2.43549 2.51775 2.82439 -0.98851 0.24117  -0.71069 108 DA A P     
592 O OP1   . DA D 3  ? 2.33852 2.58622 2.77772 -1.08202 0.21738  -0.70318 108 DA A OP1   
593 O OP2   . DA D 3  ? 2.33256 2.47857 2.70542 -0.87130 0.21877  -0.70874 108 DA A OP2   
594 O "O5'" . DA D 3  ? 2.64733 2.61755 3.04273 -0.97148 0.29323  -0.64581 108 DA A "O5'" 
595 C "C5'" . DA D 3  ? 2.80980 2.56524 3.16058 -1.02904 0.33115  -0.66173 108 DA A "C5'" 
596 C "C4'" . DA D 3  ? 2.95446 2.55444 3.26393 -0.92839 0.37005  -0.64139 108 DA A "C4'" 
597 O "O4'" . DA D 3  ? 2.91979 2.41467 3.16839 -0.88696 0.36408  -0.70395 108 DA A "O4'" 
598 C "C3'" . DA D 3  ? 2.93992 2.65371 3.28376 -0.81460 0.36782  -0.58217 108 DA A "C3'" 
599 O "O3'" . DA D 3  ? 3.11551 2.71654 3.45152 -0.77357 0.41576  -0.52689 108 DA A "O3'" 
600 C "C2'" . DA D 3  ? 2.84299 2.55405 3.15038 -0.73231 0.34339  -0.62357 108 DA A "C2'" 
601 C "C1'" . DA D 3  ? 2.91534 2.43068 3.16112 -0.76515 0.36706  -0.67827 108 DA A "C1'" 
602 N N9    . DA D 3  ? 2.77556 2.29085 2.98559 -0.72647 0.34061  -0.73566 108 DA A N9    
603 C C8    . DA D 3  ? 2.55863 2.21846 2.78348 -0.73323 0.29009  -0.77087 108 DA A C8    
604 N N7    . DA D 3  ? 2.45293 2.07781 2.63702 -0.69411 0.27671  -0.81654 108 DA A N7    
605 C C5    . DA D 3  ? 2.62061 2.07559 2.76189 -0.65258 0.32270  -0.80844 108 DA A C5    
606 C C6    . DA D 3  ? 2.62030 1.97853 2.70802 -0.59377 0.33678  -0.83599 108 DA A C6    
607 N N6    . DA D 3  ? 2.43535 1.85708 2.50753 -0.57432 0.30253  -0.87969 108 DA A N6    
608 N N1    . DA D 3  ? 2.81346 2.01159 2.86071 -0.55202 0.38908  -0.81342 108 DA A N1    
609 C C2    . DA D 3  ? 2.98647 2.11479 3.04405 -0.57360 0.42348  -0.76872 108 DA A C2    
610 N N3    . DA D 3  ? 3.00600 2.21388 3.11629 -0.63452 0.41390  -0.73863 108 DA A N3    
611 C C4    . DA D 3  ? 2.81940 2.19758 2.97178 -0.67005 0.36266  -0.76007 108 DA A C4    
612 P P     . DC D 4  ? 2.84869 2.56247 3.22613 -0.68770 0.42179  -0.44671 109 DC A P     
613 O OP1   . DC D 4  ? 3.02321 2.58780 3.38409 -0.66284 0.47595  -0.39985 109 DC A OP1   
614 O OP2   . DC D 4  ? 2.70826 2.62144 3.14296 -0.73067 0.39424  -0.42108 109 DC A OP2   
615 O "O5'" . DC D 4  ? 2.75559 2.51659 3.10807 -0.57685 0.39173  -0.45976 109 DC A "O5'" 
616 C "C5'" . DC D 4  ? 2.85091 2.51619 3.17355 -0.48361 0.41663  -0.43178 109 DC A "C5'" 
617 C "C4'" . DC D 4  ? 2.93223 2.42649 3.20298 -0.48403 0.44040  -0.47897 109 DC A "C4'" 
618 O "O4'" . DC D 4  ? 2.79913 2.32593 3.05387 -0.52380 0.40379  -0.54977 109 DC A "O4'" 
619 C "C3'" . DC D 4  ? 2.95365 2.39363 3.19264 -0.37631 0.45323  -0.45859 109 DC A "C3'" 
620 O "O3'" . DC D 4  ? 3.10767 2.42371 3.33507 -0.34641 0.50750  -0.41059 109 DC A "O3'" 
621 C "C2'" . DC D 4  ? 2.90189 2.26522 3.09456 -0.37869 0.44817  -0.52461 109 DC A "C2'" 
622 C "C1'" . DC D 4  ? 2.79863 2.21508 3.00204 -0.47746 0.41578  -0.58312 109 DC A "C1'" 
623 N N1    . DC D 4  ? 2.57526 2.09711 2.77194 -0.46498 0.36427  -0.63032 109 DC A N1    
624 C C2    . DC D 4  ? 2.51094 1.97588 2.66452 -0.41583 0.36466  -0.66208 109 DC A C2    
625 O O2    . DC D 4  ? 2.64242 1.97449 2.76194 -0.37422 0.40886  -0.65009 109 DC A O2    
626 N N3    . DC D 4  ? 2.29882 1.86120 2.44550 -0.41171 0.31735  -0.70188 109 DC A N3    
627 C C4    . DC D 4  ? 2.14444 1.84243 2.31723 -0.44942 0.27232  -0.71295 109 DC A C4    
628 N N4    . DC D 4  ? 1.92584 1.70459 2.08096 -0.44295 0.22726  -0.75210 109 DC A N4    
629 C C5    . DC D 4  ? 2.20572 1.96747 2.42005 -0.49182 0.27288  -0.68075 109 DC A C5    
630 C C6    . DC D 4  ? 2.42472 2.10083 2.65335 -0.50064 0.31876  -0.63942 109 DC A C6    
631 P P     . DC D 5  ? 2.99280 2.33795 3.22638 -0.23901 0.51914  -0.33938 110 DC A P     
632 O OP1   . DC D 5  ? 3.14151 2.31912 3.34475 -0.21103 0.58101  -0.30953 110 DC A OP1   
633 O OP2   . DC D 5  ? 2.91504 2.40882 3.19200 -0.23730 0.49170  -0.29678 110 DC A OP2   
634 O "O5'" . DC D 5  ? 2.83503 2.22709 3.04233 -0.16779 0.48654  -0.36032 110 DC A "O5'" 
635 C "C5'" . DC D 5  ? 2.82992 2.16066 3.00968 -0.07893 0.51241  -0.32816 110 DC A "C5'" 
636 C "C4'" . DC D 5  ? 2.79585 2.08578 2.93819 -0.06180 0.50966  -0.37664 110 DC A "C4'" 
637 O "O4'" . DC D 5  ? 2.71147 2.05934 2.85750 -0.13125 0.46874  -0.44131 110 DC A "O4'" 
638 C "C3'" . DC D 5  ? 2.63838 2.00825 2.77036 0.02316  0.48581  -0.35016 110 DC A "C3'" 
639 O "O3'" . DC D 5  ? 2.70317 1.98837 2.79749 0.06917  0.51989  -0.36200 110 DC A "O3'" 
640 C "C2'" . DC D 5  ? 2.46750 1.96598 2.60534 -0.01070 0.41995  -0.38988 110 DC A "C2'" 
641 C "C1'" . DC D 5  ? 2.53265 1.97022 2.66626 -0.09174 0.42774  -0.45744 110 DC A "C1'" 
642 N N1    . DC D 5  ? 2.39456 1.94265 2.54192 -0.14924 0.37250  -0.49865 110 DC A N1    
643 C C2    . DC D 5  ? 2.24433 1.85035 2.37060 -0.14483 0.33432  -0.53963 110 DC A C2    
644 O O2    . DC D 5  ? 2.24487 1.81849 2.34713 -0.09456 0.34849  -0.53752 110 DC A O2    
645 N N3    . DC D 5  ? 2.09263 1.79421 2.22314 -0.19257 0.28429  -0.57725 110 DC A N3    
646 C C4    . DC D 5  ? 2.08424 1.83498 2.24100 -0.23852 0.27268  -0.57271 110 DC A C4    
647 N N4    . DC D 5  ? 1.91751 1.76681 2.07167 -0.27579 0.22466  -0.60810 110 DC A N4    
648 C C5    . DC D 5  ? 2.25339 1.96150 2.43823 -0.24522 0.31092  -0.52778 110 DC A C5    
649 C C6    . DC D 5  ? 2.40379 2.00576 2.58186 -0.20208 0.35937  -0.49301 110 DC A C6    
650 P P     . DT D 6  ? 2.78917 2.10360 2.87125 0.17471  0.53328  -0.30346 111 DT A P     
651 O OP1   . DT D 6  ? 2.95609 2.11692 3.00640 0.21977  0.60530  -0.27956 111 DT A OP1   
652 O OP2   . DT D 6  ? 2.64394 2.08516 2.75154 0.19912  0.48935  -0.25304 111 DT A OP2   
653 O "O5'" . DT D 6  ? 2.69682 2.06933 2.75811 0.19123  0.50919  -0.34035 111 DT A "O5'" 
654 C "C5'" . DT D 6  ? 2.57696 2.04009 2.64632 0.13103  0.45214  -0.39261 111 DT A "C5'" 
655 C "C4'" . DT D 6  ? 2.42196 2.02969 2.49218 0.16673  0.40035  -0.36842 111 DT A "C4'" 
656 O "O4'" . DT D 6  ? 2.31136 2.00412 2.38251 0.10552  0.33987  -0.41436 111 DT A "O4'" 
657 C "C3'" . DT D 6  ? 2.36834 2.04372 2.44942 0.20861  0.38040  -0.29762 111 DT A "C3'" 
658 O "O3'" . DT D 6  ? 2.29263 2.05925 2.36205 0.26190  0.35869  -0.26009 111 DT A "O3'" 
659 C "C2'" . DT D 6  ? 2.27905 2.02822 2.36353 0.15355  0.32080  -0.31412 111 DT A "C2'" 
660 C "C1'" . DT D 6  ? 2.20855 2.00031 2.27998 0.11041  0.28741  -0.37667 111 DT A "C1'" 
661 N N1    . DT D 6  ? 2.13724 1.96600 2.20839 0.04475  0.24593  -0.41915 111 DT A N1    
662 C C2    . DT D 6  ? 2.01022 1.90911 2.05918 0.01490  0.19645  -0.46069 111 DT A C2    
663 O O2    . DT D 6  ? 1.97364 1.90876 2.00705 0.03563  0.18533  -0.46264 111 DT A O2    
664 N N3    . DT D 6  ? 1.92172 1.85396 1.96648 -0.03859 0.16182  -0.49701 111 DT A N3    
665 C C4    . DT D 6  ? 1.96481 1.88349 2.02997 -0.06414 0.17155  -0.49202 111 DT A C4    
666 O O4    . DT D 6  ? 1.86353 1.83303 1.92144 -0.10553 0.13786  -0.52301 111 DT A O4    
667 C C5    . DT D 6  ? 2.12386 1.97414 2.21626 -0.03581 0.22350  -0.44525 111 DT A C5    
668 C C7    . DT D 6  ? 2.19745 2.04365 2.31646 -0.06296 0.23778  -0.42980 111 DT A C7    
669 C C6    . DT D 6  ? 2.19298 1.99495 2.28425 0.01667  0.25756  -0.41333 111 DT A C6    
670 P P     . DG D 7  ? 2.25551 2.04109 2.32700 0.33789  0.37678  -0.17814 112 DG A P     
671 O OP1   . DG D 7  ? 2.28705 2.04224 2.35160 0.40321  0.43001  -0.16105 112 DG A OP1   
672 O OP2   . DG D 7  ? 2.28967 2.01115 2.37328 0.33305  0.39527  -0.15405 112 DG A OP2   
673 O "O5'" . DG D 7  ? 2.13867 2.06837 2.19337 0.33631  0.30027  -0.14707 112 DG A "O5'" 
674 C "C5'" . DG D 7  ? 2.06610 2.08885 2.11414 0.38236  0.28974  -0.10534 112 DG A "C5'" 
675 C "C4'" . DG D 7  ? 1.97856 2.10213 2.00807 0.33745  0.22858  -0.13512 112 DG A "C4'" 
676 O "O4'" . DG D 7  ? 1.99538 2.07498 2.01962 0.26993  0.21036  -0.20675 112 DG A "O4'" 
677 C "C3'" . DG D 7  ? 1.83573 2.06518 1.83056 0.32280  0.15184  -0.09124 112 DG A "C3'" 
678 O "O3'" . DG D 7  ? 1.76686 2.10821 1.74956 0.30906  0.11455  -0.08848 112 DG A "O3'" 
679 C "C2'" . DG D 7  ? 1.80747 2.00094 1.77262 0.26358  0.10742  -0.13213 112 DG A "C2'" 
680 C "C1'" . DG D 7  ? 1.89359 2.03678 1.88146 0.22633  0.13479  -0.20834 112 DG A "C1'" 
681 N N9    . DG D 7  ? 1.91635 1.99616 1.90337 0.18513  0.13195  -0.24845 112 DG A N9    
682 C C8    . DG D 7  ? 1.98518 1.98561 1.99667 0.19621  0.17475  -0.23809 112 DG A C8    
683 N N7    . DG D 7  ? 1.95194 1.93470 1.96041 0.15056  0.15924  -0.27464 112 DG A N7    
684 C C5    . DG D 7  ? 1.84205 1.88578 1.81741 0.11102  0.10385  -0.31458 112 DG A C5    
685 C C6    . DG D 7  ? 1.74206 1.80340 1.69561 0.06043  0.06642  -0.36222 112 DG A C6    
686 O O6    . DG D 7  ? 1.74387 1.78347 1.70926 0.03921  0.07508  -0.37673 112 DG A O6    
687 N N1    . DG D 7  ? 1.61717 1.73670 1.53031 0.03519  0.01478  -0.39026 112 DG A N1    
688 C C2    . DG D 7  ? 1.61251 1.77868 1.51348 0.05080  0.00014  -0.37154 112 DG A C2    
689 N N2    . DG D 7  ? 1.45675 1.67738 1.31565 0.01598  -0.05202 -0.40106 112 DG A N2    
690 N N3    . DG D 7  ? 1.72332 1.89084 1.65012 0.09824  0.03445  -0.32358 112 DG A N3    
691 C C4    . DG D 7  ? 1.82336 1.92350 1.78426 0.12862  0.08570  -0.29909 112 DG A C4    
692 P P     . DT D 8  ? 1.95206 2.42411 1.90060 0.30953  0.04920  -0.01808 113 DT A P     
693 O OP1   . DT D 8  ? 1.93712 2.51149 1.91577 0.34943  0.07450  0.01435  113 DT A OP1   
694 O OP2   . DT D 8  ? 1.92616 2.36763 1.85193 0.33039  0.03512  0.03282  113 DT A OP2   
695 O "O5'" . DT D 8  ? 1.85301 2.35806 1.74454 0.22996  -0.03183 -0.05718 113 DT A "O5'" 
696 C "C5'" . DT D 8  ? 1.83199 2.26261 1.67560 0.19504  -0.06824 -0.08249 113 DT A "C5'" 
697 C "C4'" . DT D 8  ? 1.67757 2.13585 1.45747 0.12861  -0.13911 -0.12063 113 DT A "C4'" 
698 O "O4'" . DT D 8  ? 1.70782 2.08655 1.48812 0.10245  -0.12789 -0.18968 113 DT A "O4'" 
699 C "C3'" . DT D 8  ? 1.52286 1.98852 1.20485 0.10378  -0.21855 -0.08146 113 DT A "C3'" 
700 O "O3'" . DT D 8  ? 1.37759 1.89556 0.99566 0.04548  -0.28534 -0.09651 113 DT A "O3'" 
701 C "C2'" . DT D 8  ? 1.53895 1.90011 1.18965 0.10687  -0.21619 -0.10975 113 DT A "C2'" 
702 C "C1'" . DT D 8  ? 1.60162 1.93518 1.30680 0.08725  -0.17622 -0.18517 113 DT A "C1'" 
703 N N1    . DT D 8  ? 1.74388 1.99680 1.48611 0.10710  -0.12750 -0.20591 113 DT A N1    
704 C C2    . DT D 8  ? 1.66451 1.88470 1.38373 0.07525  -0.14151 -0.25898 113 DT A C2    
705 O O2    . DT D 8  ? 1.48375 1.72579 1.14930 0.03579  -0.19011 -0.29415 113 DT A O2    
706 N N3    . DT D 8  ? 1.79073 1.95777 1.55132 0.09094  -0.09586 -0.26633 113 DT A N3    
707 C C4    . DT D 8  ? 1.91698 2.04718 1.73260 0.13224  -0.03901 -0.22858 113 DT A C4    
708 O O4    . DT D 8  ? 1.95918 2.04675 1.80782 0.13612  -0.00228 -0.23521 113 DT A O4    
709 C C5    . DT D 8  ? 1.94774 2.10099 1.77823 0.16984  -0.02582 -0.17685 113 DT A C5    
710 C C7    . DT D 8  ? 2.03117 2.14132 1.91225 0.22169  0.03611  -0.13206 113 DT A C7    
711 C C6    . DT D 8  ? 1.88520 2.10543 1.68130 0.15647  -0.07039 -0.16683 113 DT A C6    
712 P P     . DA D 9  ? 1.86517 2.43340 1.38304 0.01260  -0.37007 -0.03410 114 DA A P     
713 O OP1   . DA D 9  ? 1.85192 2.55514 1.42037 0.01269  -0.36546 0.01108  114 DA A OP1   
714 O OP2   . DA D 9  ? 1.89807 2.39401 1.36468 0.04325  -0.38167 0.00622  114 DA A OP2   
715 O "O5'" . DA D 9  ? 1.69351 2.22772 1.10519 -0.05478 -0.44135 -0.08049 114 DA A "O5'" 
716 C "C5'" . DA D 9  ? 1.68035 2.14890 1.10082 -0.06174 -0.42032 -0.15638 114 DA A "C5'" 
717 C "C4'" . DA D 9  ? 1.63761 1.95594 0.95127 -0.07913 -0.46315 -0.16068 114 DA A "C4'" 
718 O "O4'" . DA D 9  ? 1.67304 1.97220 0.98290 -0.04479 -0.43958 -0.20118 114 DA A "O4'" 
719 C "C3'" . DA D 9  ? 1.69666 1.92930 0.94438 -0.05144 -0.49941 -0.10771 114 DA A "C3'" 
720 O "O3'" . DA D 9  ? 1.67454 1.89445 0.94300 -0.02892 -0.48792 -0.13432 114 DA A "O3'" 
721 C "C2'" . DA D 9  ? 1.71650 1.90354 0.92225 -0.05829 -0.48418 -0.07543 114 DA A "C2'" 
722 C "C1'" . DA D 9  ? 1.69715 1.91305 0.93479 -0.02674 -0.45503 -0.15100 114 DA A "C1'" 
723 N N9    . DA D 9  ? 1.82182 2.03225 1.13122 0.03891  -0.39966 -0.14300 114 DA A N9    
724 C C8    . DA D 9  ? 1.92601 2.16709 1.30153 0.07377  -0.36449 -0.08977 114 DA A C8    
725 N N7    . DA D 9  ? 2.07100 2.27579 1.51508 0.12021  -0.30273 -0.08451 114 DA A N7    
726 C C5    . DA D 9  ? 2.04864 2.20792 1.47600 0.11225  -0.29809 -0.13513 114 DA A C5    
727 C C6    . DA D 9  ? 2.15516 2.27606 1.63289 0.13983  -0.24680 -0.15026 114 DA A C6    
728 N N6    . DA D 9  ? 2.31335 2.41877 1.86600 0.18114  -0.18780 -0.11681 114 DA A N6    
729 N N1    . DA D 9  ? 2.07699 2.18250 1.52359 0.12202  -0.25864 -0.19763 114 DA A N1    
730 C C2    . DA D 9  ? 1.90356 2.01654 1.26729 0.08410  -0.31656 -0.23075 114 DA A C2    
731 N N3    . DA D 9  ? 1.81806 1.95219 1.12269 0.05276  -0.36841 -0.22270 114 DA A N3    
732 C C4    . DA D 9  ? 1.88173 2.04454 1.22570 0.06657  -0.35666 -0.17235 114 DA A C4    
# 
